data_5XVB
#
_entry.id   5XVB
#
_cell.length_a   65.730
_cell.length_b   121.610
_cell.length_c   98.880
_cell.angle_alpha   90.00
_cell.angle_beta   102.65
_cell.angle_gamma   90.00
#
_symmetry.space_group_name_H-M   'P 1 21 1'
#
loop_
_entity.id
_entity.type
_entity.pdbx_description
1 polymer '[NiFe]-hydrogenase 2 large subunit'
2 polymer '[NiFe]-hydrogenase 2 small subunit'
3 non-polymer 'MAGNESIUM ION'
4 non-polymer formyl[bis(hydrocyanato-1kappaC)]ironnickel(Fe-Ni)
5 non-polymer GLYCEROL
6 non-polymer 'IRON/SULFUR CLUSTER'
7 non-polymer 'FE3-S4 CLUSTER'
8 water water
#
loop_
_entity_poly.entity_id
_entity_poly.type
_entity_poly.pdbx_seq_one_letter_code
_entity_poly.pdbx_strand_id
1 'polypeptide(L)'
;MSQRITIDPVTRIEGHLRIDCEIENGVVSKAWASGTMWRGMEEIVKNRDPRDAWMIVQRICGVCTTTHAISSVRAAESAL
NIDVPVNAQYIRNIILAAHTTHDHIVHFYQLSALDWVDITSALKADPAKASAMLNGVSTWHLNSAEEFTKVQNKIKDLVA
SGQLGIFANGCWGHPAMQLPPEVNLIAVAHYLQALECQRDANRVVALLGGKTPHIQNLAVGGVANPINLDGLGVLNLERL
MYIKSFIDKLSDFVEQVYKVDTAVIAAFYPEWLERGQGAVNYLSAPEFPTDGKNGSFLFPGGYITDADLSTYRPITSHSD
EYLIKGIQESAKHAWYKDEAPQAPWEGTTVPDYTGWSDDGKYSWVKAPTFYGKTVEVGPLANMLCKLAAKRESTHAKLNE
IVAIYTKLTGKTIEVAQLHSTLGRIIGRTVHCCELQNVLQDQYNALIVNIGKGDHTTFVKPDIPATGEFKGVGFLEAPRG
MLSHWMVIKDGIISNYQAVVPSTWNSGPRNFNDEVGPYERSLVGTPIADPNKPLEVVRTIHSFDPCMSCAVHVVDVDGNE
VVSVKVL
;
L,M
2 'polypeptide(L)'
;EMAESVSRPQRPPVIWIGAQECTGCTESLLRATHPTVENLVLETISLEYHEVLSAAFGHQVEENKHNALEKYKGQYVLVV
DGSIPLKDNGIYCMVAGEPIVDHIRRAAEGAAAIIAIGSCAAWGGVAAAGVNPTGAVGLQEVLPGKTIINIPGCPPNPHN
FLATVAHIITYGKPPKLDAKNRPTFAYGRLIHEHCERRPHFDAGRFAKEFGDEGHREGWCLYHLGCKGPETYGNCSTLQF
CDVGGVWPVAIGHPCYGCNEEGIGFHKGIHQLAHVENQTPRSEKPDVNIKEGGNISAGAVGLLGGVVGLVAGVSVMAVRE
LGRQQKKDNADSRGE
;
S,T
#
loop_
_chem_comp.id
_chem_comp.type
_chem_comp.name
_chem_comp.formula
F3S non-polymer 'FE3-S4 CLUSTER' 'Fe3 S4'
GOL non-polymer GLYCEROL 'C3 H8 O3'
MG non-polymer 'MAGNESIUM ION' 'Mg 2'
NFU non-polymer formyl[bis(hydrocyanato-1kappaC)]ironnickel(Fe-Ni) 'C3 H Fe N2 Ni O'
SF4 non-polymer 'IRON/SULFUR CLUSTER' 'Fe4 S4'
#
# COMPACT_ATOMS: atom_id res chain seq x y z
N SER A 2 9.65 -9.55 54.87
CA SER A 2 8.94 -9.97 53.67
C SER A 2 8.02 -8.85 53.17
N GLN A 3 8.46 -8.14 52.15
CA GLN A 3 7.69 -7.02 51.62
C GLN A 3 6.73 -7.48 50.53
N ARG A 4 5.52 -6.93 50.54
CA ARG A 4 4.50 -7.28 49.57
C ARG A 4 4.33 -6.20 48.50
N ILE A 5 4.36 -6.59 47.23
CA ILE A 5 4.04 -5.67 46.14
C ILE A 5 2.97 -6.25 45.24
N THR A 6 2.25 -5.36 44.58
CA THR A 6 1.28 -5.76 43.58
C THR A 6 1.56 -4.94 42.32
N ILE A 7 1.46 -5.58 41.17
CA ILE A 7 1.58 -4.87 39.91
C ILE A 7 0.26 -5.09 39.19
N ASP A 8 -0.56 -4.05 39.15
CA ASP A 8 -1.92 -4.16 38.65
C ASP A 8 -2.39 -2.81 38.14
N PRO A 9 -2.47 -2.64 36.81
CA PRO A 9 -2.31 -3.69 35.80
C PRO A 9 -0.85 -3.88 35.34
N VAL A 10 -0.51 -5.10 34.94
CA VAL A 10 0.69 -5.31 34.16
C VAL A 10 0.38 -4.81 32.73
N THR A 11 1.13 -3.85 32.24
CA THR A 11 0.85 -3.28 30.92
C THR A 11 1.69 -3.96 29.87
N ARG A 12 1.46 -3.64 28.60
CA ARG A 12 2.23 -4.20 27.49
C ARG A 12 2.13 -5.73 27.42
N ILE A 13 0.93 -6.20 27.73
CA ILE A 13 0.50 -7.56 27.46
C ILE A 13 -0.88 -7.42 26.85
N GLU A 14 -1.46 -8.53 26.42
CA GLU A 14 -2.88 -8.51 26.08
C GLU A 14 -3.68 -8.83 27.33
N GLY A 15 -4.69 -8.01 27.60
CA GLY A 15 -5.67 -8.35 28.62
C GLY A 15 -5.29 -7.89 30.01
N HIS A 16 -5.99 -8.42 31.01
CA HIS A 16 -5.91 -7.87 32.36
C HIS A 16 -5.16 -8.84 33.29
N LEU A 17 -3.97 -8.43 33.72
CA LEU A 17 -3.14 -9.27 34.57
C LEU A 17 -2.70 -8.53 35.83
N ARG A 18 -2.83 -9.21 36.96
CA ARG A 18 -2.31 -8.72 38.23
C ARG A 18 -1.22 -9.67 38.71
N ILE A 19 -0.07 -9.12 39.08
CA ILE A 19 1.03 -9.92 39.62
C ILE A 19 1.32 -9.45 41.05
N ASP A 20 1.36 -10.40 42.00
CA ASP A 20 1.78 -10.07 43.36
C ASP A 20 3.06 -10.80 43.67
N CYS A 21 3.97 -10.13 44.38
CA CYS A 21 5.21 -10.77 44.81
C CYS A 21 5.48 -10.53 46.28
N GLU A 22 6.05 -11.53 46.94
CA GLU A 22 6.71 -11.30 48.21
C GLU A 22 8.20 -11.07 47.94
N ILE A 23 8.76 -10.08 48.60
CA ILE A 23 10.17 -9.75 48.42
C ILE A 23 10.90 -9.89 49.72
N GLU A 24 11.95 -10.69 49.72
CA GLU A 24 12.77 -10.89 50.90
C GLU A 24 14.21 -10.65 50.49
N ASN A 25 14.86 -9.75 51.21
CA ASN A 25 16.27 -9.43 50.96
C ASN A 25 16.53 -9.05 49.51
N GLY A 26 15.68 -8.17 48.98
CA GLY A 26 15.86 -7.61 47.65
C GLY A 26 15.63 -8.59 46.50
N VAL A 27 15.01 -9.73 46.81
CA VAL A 27 14.79 -10.77 45.80
C VAL A 27 13.39 -11.33 46.00
N VAL A 28 12.58 -11.46 44.94
CA VAL A 28 11.25 -12.04 45.16
C VAL A 28 11.33 -13.51 45.62
N SER A 29 10.54 -13.83 46.63
CA SER A 29 10.62 -15.15 47.27
C SER A 29 9.43 -16.02 46.91
N LYS A 30 8.33 -15.37 46.55
CA LYS A 30 7.09 -16.07 46.21
C LYS A 30 6.24 -15.15 45.35
N ALA A 31 5.49 -15.73 44.40
CA ALA A 31 4.64 -14.91 43.53
C ALA A 31 3.23 -15.48 43.30
N TRP A 32 2.32 -14.64 42.83
CA TRP A 32 0.98 -15.04 42.41
C TRP A 32 0.68 -14.37 41.08
N ALA A 33 0.12 -15.11 40.13
CA ALA A 33 -0.39 -14.52 38.90
C ALA A 33 -1.92 -14.63 38.88
N SER A 34 -2.58 -13.56 38.49
CA SER A 34 -4.04 -13.52 38.52
C SER A 34 -4.64 -12.89 37.25
N GLY A 35 -5.42 -13.66 36.50
CA GLY A 35 -6.26 -13.14 35.43
C GLY A 35 -7.49 -12.52 36.07
N THR A 36 -7.72 -11.26 35.78
CA THR A 36 -8.71 -10.49 36.54
C THR A 36 -9.96 -10.13 35.74
N MET A 37 -10.06 -10.64 34.52
CA MET A 37 -11.27 -10.47 33.75
C MET A 37 -11.74 -11.81 33.19
N TRP A 38 -13.05 -12.09 33.26
CA TRP A 38 -13.62 -13.30 32.67
C TRP A 38 -14.82 -12.95 31.78
N ARG A 39 -14.98 -13.68 30.68
CA ARG A 39 -16.13 -13.47 29.81
C ARG A 39 -17.07 -14.66 29.69
N GLY A 40 -16.54 -15.86 29.91
CA GLY A 40 -17.33 -17.08 29.77
C GLY A 40 -17.60 -17.48 28.33
N MET A 41 -16.56 -17.45 27.50
CA MET A 41 -16.68 -17.74 26.08
C MET A 41 -17.08 -19.20 25.83
N GLU A 42 -16.66 -20.09 26.73
CA GLU A 42 -16.97 -21.51 26.61
C GLU A 42 -18.47 -21.75 26.73
N GLU A 43 -19.12 -20.99 27.60
CA GLU A 43 -20.55 -21.11 27.80
C GLU A 43 -21.31 -20.42 26.66
N ILE A 44 -20.74 -19.32 26.16
CA ILE A 44 -21.39 -18.56 25.10
C ILE A 44 -21.57 -19.39 23.81
N VAL A 45 -20.60 -20.23 23.46
CA VAL A 45 -20.74 -21.05 22.24
C VAL A 45 -21.53 -22.31 22.40
N LYS A 46 -21.84 -22.67 23.64
CA LYS A 46 -22.56 -23.90 23.92
C LYS A 46 -23.95 -23.91 23.26
N ASN A 47 -24.41 -25.10 22.88
CA ASN A 47 -25.75 -25.33 22.31
C ASN A 47 -25.94 -24.82 20.89
N ARG A 48 -24.85 -24.58 20.18
CA ARG A 48 -24.94 -24.11 18.82
C ARG A 48 -24.51 -25.19 17.85
N ASP A 49 -24.81 -24.96 16.57
CA ASP A 49 -24.28 -25.77 15.50
C ASP A 49 -22.77 -25.78 15.64
N PRO A 50 -22.14 -26.96 15.46
CA PRO A 50 -20.67 -27.07 15.52
C PRO A 50 -19.99 -26.14 14.51
N ARG A 51 -20.69 -25.77 13.42
CA ARG A 51 -20.08 -24.94 12.37
C ARG A 51 -19.94 -23.46 12.78
N ASP A 52 -20.77 -23.03 13.72
CA ASP A 52 -20.75 -21.66 14.17
C ASP A 52 -19.63 -21.32 15.16
N ALA A 53 -19.08 -22.33 15.83
CA ALA A 53 -18.16 -22.06 16.96
C ALA A 53 -16.98 -21.15 16.61
N TRP A 54 -16.35 -21.41 15.48
CA TRP A 54 -15.08 -20.76 15.17
C TRP A 54 -15.22 -19.23 15.07
N MET A 55 -16.38 -18.78 14.58
CA MET A 55 -16.58 -17.34 14.43
C MET A 55 -16.75 -16.70 15.80
N ILE A 56 -17.28 -17.46 16.76
CA ILE A 56 -17.50 -16.91 18.10
C ILE A 56 -16.24 -16.98 18.95
N VAL A 57 -15.64 -18.16 18.91
CA VAL A 57 -14.52 -18.50 19.75
C VAL A 57 -13.21 -17.84 19.24
N GLN A 58 -13.21 -17.32 18.01
CA GLN A 58 -12.07 -16.54 17.53
C GLN A 58 -11.93 -15.30 18.41
N ARG A 59 -13.05 -14.82 18.91
CA ARG A 59 -13.06 -13.61 19.72
C ARG A 59 -12.56 -13.83 21.16
N ILE A 60 -12.06 -15.03 21.45
CA ILE A 60 -11.28 -15.19 22.67
C ILE A 60 -10.13 -14.17 22.68
N CYS A 61 -9.53 -13.96 21.52
CA CYS A 61 -8.46 -12.99 21.46
C CYS A 61 -8.19 -12.38 20.09
N GLY A 62 -7.95 -11.08 20.07
CA GLY A 62 -7.72 -10.38 18.81
C GLY A 62 -6.23 -10.12 18.59
N VAL A 63 -5.41 -10.42 19.60
CA VAL A 63 -3.96 -10.37 19.44
C VAL A 63 -3.51 -11.63 18.72
N CYS A 64 -3.77 -12.79 19.31
CA CYS A 64 -3.56 -14.02 18.58
C CYS A 64 -4.83 -14.35 17.81
N THR A 65 -5.29 -13.40 17.01
CA THR A 65 -6.37 -13.65 16.10
C THR A 65 -5.89 -14.73 15.15
N THR A 66 -6.82 -15.38 14.46
CA THR A 66 -6.59 -16.62 13.67
C THR A 66 -6.46 -17.92 14.50
N THR A 67 -5.80 -17.86 15.65
CA THR A 67 -5.43 -19.11 16.34
C THR A 67 -6.63 -19.90 16.85
N HIS A 68 -7.51 -19.23 17.57
CA HIS A 68 -8.70 -19.90 18.07
C HIS A 68 -9.62 -20.28 16.93
N ALA A 69 -9.62 -19.49 15.86
CA ALA A 69 -10.43 -19.82 14.69
C ALA A 69 -10.02 -21.15 14.09
N ILE A 70 -8.73 -21.32 13.82
CA ILE A 70 -8.24 -22.55 13.19
C ILE A 70 -8.38 -23.74 14.18
N SER A 71 -8.06 -23.52 15.45
CA SER A 71 -8.16 -24.58 16.43
C SER A 71 -9.62 -25.05 16.56
N SER A 72 -10.56 -24.12 16.47
CA SER A 72 -11.98 -24.47 16.58
C SER A 72 -12.43 -25.35 15.42
N VAL A 73 -12.15 -24.95 14.19
CA VAL A 73 -12.49 -25.82 13.06
C VAL A 73 -11.79 -27.20 13.12
N ARG A 74 -10.51 -27.24 13.53
CA ARG A 74 -9.79 -28.51 13.67
C ARG A 74 -10.47 -29.45 14.68
N ALA A 75 -11.00 -28.86 15.73
CA ALA A 75 -11.68 -29.64 16.76
C ALA A 75 -13.00 -30.21 16.22
N ALA A 76 -13.73 -29.41 15.44
CA ALA A 76 -14.97 -29.91 14.85
C ALA A 76 -14.64 -30.99 13.82
N GLU A 77 -13.58 -30.76 13.05
CA GLU A 77 -13.12 -31.72 12.07
C GLU A 77 -12.70 -33.04 12.71
N SER A 78 -12.08 -32.92 13.87
CA SER A 78 -11.69 -34.07 14.66
C SER A 78 -12.92 -34.88 15.08
N ALA A 79 -13.90 -34.20 15.67
CA ALA A 79 -15.14 -34.84 16.10
C ALA A 79 -15.86 -35.55 14.94
N LEU A 80 -15.85 -34.93 13.77
CA LEU A 80 -16.63 -35.42 12.64
C LEU A 80 -15.82 -36.26 11.67
N ASN A 81 -14.59 -36.56 12.06
CA ASN A 81 -13.67 -37.33 11.22
C ASN A 81 -13.45 -36.82 9.80
N ILE A 82 -13.20 -35.53 9.67
CA ILE A 82 -12.99 -34.91 8.37
C ILE A 82 -11.51 -34.84 8.02
N ASP A 83 -11.18 -35.27 6.80
CA ASP A 83 -9.86 -35.01 6.22
C ASP A 83 -9.91 -33.64 5.53
N VAL A 84 -9.06 -32.70 5.94
CA VAL A 84 -9.05 -31.37 5.33
C VAL A 84 -8.35 -31.37 3.96
N PRO A 85 -8.98 -30.76 2.93
CA PRO A 85 -8.32 -30.63 1.62
C PRO A 85 -6.96 -29.97 1.77
N VAL A 86 -5.96 -30.52 1.11
CA VAL A 86 -4.61 -30.00 1.25
C VAL A 86 -4.48 -28.50 0.88
N ASN A 87 -5.23 -28.03 -0.12
CA ASN A 87 -5.25 -26.61 -0.46
C ASN A 87 -5.70 -25.80 0.75
N ALA A 88 -6.66 -26.33 1.50
CA ALA A 88 -7.17 -25.64 2.68
C ALA A 88 -6.11 -25.56 3.77
N GLN A 89 -5.29 -26.60 3.90
CA GLN A 89 -4.15 -26.58 4.81
C GLN A 89 -3.10 -25.54 4.41
N TYR A 90 -2.76 -25.49 3.12
CA TYR A 90 -1.82 -24.48 2.63
C TYR A 90 -2.28 -23.08 3.02
N ILE A 91 -3.56 -22.84 2.81
CA ILE A 91 -4.12 -21.53 3.13
C ILE A 91 -4.12 -21.24 4.64
N ARG A 92 -4.55 -22.21 5.44
CA ARG A 92 -4.51 -22.05 6.88
C ARG A 92 -3.08 -21.81 7.35
N ASN A 93 -2.14 -22.58 6.80
CA ASN A 93 -0.73 -22.47 7.18
C ASN A 93 -0.13 -21.11 6.90
N ILE A 94 -0.39 -20.58 5.70
CA ILE A 94 0.12 -19.27 5.31
C ILE A 94 -0.39 -18.19 6.27
N ILE A 95 -1.68 -18.22 6.55
CA ILE A 95 -2.29 -17.32 7.52
C ILE A 95 -1.68 -17.42 8.91
N LEU A 96 -1.56 -18.64 9.42
CA LEU A 96 -1.00 -18.84 10.76
C LEU A 96 0.45 -18.31 10.85
N ALA A 97 1.25 -18.65 9.85
CA ALA A 97 2.65 -18.26 9.84
C ALA A 97 2.84 -16.74 9.66
N ALA A 98 2.06 -16.15 8.76
CA ALA A 98 2.13 -14.72 8.55
C ALA A 98 1.62 -13.99 9.80
N HIS A 99 0.53 -14.47 10.39
CA HIS A 99 0.04 -13.86 11.62
C HIS A 99 1.08 -13.91 12.74
N THR A 100 1.69 -15.08 12.92
CA THR A 100 2.63 -15.28 14.01
C THR A 100 3.86 -14.38 13.78
N THR A 101 4.21 -14.18 12.52
CA THR A 101 5.22 -13.19 12.16
C THR A 101 4.92 -11.79 12.72
N HIS A 102 3.75 -11.25 12.37
CA HIS A 102 3.27 -10.00 12.98
C HIS A 102 3.28 -10.05 14.50
N ASP A 103 2.81 -11.16 15.07
CA ASP A 103 2.64 -11.27 16.51
C ASP A 103 3.99 -11.20 17.27
N HIS A 104 4.96 -12.02 16.87
CA HIS A 104 6.30 -12.01 17.50
C HIS A 104 7.02 -10.67 17.33
N ILE A 105 6.93 -10.07 16.16
CA ILE A 105 7.59 -8.78 15.96
C ILE A 105 7.05 -7.75 16.95
N VAL A 106 5.73 -7.64 17.01
CA VAL A 106 5.08 -6.71 17.92
C VAL A 106 5.40 -7.00 19.39
N HIS A 107 5.49 -8.28 19.73
CA HIS A 107 5.82 -8.60 21.10
C HIS A 107 7.23 -8.14 21.46
N PHE A 108 8.19 -8.39 20.58
CA PHE A 108 9.56 -8.02 20.88
C PHE A 108 9.69 -6.51 20.97
N TYR A 109 9.09 -5.81 20.02
CA TYR A 109 9.28 -4.36 19.96
C TYR A 109 8.25 -3.57 20.78
N GLN A 110 7.00 -3.56 20.34
CA GLN A 110 5.99 -2.76 21.00
C GLN A 110 5.67 -3.20 22.43
N LEU A 111 5.70 -4.50 22.69
CA LEU A 111 5.36 -4.98 24.04
C LEU A 111 6.56 -5.15 24.99
N SER A 112 7.71 -5.57 24.47
CA SER A 112 8.82 -5.92 25.36
C SER A 112 10.02 -4.97 25.41
N ALA A 113 10.32 -4.32 24.29
CA ALA A 113 11.55 -3.54 24.18
C ALA A 113 11.75 -2.52 25.31
N LEU A 114 10.67 -1.86 25.71
CA LEU A 114 10.79 -0.78 26.69
C LEU A 114 11.01 -1.32 28.11
N ASP A 115 11.14 -2.63 28.25
CA ASP A 115 11.63 -3.21 29.49
C ASP A 115 13.16 -3.09 29.56
N TRP A 116 13.81 -3.12 28.40
CA TRP A 116 15.26 -3.25 28.32
C TRP A 116 15.90 -1.98 27.75
N VAL A 117 15.06 -1.07 27.26
CA VAL A 117 15.50 0.09 26.49
C VAL A 117 15.00 1.31 27.23
N ASP A 118 15.89 2.30 27.39
CA ASP A 118 15.58 3.58 28.00
C ASP A 118 15.56 4.66 26.91
N ILE A 119 14.40 5.26 26.64
CA ILE A 119 14.31 6.25 25.56
C ILE A 119 14.95 7.58 25.92
N THR A 120 15.02 7.89 27.21
CA THR A 120 15.66 9.14 27.63
C THR A 120 17.15 9.05 27.41
N SER A 121 17.70 7.86 27.62
CA SER A 121 19.11 7.62 27.29
C SER A 121 19.38 7.77 25.79
N ALA A 122 18.44 7.31 24.97
CA ALA A 122 18.58 7.40 23.52
C ALA A 122 18.81 8.83 23.03
N LEU A 123 18.29 9.81 23.77
CA LEU A 123 18.51 11.22 23.46
C LEU A 123 19.99 11.61 23.49
N LYS A 124 20.77 10.94 24.36
CA LYS A 124 22.16 11.30 24.56
C LYS A 124 23.10 10.65 23.56
N ALA A 125 22.54 9.86 22.65
CA ALA A 125 23.35 9.03 21.76
C ALA A 125 23.94 9.81 20.58
N ASP A 126 25.08 9.34 20.11
CA ASP A 126 25.69 9.80 18.86
C ASP A 126 25.24 8.85 17.75
N PRO A 127 24.40 9.36 16.83
CA PRO A 127 23.89 8.50 15.75
C PRO A 127 25.00 7.88 14.91
N ALA A 128 26.06 8.64 14.66
CA ALA A 128 27.19 8.12 13.88
C ALA A 128 27.82 6.91 14.54
N LYS A 129 28.08 7.00 15.84
CA LYS A 129 28.59 5.88 16.63
C LYS A 129 27.61 4.71 16.67
N ALA A 130 26.33 5.01 16.84
CA ALA A 130 25.31 3.95 16.90
C ALA A 130 25.32 3.17 15.59
N SER A 131 25.36 3.89 14.48
CA SER A 131 25.37 3.27 13.16
C SER A 131 26.65 2.48 12.96
N ALA A 132 27.77 3.05 13.38
CA ALA A 132 29.09 2.41 13.20
C ALA A 132 29.20 1.08 13.95
N MET A 133 28.63 1.00 15.13
CA MET A 133 28.75 -0.22 15.92
C MET A 133 27.96 -1.39 15.32
N LEU A 134 27.15 -1.12 14.30
CA LEU A 134 26.44 -2.18 13.60
C LEU A 134 27.14 -2.66 12.32
N ASN A 135 28.16 -1.95 11.85
CA ASN A 135 28.92 -2.40 10.69
C ASN A 135 29.45 -3.83 10.85
N GLY A 136 29.16 -4.68 9.87
CA GLY A 136 29.56 -6.07 9.95
C GLY A 136 28.77 -6.92 10.95
N VAL A 137 27.83 -6.31 11.67
CA VAL A 137 26.93 -7.06 12.54
C VAL A 137 25.61 -7.30 11.81
N SER A 138 25.18 -6.34 11.01
CA SER A 138 23.95 -6.51 10.25
C SER A 138 24.09 -5.92 8.88
N THR A 139 23.37 -6.50 7.91
CA THR A 139 23.29 -5.95 6.57
C THR A 139 22.03 -5.11 6.35
N TRP A 140 21.22 -4.89 7.39
CA TRP A 140 20.01 -4.05 7.25
C TRP A 140 20.36 -2.74 6.61
N HIS A 141 19.48 -2.27 5.75
CA HIS A 141 19.76 -1.07 4.98
C HIS A 141 19.27 0.20 5.66
N LEU A 142 18.62 0.06 6.82
CA LEU A 142 18.10 1.21 7.55
C LEU A 142 18.80 1.41 8.90
N ASN A 143 20.11 1.24 8.90
CA ASN A 143 20.93 1.48 10.08
C ASN A 143 21.86 2.68 9.94
N SER A 144 21.56 3.58 9.00
CA SER A 144 22.39 4.76 8.76
C SER A 144 22.33 5.75 9.91
N ALA A 145 23.42 6.47 10.13
CA ALA A 145 23.41 7.63 11.02
C ALA A 145 22.24 8.58 10.75
N GLU A 146 21.92 8.76 9.46
CA GLU A 146 20.83 9.66 9.05
C GLU A 146 19.46 9.11 9.45
N GLU A 147 19.25 7.82 9.25
CA GLU A 147 18.04 7.19 9.81
C GLU A 147 18.00 7.42 11.33
N PHE A 148 19.09 7.11 12.03
CA PHE A 148 19.07 7.21 13.50
C PHE A 148 18.83 8.62 14.02
N THR A 149 19.25 9.62 13.25
CA THR A 149 19.04 11.01 13.62
C THR A 149 17.59 11.40 13.47
N LYS A 150 16.97 11.00 12.36
CA LYS A 150 15.54 11.24 12.16
C LYS A 150 14.77 10.65 13.34
N VAL A 151 15.16 9.45 13.76
CA VAL A 151 14.49 8.80 14.89
C VAL A 151 14.77 9.58 16.17
N GLN A 152 16.01 9.98 16.39
CA GLN A 152 16.37 10.72 17.59
C GLN A 152 15.58 12.03 17.71
N ASN A 153 15.40 12.73 16.59
CA ASN A 153 14.63 13.96 16.59
C ASN A 153 13.15 13.78 16.88
N LYS A 154 12.58 12.67 16.42
CA LYS A 154 11.20 12.31 16.80
C LYS A 154 11.08 12.14 18.31
N ILE A 155 12.08 11.51 18.93
CA ILE A 155 12.10 11.38 20.38
C ILE A 155 12.27 12.74 21.04
N LYS A 156 13.26 13.52 20.58
CA LYS A 156 13.48 14.88 21.08
C LYS A 156 12.18 15.69 21.08
N ASP A 157 11.51 15.71 19.94
CA ASP A 157 10.28 16.49 19.78
C ASP A 157 9.18 16.00 20.70
N LEU A 158 9.06 14.68 20.85
CA LEU A 158 8.09 14.12 21.78
C LEU A 158 8.38 14.68 23.16
N VAL A 159 9.62 14.55 23.60
CA VAL A 159 10.06 15.07 24.89
C VAL A 159 9.83 16.59 24.98
N ALA A 160 10.15 17.30 23.92
CA ALA A 160 9.99 18.75 23.88
C ALA A 160 8.54 19.21 24.12
N SER A 161 7.57 18.43 23.67
CA SER A 161 6.18 18.83 23.77
C SER A 161 5.65 18.68 25.20
N GLY A 162 6.37 17.93 26.02
CA GLY A 162 5.93 17.66 27.38
C GLY A 162 4.68 16.80 27.41
N GLN A 163 4.37 16.14 26.30
CA GLN A 163 3.29 15.16 26.25
C GLN A 163 3.87 13.82 25.85
N LEU A 164 4.43 13.11 26.82
CA LEU A 164 5.06 11.83 26.53
C LEU A 164 4.02 10.73 26.33
N GLY A 165 2.83 10.93 26.87
CA GLY A 165 1.72 10.00 26.71
C GLY A 165 2.14 8.57 27.09
N ILE A 166 1.87 7.64 26.18
CA ILE A 166 2.34 6.25 26.24
C ILE A 166 3.73 6.06 26.85
N PHE A 167 4.63 7.01 26.59
CA PHE A 167 6.02 6.87 27.01
C PHE A 167 6.34 7.55 28.34
N ALA A 168 5.32 8.11 28.98
CA ALA A 168 5.50 8.85 30.22
C ALA A 168 5.72 7.97 31.46
N ASN A 169 6.59 8.42 32.36
N ASN A 169 6.61 8.44 32.32
CA ASN A 169 6.78 7.78 33.66
CA ASN A 169 6.86 7.82 33.62
C ASN A 169 7.20 6.32 33.54
C ASN A 169 7.19 6.34 33.52
N GLY A 170 7.92 5.97 32.48
CA GLY A 170 8.40 4.61 32.29
C GLY A 170 9.64 4.45 33.13
N CYS A 171 10.37 3.34 32.97
CA CYS A 171 11.48 3.10 33.89
C CYS A 171 12.80 3.72 33.38
N TRP A 172 12.70 4.97 32.94
CA TRP A 172 13.89 5.68 32.47
C TRP A 172 14.79 6.02 33.66
N GLY A 173 16.07 5.71 33.52
CA GLY A 173 17.01 5.94 34.60
C GLY A 173 17.07 4.84 35.66
N HIS A 174 16.28 3.78 35.48
CA HIS A 174 16.25 2.67 36.41
C HIS A 174 17.58 1.90 36.40
N PRO A 175 18.08 1.52 37.58
CA PRO A 175 19.39 0.87 37.70
C PRO A 175 19.55 -0.39 36.84
N ALA A 176 18.45 -1.06 36.50
CA ALA A 176 18.50 -2.27 35.65
C ALA A 176 18.56 -1.98 34.12
N MET A 177 18.43 -0.72 33.72
CA MET A 177 18.62 -0.36 32.32
C MET A 177 20.10 -0.28 31.96
N GLN A 178 20.60 -1.21 31.14
CA GLN A 178 22.03 -1.38 30.99
C GLN A 178 22.56 -1.10 29.59
N LEU A 179 21.70 -0.65 28.68
CA LEU A 179 22.18 -0.30 27.36
C LEU A 179 22.82 1.07 27.39
N PRO A 180 23.88 1.24 26.60
CA PRO A 180 24.52 2.52 26.28
C PRO A 180 23.53 3.35 25.49
N PRO A 181 23.67 4.69 25.51
CA PRO A 181 22.76 5.55 24.73
C PRO A 181 22.59 5.07 23.29
N GLU A 182 23.69 4.66 22.66
CA GLU A 182 23.69 4.31 21.24
C GLU A 182 22.80 3.12 20.92
N VAL A 183 22.86 2.07 21.72
CA VAL A 183 22.03 0.91 21.41
C VAL A 183 20.58 1.14 21.85
N ASN A 184 20.37 2.03 22.81
CA ASN A 184 19.01 2.49 23.09
C ASN A 184 18.38 3.13 21.86
N LEU A 185 19.16 3.92 21.14
CA LEU A 185 18.63 4.62 19.98
C LEU A 185 18.42 3.67 18.82
N ILE A 186 19.37 2.77 18.62
CA ILE A 186 19.24 1.68 17.66
C ILE A 186 17.89 0.94 17.85
N ALA A 187 17.59 0.57 19.09
CA ALA A 187 16.38 -0.19 19.40
C ALA A 187 15.09 0.59 19.15
N VAL A 188 15.09 1.88 19.47
CA VAL A 188 13.93 2.71 19.22
C VAL A 188 13.71 2.89 17.71
N ALA A 189 14.78 3.03 16.95
CA ALA A 189 14.69 3.12 15.49
C ALA A 189 14.10 1.81 14.96
N HIS A 190 14.49 0.69 15.57
CA HIS A 190 14.02 -0.61 15.12
C HIS A 190 12.56 -0.84 15.50
N TYR A 191 12.19 -0.32 16.67
CA TYR A 191 10.81 -0.36 17.17
C TYR A 191 9.90 0.23 16.11
N LEU A 192 10.30 1.37 15.55
CA LEU A 192 9.48 2.09 14.57
C LEU A 192 9.45 1.35 13.25
N GLN A 193 10.61 0.82 12.84
CA GLN A 193 10.71 0.02 11.63
C GLN A 193 9.89 -1.26 11.70
N ALA A 194 9.83 -1.84 12.89
CA ALA A 194 9.05 -3.05 13.09
C ALA A 194 7.58 -2.86 12.68
N LEU A 195 7.05 -1.67 12.94
CA LEU A 195 5.65 -1.40 12.66
C LEU A 195 5.32 -1.57 11.18
N GLU A 196 6.28 -1.21 10.31
N GLU A 196 6.27 -1.23 10.30
CA GLU A 196 6.12 -1.45 8.89
CA GLU A 196 6.04 -1.46 8.88
C GLU A 196 6.12 -2.93 8.58
C GLU A 196 6.14 -2.95 8.53
N CYS A 197 7.08 -3.66 9.15
CA CYS A 197 7.20 -5.10 8.88
C CYS A 197 5.92 -5.83 9.30
N GLN A 198 5.45 -5.57 10.51
CA GLN A 198 4.25 -6.26 11.00
C GLN A 198 3.02 -5.91 10.15
N ARG A 199 2.97 -4.71 9.57
CA ARG A 199 1.88 -4.36 8.65
C ARG A 199 1.89 -5.20 7.38
N ASP A 200 3.08 -5.40 6.80
CA ASP A 200 3.22 -6.30 5.65
C ASP A 200 2.76 -7.73 5.98
N ALA A 201 3.11 -8.20 7.18
CA ALA A 201 2.75 -9.55 7.59
C ALA A 201 1.22 -9.67 7.62
N ASN A 202 0.57 -8.66 8.16
CA ASN A 202 -0.89 -8.66 8.22
C ASN A 202 -1.58 -8.49 6.87
N ARG A 203 -0.86 -7.93 5.88
CA ARG A 203 -1.45 -7.82 4.56
C ARG A 203 -1.56 -9.21 3.93
N VAL A 204 -0.59 -10.08 4.23
CA VAL A 204 -0.67 -11.49 3.83
C VAL A 204 -1.90 -12.14 4.45
N VAL A 205 -2.02 -12.02 5.78
CA VAL A 205 -3.20 -12.53 6.49
C VAL A 205 -4.51 -11.99 5.89
N ALA A 206 -4.56 -10.69 5.60
CA ALA A 206 -5.79 -10.05 5.10
C ALA A 206 -6.23 -10.63 3.74
N LEU A 207 -5.28 -10.82 2.84
CA LEU A 207 -5.63 -11.24 1.47
C LEU A 207 -6.21 -12.65 1.43
N LEU A 208 -5.85 -13.46 2.42
CA LEU A 208 -6.42 -14.78 2.57
C LEU A 208 -7.59 -14.83 3.55
N GLY A 209 -7.55 -14.02 4.60
CA GLY A 209 -8.55 -14.11 5.67
C GLY A 209 -9.79 -13.28 5.43
N GLY A 210 -9.67 -12.24 4.59
CA GLY A 210 -10.80 -11.37 4.30
C GLY A 210 -10.73 -10.08 5.10
N LYS A 211 -9.72 -10.01 5.97
CA LYS A 211 -9.47 -8.91 6.92
C LYS A 211 -8.66 -9.48 8.09
N THR A 212 -8.09 -8.58 8.88
CA THR A 212 -7.49 -8.90 10.17
C THR A 212 -7.39 -7.57 10.90
N PRO A 213 -7.69 -7.56 12.21
CA PRO A 213 -7.98 -8.72 13.08
C PRO A 213 -9.26 -9.47 12.76
N HIS A 214 -9.33 -10.72 13.23
CA HIS A 214 -10.43 -11.67 13.01
C HIS A 214 -10.70 -12.07 11.58
N ILE A 215 -10.03 -13.16 11.16
CA ILE A 215 -10.19 -13.66 9.81
C ILE A 215 -11.58 -14.23 9.63
N GLN A 216 -11.98 -14.41 8.38
CA GLN A 216 -13.31 -14.84 8.11
C GLN A 216 -13.31 -15.73 6.87
N ASN A 217 -12.33 -16.61 6.76
CA ASN A 217 -12.22 -17.45 5.55
C ASN A 217 -12.25 -18.94 5.83
N LEU A 218 -12.61 -19.31 7.05
CA LEU A 218 -12.54 -20.70 7.44
C LEU A 218 -13.92 -21.38 7.32
N ALA A 219 -13.91 -22.69 7.50
CA ALA A 219 -15.13 -23.48 7.66
C ALA A 219 -14.74 -24.83 8.24
N VAL A 220 -15.60 -25.39 9.06
CA VAL A 220 -15.46 -26.80 9.37
C VAL A 220 -15.54 -27.53 8.02
N GLY A 221 -14.43 -28.13 7.60
CA GLY A 221 -14.33 -28.77 6.31
C GLY A 221 -13.33 -28.13 5.34
N GLY A 222 -12.84 -26.95 5.68
CA GLY A 222 -11.77 -26.35 4.90
C GLY A 222 -11.68 -24.84 4.96
N VAL A 223 -11.74 -24.20 3.80
CA VAL A 223 -11.72 -22.74 3.76
C VAL A 223 -12.74 -22.23 2.76
N ALA A 224 -13.04 -20.94 2.88
CA ALA A 224 -14.04 -20.30 2.04
C ALA A 224 -13.40 -19.56 0.86
N ASN A 225 -12.09 -19.66 0.70
CA ASN A 225 -11.46 -19.07 -0.49
C ASN A 225 -11.79 -19.94 -1.69
N PRO A 226 -12.28 -19.31 -2.78
CA PRO A 226 -12.57 -20.06 -3.99
C PRO A 226 -11.38 -19.97 -4.94
N ILE A 227 -10.69 -21.08 -5.11
CA ILE A 227 -9.53 -21.12 -5.97
C ILE A 227 -9.95 -21.26 -7.42
N ASN A 228 -9.63 -20.25 -8.22
CA ASN A 228 -9.92 -20.29 -9.64
C ASN A 228 -9.03 -19.28 -10.35
N LEU A 229 -7.97 -19.78 -10.94
CA LEU A 229 -6.98 -18.97 -11.67
C LEU A 229 -7.63 -18.09 -12.70
N ASP A 230 -8.78 -18.51 -13.21
CA ASP A 230 -9.40 -17.81 -14.34
C ASP A 230 -10.71 -17.12 -13.95
N GLY A 231 -10.96 -17.05 -12.65
CA GLY A 231 -12.18 -16.47 -12.14
C GLY A 231 -12.01 -15.00 -11.78
N LEU A 232 -13.03 -14.21 -12.09
CA LEU A 232 -13.07 -12.84 -11.65
C LEU A 232 -13.65 -12.78 -10.23
N GLY A 233 -13.04 -11.99 -9.34
CA GLY A 233 -13.55 -11.80 -7.99
C GLY A 233 -13.25 -12.92 -7.00
N VAL A 234 -12.40 -13.86 -7.37
CA VAL A 234 -12.07 -15.00 -6.52
C VAL A 234 -10.55 -15.14 -6.38
N LEU A 235 -10.08 -16.25 -5.82
CA LEU A 235 -8.65 -16.38 -5.56
C LEU A 235 -7.95 -16.83 -6.83
N ASN A 236 -7.57 -15.85 -7.64
CA ASN A 236 -6.93 -16.12 -8.91
C ASN A 236 -5.42 -15.86 -8.84
N LEU A 237 -4.74 -15.96 -9.99
CA LEU A 237 -3.30 -15.77 -10.00
C LEU A 237 -2.91 -14.35 -9.57
N GLU A 238 -3.66 -13.35 -10.03
CA GLU A 238 -3.36 -11.97 -9.64
C GLU A 238 -3.41 -11.79 -8.12
N ARG A 239 -4.44 -12.30 -7.48
CA ARG A 239 -4.50 -12.27 -6.01
C ARG A 239 -3.32 -13.02 -5.35
N LEU A 240 -2.93 -14.16 -5.91
CA LEU A 240 -1.84 -14.95 -5.34
C LEU A 240 -0.52 -14.21 -5.46
N MET A 241 -0.34 -13.50 -6.58
CA MET A 241 0.85 -12.68 -6.77
C MET A 241 0.90 -11.56 -5.75
N TYR A 242 -0.25 -10.99 -5.46
CA TYR A 242 -0.32 -9.93 -4.45
C TYR A 242 0.07 -10.48 -3.07
N ILE A 243 -0.49 -11.63 -2.70
CA ILE A 243 -0.05 -12.33 -1.47
C ILE A 243 1.47 -12.52 -1.42
N LYS A 244 2.03 -13.08 -2.49
CA LYS A 244 3.46 -13.32 -2.56
C LYS A 244 4.27 -12.03 -2.39
N SER A 245 3.81 -10.94 -3.00
CA SER A 245 4.50 -9.66 -2.89
C SER A 245 4.69 -9.22 -1.43
N PHE A 246 3.77 -9.58 -0.55
CA PHE A 246 3.91 -9.18 0.83
C PHE A 246 4.75 -10.20 1.62
N ILE A 247 4.63 -11.46 1.26
CA ILE A 247 5.44 -12.51 1.89
C ILE A 247 6.92 -12.18 1.71
N ASP A 248 7.28 -11.69 0.52
CA ASP A 248 8.68 -11.40 0.18
C ASP A 248 9.28 -10.23 0.95
N LYS A 249 8.43 -9.36 1.47
CA LYS A 249 8.88 -8.17 2.20
C LYS A 249 9.22 -8.43 3.67
N LEU A 250 8.93 -9.62 4.17
CA LEU A 250 9.09 -9.88 5.61
C LEU A 250 10.50 -10.31 6.02
N SER A 251 11.14 -11.12 5.19
CA SER A 251 12.33 -11.86 5.63
C SER A 251 13.51 -10.98 6.08
N ASP A 252 13.75 -9.88 5.36
CA ASP A 252 14.91 -9.04 5.67
C ASP A 252 14.86 -8.42 7.06
N PHE A 253 13.73 -7.84 7.44
CA PHE A 253 13.61 -7.22 8.76
C PHE A 253 13.79 -8.29 9.84
N VAL A 254 13.22 -9.45 9.59
CA VAL A 254 13.22 -10.53 10.59
C VAL A 254 14.67 -11.03 10.81
N GLU A 255 15.38 -11.23 9.71
CA GLU A 255 16.75 -11.73 9.72
C GLU A 255 17.82 -10.71 10.08
N GLN A 256 17.64 -9.44 9.67
CA GLN A 256 18.70 -8.46 9.76
C GLN A 256 18.47 -7.48 10.91
N VAL A 257 17.27 -7.50 11.48
CA VAL A 257 16.98 -6.59 12.59
C VAL A 257 16.53 -7.35 13.84
N TYR A 258 15.38 -8.00 13.76
CA TYR A 258 14.80 -8.70 14.90
C TYR A 258 15.78 -9.76 15.39
N LYS A 259 16.28 -10.60 14.50
CA LYS A 259 17.25 -11.62 14.91
C LYS A 259 18.52 -11.02 15.53
N VAL A 260 19.00 -9.91 14.97
CA VAL A 260 20.22 -9.32 15.46
C VAL A 260 19.99 -8.60 16.79
N ASP A 261 18.86 -7.90 16.92
CA ASP A 261 18.52 -7.20 18.16
C ASP A 261 18.36 -8.17 19.34
N THR A 262 17.88 -9.38 19.09
CA THR A 262 17.80 -10.28 20.26
C THR A 262 19.16 -10.71 20.77
N ALA A 263 20.12 -10.96 19.87
CA ALA A 263 21.48 -11.23 20.35
C ALA A 263 22.10 -9.99 21.02
N VAL A 264 21.82 -8.80 20.49
CA VAL A 264 22.33 -7.56 21.06
C VAL A 264 21.78 -7.37 22.49
N ILE A 265 20.47 -7.55 22.67
CA ILE A 265 19.88 -7.38 23.99
C ILE A 265 20.54 -8.37 24.97
N ALA A 266 20.72 -9.61 24.52
CA ALA A 266 21.30 -10.65 25.36
C ALA A 266 22.73 -10.28 25.78
N ALA A 267 23.48 -9.69 24.85
CA ALA A 267 24.87 -9.33 25.08
C ALA A 267 25.00 -8.34 26.22
N PHE A 268 24.03 -7.45 26.36
CA PHE A 268 24.05 -6.44 27.43
C PHE A 268 23.29 -6.86 28.70
N TYR A 269 22.69 -8.04 28.67
CA TYR A 269 21.92 -8.51 29.81
C TYR A 269 22.20 -9.98 30.10
N PRO A 270 23.49 -10.36 30.18
CA PRO A 270 23.83 -11.80 30.19
C PRO A 270 23.31 -12.57 31.41
N GLU A 271 23.06 -11.90 32.53
CA GLU A 271 22.54 -12.60 33.70
C GLU A 271 21.07 -13.00 33.51
N TRP A 272 20.41 -12.40 32.53
CA TRP A 272 19.03 -12.80 32.24
C TRP A 272 18.96 -14.12 31.47
N LEU A 273 20.13 -14.68 31.15
CA LEU A 273 20.20 -16.06 30.69
C LEU A 273 20.31 -17.01 31.89
N GLU A 274 20.29 -16.44 33.09
CA GLU A 274 20.61 -17.17 34.31
C GLU A 274 19.47 -17.11 35.34
N ARG A 275 18.32 -16.59 34.92
CA ARG A 275 17.16 -16.51 35.78
C ARG A 275 15.90 -16.56 34.93
N GLY A 276 14.74 -16.66 35.57
CA GLY A 276 13.49 -16.68 34.85
C GLY A 276 13.04 -18.04 34.33
N GLN A 277 13.65 -19.11 34.81
CA GLN A 277 13.21 -20.44 34.40
C GLN A 277 11.79 -20.63 34.91
N GLY A 278 10.89 -21.08 34.03
CA GLY A 278 9.50 -21.27 34.43
C GLY A 278 9.08 -22.69 34.77
N ALA A 279 9.81 -23.68 34.28
CA ALA A 279 9.39 -25.07 34.43
C ALA A 279 10.52 -26.00 34.04
N VAL A 280 10.34 -27.30 34.32
CA VAL A 280 11.29 -28.31 33.85
C VAL A 280 10.62 -29.20 32.83
N ASN A 281 9.33 -29.00 32.66
CA ASN A 281 8.56 -29.74 31.67
C ASN A 281 8.06 -28.82 30.54
N TYR A 282 8.13 -29.29 29.31
CA TYR A 282 7.74 -28.45 28.16
C TYR A 282 6.89 -29.25 27.15
N LEU A 283 5.88 -28.61 26.56
CA LEU A 283 5.03 -29.29 25.58
C LEU A 283 4.84 -28.38 24.37
N SER A 284 4.82 -28.96 23.18
CA SER A 284 4.40 -28.25 21.99
C SER A 284 3.73 -29.23 21.06
N ALA A 285 2.76 -28.74 20.28
CA ALA A 285 2.15 -29.55 19.24
C ALA A 285 2.95 -29.38 17.95
N PRO A 286 2.93 -30.40 17.09
CA PRO A 286 3.46 -30.23 15.75
C PRO A 286 2.52 -29.29 15.01
N GLU A 287 3.04 -28.62 13.99
CA GLU A 287 2.22 -27.63 13.33
C GLU A 287 2.53 -27.56 11.83
N PHE A 288 1.57 -27.05 11.07
CA PHE A 288 1.63 -26.86 9.63
C PHE A 288 1.51 -28.16 8.84
N PRO A 289 0.31 -28.79 8.85
CA PRO A 289 0.11 -30.06 8.14
C PRO A 289 0.14 -29.86 6.65
N THR A 290 0.72 -30.83 5.93
CA THR A 290 0.93 -30.64 4.51
C THR A 290 0.39 -31.78 3.65
N ASP A 291 -0.33 -32.72 4.27
CA ASP A 291 -0.99 -33.75 3.49
C ASP A 291 -2.51 -33.59 3.48
N GLY A 292 -3.20 -34.55 2.86
CA GLY A 292 -4.66 -34.51 2.82
C GLY A 292 -5.30 -35.25 3.99
N LYS A 293 -4.50 -35.58 5.01
CA LYS A 293 -4.97 -36.38 6.15
C LYS A 293 -4.68 -35.68 7.47
N ASN A 294 -4.62 -34.36 7.46
CA ASN A 294 -4.41 -33.56 8.67
C ASN A 294 -3.05 -33.84 9.36
N GLY A 295 -2.11 -34.41 8.62
CA GLY A 295 -0.81 -34.67 9.18
C GLY A 295 0.35 -34.19 8.33
N SER A 296 1.49 -34.87 8.48
CA SER A 296 2.72 -34.47 7.79
C SER A 296 3.13 -33.04 8.13
N PHE A 297 3.35 -32.77 9.40
CA PHE A 297 3.64 -31.41 9.84
C PHE A 297 5.04 -30.92 9.48
N LEU A 298 5.16 -29.66 9.08
CA LEU A 298 6.49 -29.08 8.85
C LEU A 298 7.28 -28.90 10.14
N PHE A 299 6.60 -28.55 11.23
CA PHE A 299 7.27 -28.34 12.51
C PHE A 299 6.93 -29.52 13.42
N PRO A 300 7.93 -30.13 14.05
CA PRO A 300 7.61 -31.24 14.95
C PRO A 300 7.19 -30.72 16.32
N GLY A 301 6.53 -31.57 17.12
CA GLY A 301 6.14 -31.20 18.46
C GLY A 301 6.62 -32.26 19.44
N GLY A 302 6.24 -32.11 20.69
CA GLY A 302 6.57 -33.14 21.67
C GLY A 302 6.58 -32.74 23.13
N TYR A 303 7.13 -33.62 23.95
CA TYR A 303 7.10 -33.45 25.41
C TYR A 303 8.49 -33.70 25.98
N ILE A 304 8.98 -32.74 26.76
CA ILE A 304 10.25 -32.85 27.45
C ILE A 304 10.04 -32.75 28.97
N THR A 305 10.76 -33.58 29.73
CA THR A 305 10.63 -33.53 31.16
C THR A 305 12.01 -33.33 31.81
N ASP A 306 12.02 -32.85 33.05
CA ASP A 306 13.25 -32.69 33.83
C ASP A 306 14.34 -31.84 33.20
N ALA A 307 13.90 -30.85 32.43
CA ALA A 307 14.79 -29.96 31.69
C ALA A 307 15.90 -30.69 30.93
N ASP A 308 15.57 -31.88 30.43
CA ASP A 308 16.54 -32.78 29.84
C ASP A 308 16.06 -33.21 28.48
N LEU A 309 16.71 -32.70 27.43
CA LEU A 309 16.30 -32.95 26.05
C LEU A 309 16.39 -34.43 25.68
N SER A 310 17.15 -35.21 26.45
CA SER A 310 17.25 -36.64 26.17
C SER A 310 15.92 -37.36 26.41
N THR A 311 15.05 -36.77 27.22
CA THR A 311 13.73 -37.36 27.53
C THR A 311 12.70 -37.11 26.44
N TYR A 312 13.07 -36.33 25.43
CA TYR A 312 12.14 -35.92 24.36
C TYR A 312 11.27 -37.04 23.81
N ARG A 313 9.97 -36.86 23.98
CA ARG A 313 9.01 -37.79 23.41
C ARG A 313 8.31 -37.06 22.25
N PRO A 314 8.56 -37.51 21.01
CA PRO A 314 7.99 -36.79 19.86
C PRO A 314 6.48 -36.91 19.78
N ILE A 315 5.83 -35.91 19.20
CA ILE A 315 4.41 -35.95 18.97
C ILE A 315 4.26 -35.46 17.55
N THR A 316 3.81 -36.33 16.66
CA THR A 316 3.79 -36.02 15.24
C THR A 316 2.38 -36.11 14.67
N SER A 317 1.40 -36.21 15.55
CA SER A 317 0.00 -36.35 15.16
C SER A 317 -0.89 -35.57 16.11
N HIS A 318 -1.86 -34.84 15.57
CA HIS A 318 -2.86 -34.20 16.44
C HIS A 318 -3.88 -35.18 17.00
N SER A 319 -3.76 -36.45 16.63
CA SER A 319 -4.66 -37.48 17.14
C SER A 319 -3.94 -38.38 18.14
N ASP A 320 -2.75 -37.98 18.56
CA ASP A 320 -1.95 -38.76 19.50
C ASP A 320 -2.66 -38.92 20.86
N GLU A 321 -3.11 -40.15 21.18
CA GLU A 321 -3.80 -40.39 22.46
C GLU A 321 -2.93 -40.10 23.69
N TYR A 322 -1.63 -40.27 23.57
CA TYR A 322 -0.74 -39.91 24.66
C TYR A 322 -0.90 -38.44 25.04
N LEU A 323 -0.90 -37.57 24.04
CA LEU A 323 -1.13 -36.15 24.25
C LEU A 323 -2.55 -35.89 24.76
N ILE A 324 -3.55 -36.47 24.09
CA ILE A 324 -4.94 -36.20 24.42
C ILE A 324 -5.30 -36.62 25.86
N LYS A 325 -4.85 -37.79 26.27
CA LYS A 325 -5.25 -38.33 27.58
C LYS A 325 -4.59 -37.66 28.77
N GLY A 326 -3.51 -36.91 28.56
CA GLY A 326 -2.76 -36.35 29.66
C GLY A 326 -3.28 -35.02 30.18
N ILE A 327 -4.05 -34.33 29.35
CA ILE A 327 -4.41 -32.96 29.66
C ILE A 327 -5.62 -32.82 30.59
N GLN A 328 -5.44 -32.07 31.68
CA GLN A 328 -6.49 -31.77 32.63
C GLN A 328 -6.29 -30.37 33.17
N GLU A 329 -7.35 -29.80 33.76
CA GLU A 329 -7.29 -28.47 34.37
C GLU A 329 -7.91 -28.46 35.74
N SER A 330 -7.35 -27.69 36.66
CA SER A 330 -7.88 -27.62 38.00
C SER A 330 -8.18 -26.21 38.42
N ALA A 331 -9.30 -26.04 39.10
CA ALA A 331 -9.74 -24.74 39.60
C ALA A 331 -9.64 -24.66 41.13
N LYS A 332 -8.80 -25.48 41.73
CA LYS A 332 -8.61 -25.43 43.18
C LYS A 332 -8.20 -24.05 43.66
N HIS A 333 -7.42 -23.33 42.84
CA HIS A 333 -7.02 -21.98 43.20
C HIS A 333 -7.54 -20.92 42.22
N ALA A 334 -8.56 -21.29 41.44
CA ALA A 334 -9.23 -20.35 40.54
C ALA A 334 -10.68 -20.18 40.97
N TRP A 335 -11.29 -19.13 40.44
CA TRP A 335 -12.66 -18.76 40.79
C TRP A 335 -13.73 -19.58 40.05
N TYR A 336 -13.63 -20.90 40.12
CA TYR A 336 -14.65 -21.79 39.57
C TYR A 336 -15.04 -22.84 40.60
N LYS A 337 -16.23 -23.41 40.43
CA LYS A 337 -16.81 -24.31 41.43
C LYS A 337 -16.11 -25.67 41.56
N ASP A 338 -15.96 -26.36 40.44
CA ASP A 338 -15.42 -27.71 40.47
C ASP A 338 -13.89 -27.72 40.49
N GLU A 339 -13.29 -28.27 41.56
CA GLU A 339 -11.85 -28.04 41.78
C GLU A 339 -10.90 -29.16 41.39
N ALA A 340 -11.41 -30.39 41.31
CA ALA A 340 -10.57 -31.52 40.93
C ALA A 340 -10.19 -31.39 39.46
N PRO A 341 -9.02 -31.90 39.07
CA PRO A 341 -8.58 -31.87 37.67
C PRO A 341 -9.60 -32.48 36.70
N GLN A 342 -9.92 -31.77 35.64
CA GLN A 342 -10.92 -32.24 34.69
C GLN A 342 -10.29 -32.41 33.31
N ALA A 343 -10.55 -33.53 32.66
CA ALA A 343 -10.27 -33.64 31.23
C ALA A 343 -11.19 -32.66 30.51
N PRO A 344 -10.65 -31.91 29.53
CA PRO A 344 -11.51 -30.86 28.96
C PRO A 344 -12.84 -31.34 28.35
N TRP A 345 -12.90 -32.54 27.77
CA TRP A 345 -14.17 -33.05 27.25
C TRP A 345 -15.21 -33.17 28.35
N GLU A 346 -14.75 -33.26 29.59
CA GLU A 346 -15.64 -33.36 30.76
C GLU A 346 -15.54 -32.09 31.60
N GLY A 347 -14.98 -31.05 31.01
CA GLY A 347 -14.76 -29.81 31.74
C GLY A 347 -16.01 -29.01 32.03
N THR A 348 -15.94 -28.24 33.11
CA THR A 348 -16.97 -27.27 33.48
C THR A 348 -16.29 -25.94 33.79
N THR A 349 -17.07 -24.88 33.70
CA THR A 349 -16.60 -23.53 33.92
C THR A 349 -17.69 -22.77 34.63
N VAL A 350 -17.87 -23.11 35.91
CA VAL A 350 -18.92 -22.54 36.72
C VAL A 350 -18.31 -21.50 37.64
N PRO A 351 -18.61 -20.21 37.40
CA PRO A 351 -17.96 -19.15 38.16
C PRO A 351 -18.26 -19.24 39.64
N ASP A 352 -17.28 -18.87 40.47
CA ASP A 352 -17.38 -18.92 41.91
C ASP A 352 -16.41 -17.88 42.44
N TYR A 353 -16.75 -16.60 42.25
CA TYR A 353 -15.86 -15.53 42.67
C TYR A 353 -15.88 -15.40 44.19
N THR A 354 -14.70 -15.43 44.81
CA THR A 354 -14.61 -15.36 46.26
C THR A 354 -13.64 -14.26 46.68
N GLY A 355 -13.12 -13.52 45.71
CA GLY A 355 -12.12 -12.52 45.98
C GLY A 355 -10.74 -13.13 46.22
N TRP A 356 -9.76 -12.27 46.45
CA TRP A 356 -8.35 -12.67 46.59
C TRP A 356 -8.04 -13.38 47.91
N SER A 357 -7.40 -14.53 47.79
CA SER A 357 -6.84 -15.24 48.94
C SER A 357 -5.49 -15.82 48.54
N ASP A 358 -4.45 -15.53 49.32
CA ASP A 358 -3.10 -16.05 49.02
C ASP A 358 -3.09 -17.57 49.01
N ASP A 359 -3.88 -18.17 49.91
CA ASP A 359 -3.91 -19.62 50.08
C ASP A 359 -5.10 -20.29 49.39
N GLY A 360 -6.06 -19.50 48.92
CA GLY A 360 -7.25 -20.06 48.29
C GLY A 360 -7.32 -19.72 46.81
N LYS A 361 -8.46 -19.20 46.40
CA LYS A 361 -8.70 -18.85 45.01
C LYS A 361 -8.22 -17.42 44.71
N TYR A 362 -7.45 -17.24 43.63
CA TYR A 362 -6.93 -15.91 43.33
C TYR A 362 -6.88 -15.55 41.85
N SER A 363 -7.54 -16.32 40.99
CA SER A 363 -7.40 -16.06 39.55
C SER A 363 -8.55 -16.61 38.73
N TRP A 364 -8.81 -16.03 37.55
CA TRP A 364 -9.83 -16.58 36.66
C TRP A 364 -9.21 -17.61 35.72
N VAL A 365 -7.89 -17.77 35.81
CA VAL A 365 -7.18 -18.74 34.98
C VAL A 365 -7.21 -20.11 35.65
N LYS A 366 -7.54 -21.15 34.87
CA LYS A 366 -7.47 -22.52 35.36
C LYS A 366 -6.00 -22.96 35.39
N ALA A 367 -5.70 -24.03 36.13
CA ALA A 367 -4.32 -24.51 36.19
C ALA A 367 -4.23 -25.84 35.47
N PRO A 368 -3.65 -25.85 34.25
CA PRO A 368 -3.54 -27.10 33.49
C PRO A 368 -2.37 -27.97 33.94
N THR A 369 -2.51 -29.29 33.77
CA THR A 369 -1.39 -30.18 33.99
C THR A 369 -1.38 -31.18 32.87
N PHE A 370 -0.23 -31.79 32.66
CA PHE A 370 -0.11 -32.88 31.71
C PHE A 370 0.34 -34.10 32.50
N TYR A 371 -0.52 -35.10 32.57
CA TYR A 371 -0.35 -36.26 33.51
C TYR A 371 0.11 -35.77 34.86
N GLY A 372 -0.57 -34.77 35.41
CA GLY A 372 -0.24 -34.22 36.71
C GLY A 372 0.92 -33.22 36.82
N LYS A 373 1.71 -33.05 35.77
CA LYS A 373 2.83 -32.10 35.85
C LYS A 373 2.53 -30.69 35.33
N THR A 374 3.17 -29.68 35.90
CA THR A 374 3.04 -28.35 35.34
C THR A 374 4.10 -28.14 34.29
N VAL A 375 3.70 -27.43 33.24
CA VAL A 375 4.39 -27.46 31.99
C VAL A 375 4.38 -26.04 31.43
N GLU A 376 5.53 -25.60 30.96
CA GLU A 376 5.61 -24.36 30.21
C GLU A 376 5.35 -24.66 28.73
N VAL A 377 4.59 -23.78 28.07
CA VAL A 377 4.38 -23.91 26.65
C VAL A 377 4.83 -22.61 26.02
N GLY A 378 4.97 -22.62 24.71
CA GLY A 378 5.39 -21.43 23.98
C GLY A 378 6.66 -21.64 23.23
N PRO A 379 7.20 -20.58 22.63
CA PRO A 379 8.35 -20.69 21.73
C PRO A 379 9.58 -21.37 22.34
N LEU A 380 9.82 -21.17 23.64
CA LEU A 380 10.89 -21.91 24.34
C LEU A 380 10.62 -23.40 24.26
N ALA A 381 9.41 -23.81 24.65
CA ALA A 381 9.01 -25.20 24.58
C ALA A 381 9.12 -25.70 23.15
N ASN A 382 8.67 -24.90 22.17
CA ASN A 382 8.70 -25.37 20.80
C ASN A 382 10.15 -25.43 20.26
N MET A 383 11.01 -24.55 20.74
CA MET A 383 12.41 -24.58 20.33
C MET A 383 13.15 -25.79 20.90
N LEU A 384 12.95 -26.03 22.18
CA LEU A 384 13.55 -27.17 22.87
C LEU A 384 13.15 -28.49 22.21
N CYS A 385 11.85 -28.65 21.93
CA CYS A 385 11.39 -29.84 21.21
C CYS A 385 12.07 -30.03 19.85
N LYS A 386 12.16 -28.95 19.06
CA LYS A 386 12.81 -29.02 17.76
C LYS A 386 14.29 -29.35 17.87
N LEU A 387 14.97 -28.75 18.83
CA LEU A 387 16.38 -29.07 19.07
C LEU A 387 16.51 -30.56 19.42
N ALA A 388 15.61 -31.03 20.27
CA ALA A 388 15.71 -32.39 20.77
C ALA A 388 15.42 -33.35 19.62
N ALA A 389 14.64 -32.88 18.66
CA ALA A 389 14.27 -33.68 17.51
C ALA A 389 15.37 -33.64 16.46
N LYS A 390 16.43 -32.88 16.76
CA LYS A 390 17.55 -32.70 15.83
C LYS A 390 17.15 -32.06 14.51
N ARG A 391 16.22 -31.12 14.57
CA ARG A 391 15.87 -30.31 13.41
C ARG A 391 17.03 -29.39 13.08
N GLU A 392 17.70 -29.67 11.98
CA GLU A 392 18.90 -28.92 11.62
C GLU A 392 18.59 -27.45 11.48
N SER A 393 17.41 -27.13 10.95
CA SER A 393 17.03 -25.76 10.68
C SER A 393 17.00 -24.94 11.97
N THR A 394 16.43 -25.54 13.02
CA THR A 394 16.36 -24.90 14.34
C THR A 394 17.74 -24.73 15.00
N HIS A 395 18.56 -25.78 14.99
CA HIS A 395 19.93 -25.64 15.49
C HIS A 395 20.69 -24.54 14.72
N ALA A 396 20.61 -24.60 13.40
CA ALA A 396 21.30 -23.61 12.58
C ALA A 396 20.86 -22.18 12.90
N LYS A 397 19.57 -22.00 13.17
CA LYS A 397 19.06 -20.65 13.39
C LYS A 397 19.42 -20.16 14.80
N LEU A 398 19.28 -21.04 15.78
CA LEU A 398 19.75 -20.73 17.12
C LEU A 398 21.24 -20.38 17.13
N ASN A 399 22.03 -21.17 16.40
CA ASN A 399 23.46 -20.95 16.37
C ASN A 399 23.81 -19.60 15.74
N GLU A 400 23.00 -19.17 14.78
CA GLU A 400 23.19 -17.84 14.15
C GLU A 400 23.05 -16.72 15.18
N ILE A 401 22.06 -16.82 16.06
CA ILE A 401 21.86 -15.84 17.13
C ILE A 401 23.01 -15.91 18.14
N VAL A 402 23.35 -17.13 18.57
CA VAL A 402 24.50 -17.34 19.45
C VAL A 402 25.79 -16.74 18.88
N ALA A 403 26.07 -17.04 17.62
CA ALA A 403 27.25 -16.49 16.94
C ALA A 403 27.33 -14.96 17.03
N ILE A 404 26.19 -14.27 16.90
CA ILE A 404 26.20 -12.81 17.04
C ILE A 404 26.52 -12.46 18.50
N TYR A 405 25.88 -13.14 19.43
CA TYR A 405 26.15 -12.93 20.85
C TYR A 405 27.64 -13.14 21.15
N THR A 406 28.23 -14.12 20.47
CA THR A 406 29.64 -14.41 20.68
C THR A 406 30.53 -13.29 20.14
N LYS A 407 30.26 -12.85 18.92
CA LYS A 407 31.01 -11.74 18.33
C LYS A 407 30.99 -10.54 19.27
N LEU A 408 29.85 -10.35 19.95
CA LEU A 408 29.68 -9.21 20.83
C LEU A 408 30.33 -9.35 22.21
N THR A 409 30.42 -10.58 22.71
CA THR A 409 30.76 -10.78 24.12
C THR A 409 31.96 -11.68 24.37
N GLY A 410 32.33 -12.46 23.37
CA GLY A 410 33.39 -13.44 23.51
C GLY A 410 32.91 -14.68 24.25
N LYS A 411 31.61 -14.77 24.48
CA LYS A 411 31.05 -15.89 25.22
C LYS A 411 30.08 -16.70 24.38
N THR A 412 29.67 -17.85 24.88
CA THR A 412 28.67 -18.63 24.17
C THR A 412 27.45 -18.83 25.04
N ILE A 413 26.45 -19.50 24.49
CA ILE A 413 25.22 -19.79 25.21
C ILE A 413 24.96 -21.28 25.07
N GLU A 414 24.96 -21.99 26.20
CA GLU A 414 24.73 -23.43 26.20
C GLU A 414 23.24 -23.67 26.36
N VAL A 415 22.82 -24.90 26.10
CA VAL A 415 21.42 -25.27 26.16
C VAL A 415 20.84 -25.04 27.57
N ALA A 416 21.67 -25.21 28.60
CA ALA A 416 21.23 -24.96 29.97
C ALA A 416 20.76 -23.52 30.18
N GLN A 417 21.38 -22.59 29.47
CA GLN A 417 21.03 -21.17 29.65
C GLN A 417 19.78 -20.77 28.87
N LEU A 418 19.20 -21.71 28.14
CA LEU A 418 17.97 -21.44 27.40
C LEU A 418 16.77 -21.51 28.36
N HIS A 419 16.93 -22.21 29.47
CA HIS A 419 15.88 -22.25 30.51
C HIS A 419 15.87 -20.94 31.32
N SER A 420 15.43 -19.86 30.68
CA SER A 420 15.66 -18.54 31.22
C SER A 420 14.82 -17.47 30.50
N THR A 421 14.72 -16.29 31.12
CA THR A 421 14.00 -15.17 30.53
C THR A 421 14.49 -14.86 29.10
N LEU A 422 15.80 -14.74 28.91
CA LEU A 422 16.34 -14.51 27.57
C LEU A 422 16.22 -15.73 26.67
N GLY A 423 16.34 -16.93 27.23
CA GLY A 423 16.18 -18.15 26.43
C GLY A 423 14.79 -18.23 25.81
N ARG A 424 13.82 -17.71 26.54
CA ARG A 424 12.43 -17.73 26.15
C ARG A 424 12.24 -16.72 25.00
N ILE A 425 12.89 -15.57 25.12
CA ILE A 425 12.85 -14.54 24.10
C ILE A 425 13.51 -15.06 22.83
N ILE A 426 14.60 -15.81 23.03
CA ILE A 426 15.37 -16.37 21.92
C ILE A 426 14.55 -17.41 21.14
N GLY A 427 13.83 -18.27 21.86
CA GLY A 427 12.96 -19.25 21.25
C GLY A 427 11.92 -18.61 20.31
N ARG A 428 11.40 -17.47 20.71
CA ARG A 428 10.38 -16.75 19.94
C ARG A 428 11.02 -16.16 18.66
N THR A 429 12.25 -15.68 18.78
CA THR A 429 12.94 -15.09 17.62
C THR A 429 13.26 -16.18 16.62
N VAL A 430 13.74 -17.32 17.13
CA VAL A 430 14.00 -18.47 16.26
C VAL A 430 12.72 -18.89 15.52
N HIS A 431 11.61 -18.98 16.27
CA HIS A 431 10.30 -19.33 15.68
C HIS A 431 10.00 -18.37 14.52
N CYS A 432 10.08 -17.09 14.79
CA CYS A 432 9.79 -16.11 13.76
C CYS A 432 10.68 -16.27 12.51
N CYS A 433 11.97 -16.49 12.73
CA CYS A 433 12.88 -16.73 11.61
C CYS A 433 12.51 -17.97 10.78
N GLU A 434 12.22 -19.09 11.45
CA GLU A 434 11.87 -20.30 10.74
C GLU A 434 10.55 -20.19 9.99
N LEU A 435 9.66 -19.35 10.50
CA LEU A 435 8.34 -19.18 9.88
C LEU A 435 8.43 -18.53 8.49
N GLN A 436 9.51 -17.81 8.22
CA GLN A 436 9.65 -17.20 6.90
C GLN A 436 9.82 -18.26 5.83
N ASN A 437 10.56 -19.33 6.15
CA ASN A 437 10.64 -20.46 5.22
C ASN A 437 9.34 -21.25 5.11
N VAL A 438 8.58 -21.36 6.20
CA VAL A 438 7.22 -21.92 6.12
C VAL A 438 6.36 -21.15 5.11
N LEU A 439 6.38 -19.83 5.19
CA LEU A 439 5.63 -19.00 4.23
C LEU A 439 6.04 -19.25 2.77
N GLN A 440 7.34 -19.29 2.48
CA GLN A 440 7.80 -19.53 1.11
C GLN A 440 7.39 -20.93 0.62
N ASP A 441 7.63 -21.93 1.45
CA ASP A 441 7.35 -23.33 1.12
C ASP A 441 5.86 -23.54 0.85
N GLN A 442 5.01 -22.97 1.69
CA GLN A 442 3.58 -23.24 1.59
C GLN A 442 2.95 -22.44 0.45
N TYR A 443 3.43 -21.22 0.22
CA TYR A 443 3.00 -20.51 -1.01
C TYR A 443 3.34 -21.32 -2.26
N ASN A 444 4.60 -21.75 -2.39
CA ASN A 444 5.01 -22.54 -3.53
CA ASN A 444 5.02 -22.54 -3.54
C ASN A 444 4.19 -23.82 -3.68
N ALA A 445 3.97 -24.51 -2.56
CA ALA A 445 3.17 -25.73 -2.59
C ALA A 445 1.75 -25.49 -3.11
N LEU A 446 1.16 -24.37 -2.71
CA LEU A 446 -0.17 -24.02 -3.17
C LEU A 446 -0.15 -23.76 -4.69
N ILE A 447 0.81 -22.97 -5.14
CA ILE A 447 0.97 -22.68 -6.57
C ILE A 447 1.10 -23.96 -7.37
N VAL A 448 1.99 -24.86 -6.94
CA VAL A 448 2.19 -26.12 -7.67
C VAL A 448 0.95 -27.02 -7.61
N ASN A 449 0.27 -27.05 -6.47
CA ASN A 449 -0.91 -27.93 -6.36
C ASN A 449 -2.04 -27.47 -7.27
N ILE A 450 -2.29 -26.16 -7.29
CA ILE A 450 -3.25 -25.59 -8.23
C ILE A 450 -2.90 -25.96 -9.67
N GLY A 451 -1.60 -25.97 -9.97
CA GLY A 451 -1.10 -26.30 -11.30
C GLY A 451 -1.43 -27.72 -11.70
N LYS A 452 -1.50 -28.61 -10.72
CA LYS A 452 -1.83 -30.00 -10.98
C LYS A 452 -3.33 -30.20 -11.23
N GLY A 453 -4.10 -29.12 -11.12
CA GLY A 453 -5.52 -29.19 -11.37
C GLY A 453 -6.38 -29.27 -10.13
N ASP A 454 -5.77 -29.22 -8.95
CA ASP A 454 -6.52 -29.36 -7.72
C ASP A 454 -6.99 -28.02 -7.18
N HIS A 455 -8.28 -27.75 -7.29
CA HIS A 455 -8.85 -26.50 -6.78
C HIS A 455 -9.78 -26.75 -5.60
N THR A 456 -9.72 -27.96 -5.04
CA THR A 456 -10.59 -28.33 -3.93
C THR A 456 -10.19 -27.60 -2.64
N THR A 457 -11.18 -27.02 -2.00
CA THR A 457 -10.93 -26.25 -0.79
C THR A 457 -11.84 -26.64 0.36
N PHE A 458 -12.86 -27.46 0.08
CA PHE A 458 -13.91 -27.72 1.06
C PHE A 458 -14.47 -29.13 1.01
N VAL A 459 -14.57 -29.75 2.18
CA VAL A 459 -15.29 -31.00 2.37
C VAL A 459 -16.50 -30.70 3.24
N LYS A 460 -17.69 -31.00 2.73
CA LYS A 460 -18.93 -30.79 3.46
C LYS A 460 -19.07 -31.70 4.69
N PRO A 461 -19.18 -31.09 5.89
CA PRO A 461 -19.34 -31.89 7.10
C PRO A 461 -20.68 -32.59 7.09
N ASP A 462 -20.69 -33.84 7.50
CA ASP A 462 -21.93 -34.54 7.78
C ASP A 462 -22.05 -34.58 9.28
N ILE A 463 -22.93 -33.74 9.83
CA ILE A 463 -23.12 -33.78 11.27
C ILE A 463 -24.44 -34.51 11.62
N PRO A 464 -24.31 -35.69 12.22
CA PRO A 464 -25.48 -36.55 12.48
C PRO A 464 -26.45 -35.88 13.42
N ALA A 465 -27.74 -36.08 13.19
CA ALA A 465 -28.75 -35.40 13.98
C ALA A 465 -28.84 -36.01 15.37
N THR A 466 -28.30 -37.22 15.53
CA THR A 466 -28.30 -37.90 16.81
C THR A 466 -26.91 -38.49 17.08
N GLY A 467 -26.63 -38.80 18.35
CA GLY A 467 -25.37 -39.40 18.71
C GLY A 467 -24.40 -38.39 19.31
N GLU A 468 -23.37 -38.89 20.01
CA GLU A 468 -22.38 -38.03 20.65
C GLU A 468 -21.04 -38.14 19.95
N PHE A 469 -20.42 -36.99 19.67
CA PHE A 469 -19.11 -36.97 19.02
C PHE A 469 -18.19 -35.99 19.73
N LYS A 470 -16.96 -36.42 19.99
CA LYS A 470 -16.03 -35.53 20.67
C LYS A 470 -14.81 -35.29 19.80
N GLY A 471 -14.32 -34.06 19.81
CA GLY A 471 -13.25 -33.66 18.90
C GLY A 471 -12.28 -32.78 19.62
N VAL A 472 -11.00 -32.85 19.24
CA VAL A 472 -10.03 -31.92 19.81
C VAL A 472 -9.14 -31.36 18.72
N GLY A 473 -8.96 -30.05 18.76
CA GLY A 473 -8.18 -29.36 17.73
C GLY A 473 -6.94 -28.76 18.37
N PHE A 474 -5.77 -29.26 17.98
CA PHE A 474 -4.52 -28.73 18.49
C PHE A 474 -3.94 -27.71 17.53
N LEU A 475 -3.20 -26.76 18.06
CA LEU A 475 -2.54 -25.75 17.23
C LEU A 475 -1.38 -25.16 18.02
N GLU A 476 -0.22 -25.01 17.38
CA GLU A 476 0.92 -24.39 18.03
C GLU A 476 0.88 -22.89 17.75
N ALA A 477 0.32 -22.15 18.70
CA ALA A 477 0.07 -20.70 18.56
C ALA A 477 1.33 -19.91 18.90
N PRO A 478 1.35 -18.59 18.59
CA PRO A 478 2.50 -17.75 18.96
C PRO A 478 2.95 -17.94 20.42
N ARG A 479 2.01 -18.22 21.31
CA ARG A 479 2.33 -18.33 22.73
C ARG A 479 2.41 -19.78 23.23
N GLY A 480 2.16 -20.75 22.37
CA GLY A 480 2.26 -22.15 22.77
C GLY A 480 1.12 -23.04 22.32
N MET A 481 1.13 -24.28 22.82
CA MET A 481 0.14 -25.27 22.41
C MET A 481 -1.26 -24.83 22.83
N LEU A 482 -2.15 -24.75 21.84
CA LEU A 482 -3.56 -24.38 22.04
C LEU A 482 -4.38 -25.63 21.75
N SER A 483 -5.42 -25.87 22.54
CA SER A 483 -6.34 -26.96 22.21
C SER A 483 -7.79 -26.56 22.49
N HIS A 484 -8.65 -26.86 21.51
CA HIS A 484 -10.09 -26.67 21.65
C HIS A 484 -10.75 -28.02 21.70
N TRP A 485 -11.66 -28.17 22.66
CA TRP A 485 -12.27 -29.47 22.95
C TRP A 485 -13.76 -29.32 22.79
N MET A 486 -14.31 -29.99 21.78
CA MET A 486 -15.72 -29.87 21.43
C MET A 486 -16.41 -31.20 21.67
N VAL A 487 -17.54 -31.17 22.35
CA VAL A 487 -18.41 -32.34 22.38
C VAL A 487 -19.71 -31.98 21.69
N ILE A 488 -20.07 -32.79 20.71
CA ILE A 488 -21.33 -32.61 20.01
C ILE A 488 -22.33 -33.66 20.48
N LYS A 489 -23.55 -33.22 20.77
CA LYS A 489 -24.61 -34.16 21.09
C LYS A 489 -25.89 -33.77 20.39
N ASP A 490 -26.42 -34.69 19.59
CA ASP A 490 -27.64 -34.48 18.81
C ASP A 490 -27.51 -33.28 17.90
N GLY A 491 -26.37 -33.18 17.23
CA GLY A 491 -26.14 -32.13 16.23
C GLY A 491 -25.77 -30.76 16.74
N ILE A 492 -25.65 -30.60 18.06
CA ILE A 492 -25.25 -29.32 18.63
C ILE A 492 -24.15 -29.44 19.68
N ILE A 493 -23.50 -28.31 19.98
CA ILE A 493 -22.40 -28.34 20.95
C ILE A 493 -22.89 -28.54 22.40
N SER A 494 -22.54 -29.67 23.02
CA SER A 494 -22.96 -29.95 24.39
C SER A 494 -21.90 -29.51 25.40
N ASN A 495 -20.64 -29.51 24.98
CA ASN A 495 -19.59 -28.98 25.81
C ASN A 495 -18.49 -28.36 24.95
N TYR A 496 -17.90 -27.29 25.44
CA TYR A 496 -16.80 -26.67 24.72
C TYR A 496 -15.83 -26.17 25.75
N GLN A 497 -14.58 -26.60 25.62
CA GLN A 497 -13.55 -26.14 26.53
C GLN A 497 -12.29 -25.80 25.74
N ALA A 498 -11.72 -24.65 26.06
CA ALA A 498 -10.48 -24.22 25.45
C ALA A 498 -9.38 -24.28 26.48
N VAL A 499 -8.28 -24.93 26.12
CA VAL A 499 -7.08 -24.88 26.95
C VAL A 499 -6.00 -24.14 26.16
N VAL A 500 -5.66 -22.96 26.63
CA VAL A 500 -4.96 -21.96 25.81
C VAL A 500 -3.53 -21.82 26.36
N PRO A 501 -2.54 -21.48 25.51
CA PRO A 501 -1.16 -21.51 26.03
C PRO A 501 -0.94 -20.64 27.25
N SER A 502 -1.51 -19.43 27.31
CA SER A 502 -1.32 -18.60 28.48
C SER A 502 -2.07 -19.17 29.69
N THR A 503 -2.97 -20.12 29.47
CA THR A 503 -3.57 -20.86 30.58
C THR A 503 -2.49 -21.73 31.23
N TRP A 504 -1.70 -22.42 30.42
CA TRP A 504 -0.61 -23.24 30.97
C TRP A 504 0.37 -22.37 31.74
N ASN A 505 0.81 -21.29 31.12
CA ASN A 505 1.86 -20.47 31.69
C ASN A 505 1.43 -19.57 32.84
N SER A 506 0.25 -18.94 32.75
CA SER A 506 -0.18 -18.02 33.80
C SER A 506 -1.06 -18.70 34.85
N GLY A 507 -1.24 -20.01 34.72
CA GLY A 507 -2.12 -20.74 35.64
C GLY A 507 -1.67 -20.58 37.09
N PRO A 508 -2.62 -20.51 38.00
CA PRO A 508 -2.27 -20.35 39.41
C PRO A 508 -1.82 -21.70 39.98
N ARG A 509 -1.49 -21.74 41.26
CA ARG A 509 -1.25 -23.00 41.97
C ARG A 509 -2.32 -24.05 41.62
N ASN A 510 -1.88 -25.28 41.37
CA ASN A 510 -2.79 -26.31 40.89
C ASN A 510 -3.40 -27.21 42.00
N PHE A 511 -3.88 -28.39 41.63
CA PHE A 511 -4.59 -29.25 42.59
C PHE A 511 -3.65 -29.70 43.72
N ASN A 512 -2.35 -29.79 43.43
CA ASN A 512 -1.39 -30.12 44.50
C ASN A 512 -0.58 -28.92 44.95
N ASP A 513 -1.12 -27.74 44.66
CA ASP A 513 -0.52 -26.46 45.03
C ASP A 513 0.80 -26.12 44.33
N GLU A 514 1.16 -26.83 43.24
CA GLU A 514 2.33 -26.44 42.48
C GLU A 514 2.07 -25.14 41.69
N VAL A 515 2.93 -24.13 41.89
CA VAL A 515 2.82 -22.86 41.19
C VAL A 515 2.94 -23.03 39.67
N GLY A 516 2.35 -22.11 38.91
CA GLY A 516 2.48 -22.15 37.46
C GLY A 516 3.79 -21.53 37.00
N PRO A 517 4.05 -21.58 35.68
CA PRO A 517 5.31 -21.05 35.14
C PRO A 517 5.59 -19.60 35.45
N TYR A 518 4.66 -18.68 35.23
CA TYR A 518 4.88 -17.29 35.62
C TYR A 518 5.34 -17.19 37.08
N GLU A 519 4.64 -17.92 37.95
CA GLU A 519 4.87 -17.85 39.39
C GLU A 519 6.23 -18.42 39.81
N ARG A 520 6.59 -19.55 39.20
CA ARG A 520 7.90 -20.13 39.39
C ARG A 520 9.01 -19.23 38.84
N SER A 521 8.78 -18.62 37.67
CA SER A 521 9.83 -17.86 37.00
C SER A 521 10.22 -16.63 37.82
N LEU A 522 9.31 -16.15 38.66
CA LEU A 522 9.59 -14.92 39.39
C LEU A 522 10.48 -15.14 40.61
N VAL A 523 10.50 -16.35 41.13
CA VAL A 523 11.32 -16.63 42.31
C VAL A 523 12.81 -16.47 41.97
N GLY A 524 13.48 -15.60 42.71
CA GLY A 524 14.87 -15.32 42.44
C GLY A 524 15.09 -13.99 41.74
N THR A 525 14.01 -13.33 41.33
CA THR A 525 14.12 -12.06 40.58
C THR A 525 14.65 -10.94 41.47
N PRO A 526 15.79 -10.33 41.10
CA PRO A 526 16.34 -9.23 41.91
C PRO A 526 15.49 -7.98 41.78
N ILE A 527 15.33 -7.27 42.88
CA ILE A 527 14.54 -6.05 42.87
C ILE A 527 15.38 -4.86 43.37
N ALA A 528 15.67 -3.91 42.49
CA ALA A 528 16.48 -2.75 42.89
C ALA A 528 15.62 -1.74 43.63
N ASP A 529 14.37 -1.63 43.21
CA ASP A 529 13.44 -0.68 43.77
C ASP A 529 12.04 -1.26 43.73
N PRO A 530 11.54 -1.73 44.89
CA PRO A 530 10.22 -2.35 45.03
C PRO A 530 9.06 -1.46 44.57
N ASN A 531 9.28 -0.15 44.49
CA ASN A 531 8.22 0.69 43.97
C ASN A 531 8.23 0.71 42.44
N LYS A 532 9.34 0.24 41.86
CA LYS A 532 9.47 0.18 40.40
C LYS A 532 9.99 -1.19 39.96
N PRO A 533 9.21 -2.25 40.19
CA PRO A 533 9.66 -3.61 39.95
C PRO A 533 9.75 -3.99 38.47
N LEU A 534 10.56 -3.22 37.72
CA LEU A 534 10.91 -3.49 36.33
C LEU A 534 11.34 -4.94 36.14
N GLU A 535 12.03 -5.48 37.13
CA GLU A 535 12.64 -6.80 36.95
C GLU A 535 11.61 -7.92 36.84
N VAL A 536 10.49 -7.80 37.55
CA VAL A 536 9.46 -8.83 37.42
C VAL A 536 8.73 -8.72 36.08
N VAL A 537 8.48 -7.48 35.65
CA VAL A 537 7.79 -7.20 34.39
C VAL A 537 8.60 -7.75 33.24
N ARG A 538 9.92 -7.67 33.36
CA ARG A 538 10.85 -8.21 32.37
C ARG A 538 10.69 -9.71 32.15
N THR A 539 10.69 -10.46 33.25
CA THR A 539 10.46 -11.90 33.20
C THR A 539 9.06 -12.28 32.72
N ILE A 540 8.04 -11.61 33.25
CA ILE A 540 6.67 -11.92 32.89
C ILE A 540 6.41 -11.65 31.40
N HIS A 541 6.90 -10.53 30.90
CA HIS A 541 6.76 -10.22 29.47
C HIS A 541 7.41 -11.28 28.59
N SER A 542 8.45 -11.97 29.10
CA SER A 542 9.12 -12.96 28.25
C SER A 542 8.18 -14.09 27.84
N PHE A 543 7.11 -14.30 28.60
CA PHE A 543 6.12 -15.32 28.28
C PHE A 543 5.07 -14.81 27.31
N ASP A 544 5.11 -13.51 26.99
CA ASP A 544 4.13 -12.93 26.06
C ASP A 544 2.68 -13.15 26.59
N PRO A 545 2.38 -12.66 27.81
CA PRO A 545 1.08 -13.00 28.42
C PRO A 545 -0.09 -12.52 27.57
N CYS A 546 -1.08 -13.40 27.43
CA CYS A 546 -2.34 -13.01 26.83
C CYS A 546 -3.47 -13.45 27.73
N MET A 547 -4.05 -12.53 28.48
CA MET A 547 -5.02 -12.91 29.51
C MET A 547 -6.44 -13.14 28.99
N SER A 548 -6.83 -12.52 27.88
CA SER A 548 -8.14 -12.86 27.31
C SER A 548 -8.06 -14.28 26.80
N CYS A 549 -6.89 -14.62 26.30
CA CYS A 549 -6.61 -16.02 25.99
C CYS A 549 -6.58 -16.92 27.22
N ALA A 550 -5.88 -16.49 28.27
CA ALA A 550 -5.73 -17.35 29.46
C ALA A 550 -7.08 -17.73 30.08
N VAL A 551 -8.00 -16.78 30.08
CA VAL A 551 -9.25 -16.91 30.83
C VAL A 551 -10.47 -17.22 29.96
N HIS A 552 -10.56 -16.55 28.81
CA HIS A 552 -11.69 -16.68 27.90
C HIS A 552 -13.04 -16.64 28.63
N PRO B 9 3.61 22.67 19.82
CA PRO B 9 2.24 22.48 19.36
C PRO B 9 1.60 21.27 20.06
N GLN B 10 0.56 21.52 20.85
CA GLN B 10 -0.02 20.50 21.73
C GLN B 10 -1.00 19.59 21.00
N ARG B 11 -0.93 18.28 21.27
CA ARG B 11 -1.78 17.33 20.60
C ARG B 11 -2.98 16.97 21.46
N PRO B 12 -4.15 16.73 20.84
CA PRO B 12 -5.38 16.42 21.57
C PRO B 12 -5.25 15.14 22.39
N PRO B 13 -5.57 15.21 23.70
CA PRO B 13 -5.44 14.07 24.62
C PRO B 13 -6.53 13.01 24.44
N VAL B 14 -6.10 11.74 24.48
CA VAL B 14 -7.01 10.62 24.43
C VAL B 14 -6.70 9.65 25.58
N ILE B 15 -7.77 9.14 26.20
CA ILE B 15 -7.65 8.15 27.26
C ILE B 15 -8.41 6.93 26.83
N TRP B 16 -7.72 5.79 26.78
CA TRP B 16 -8.30 4.56 26.26
C TRP B 16 -8.44 3.55 27.39
N ILE B 17 -9.66 3.12 27.68
CA ILE B 17 -9.86 2.11 28.72
C ILE B 17 -10.41 0.81 28.16
N GLY B 18 -9.73 -0.29 28.49
CA GLY B 18 -10.17 -1.61 28.06
C GLY B 18 -10.97 -2.31 29.13
N ALA B 19 -12.19 -2.74 28.79
CA ALA B 19 -13.04 -3.47 29.72
C ALA B 19 -12.94 -4.97 29.41
N GLN B 20 -14.03 -5.61 29.01
CA GLN B 20 -13.95 -7.01 28.57
C GLN B 20 -13.60 -7.07 27.08
N GLU B 21 -12.33 -6.82 26.76
CA GLU B 21 -11.88 -6.66 25.38
C GLU B 21 -10.95 -7.79 24.99
N CYS B 22 -11.02 -8.23 23.74
CA CYS B 22 -10.09 -9.25 23.24
C CYS B 22 -8.84 -8.60 22.68
N THR B 23 -8.82 -7.26 22.70
CA THR B 23 -7.71 -6.43 22.19
C THR B 23 -7.73 -6.26 20.64
N GLY B 24 -8.67 -6.91 19.96
CA GLY B 24 -8.78 -6.75 18.52
C GLY B 24 -9.01 -5.30 18.10
N CYS B 25 -9.70 -4.53 18.93
CA CYS B 25 -9.95 -3.13 18.55
C CYS B 25 -8.67 -2.29 18.63
N THR B 26 -7.83 -2.54 19.61
CA THR B 26 -6.53 -1.89 19.70
C THR B 26 -5.66 -2.38 18.54
N GLU B 27 -5.70 -3.68 18.26
CA GLU B 27 -4.93 -4.27 17.17
C GLU B 27 -5.27 -3.69 15.81
N SER B 28 -6.51 -3.28 15.62
CA SER B 28 -6.92 -2.74 14.32
C SER B 28 -6.06 -1.50 13.98
N LEU B 29 -5.67 -0.75 15.00
CA LEU B 29 -4.80 0.41 14.80
C LEU B 29 -3.46 0.06 14.15
N LEU B 30 -2.98 -1.16 14.38
CA LEU B 30 -1.67 -1.60 13.87
C LEU B 30 -1.75 -1.92 12.38
N ARG B 31 -2.97 -1.92 11.83
CA ARG B 31 -3.16 -2.12 10.40
C ARG B 31 -3.41 -0.79 9.71
N ALA B 32 -3.67 0.26 10.49
CA ALA B 32 -4.11 1.53 9.92
C ALA B 32 -3.01 2.17 9.08
N THR B 33 -3.39 3.01 8.13
CA THR B 33 -2.41 3.63 7.27
C THR B 33 -2.60 5.14 7.16
N HIS B 34 -3.72 5.67 7.69
CA HIS B 34 -3.97 7.10 7.60
C HIS B 34 -4.80 7.67 8.76
N PRO B 35 -4.17 7.86 9.93
CA PRO B 35 -2.73 7.66 10.14
C PRO B 35 -2.34 6.25 10.58
N THR B 36 -1.10 5.87 10.26
CA THR B 36 -0.47 4.71 10.93
C THR B 36 -0.44 4.88 12.46
N VAL B 37 -0.34 3.80 13.24
CA VAL B 37 -0.29 3.96 14.70
C VAL B 37 0.82 4.86 15.17
N GLU B 38 2.00 4.73 14.56
CA GLU B 38 3.11 5.52 15.04
C GLU B 38 2.86 7.02 14.77
N ASN B 39 2.25 7.33 13.63
CA ASN B 39 1.86 8.73 13.36
C ASN B 39 0.70 9.21 14.23
N LEU B 40 -0.27 8.33 14.45
CA LEU B 40 -1.35 8.57 15.41
C LEU B 40 -0.80 9.03 16.77
N VAL B 41 0.15 8.28 17.33
CA VAL B 41 0.55 8.51 18.71
C VAL B 41 1.60 9.62 18.88
N LEU B 42 2.35 9.92 17.83
CA LEU B 42 3.41 10.92 17.90
C LEU B 42 2.98 12.26 17.31
N GLU B 43 2.00 12.23 16.43
CA GLU B 43 1.60 13.44 15.71
C GLU B 43 0.15 13.82 15.92
N THR B 44 -0.76 12.87 15.77
CA THR B 44 -2.19 13.20 15.70
C THR B 44 -2.82 13.49 17.05
N ILE B 45 -2.66 12.56 17.98
CA ILE B 45 -3.20 12.72 19.32
C ILE B 45 -2.08 12.55 20.31
N SER B 46 -2.36 12.87 21.58
CA SER B 46 -1.52 12.43 22.66
C SER B 46 -2.27 11.30 23.37
N LEU B 47 -1.74 10.10 23.30
CA LEU B 47 -2.43 8.96 23.89
C LEU B 47 -1.95 8.86 25.32
N GLU B 48 -2.79 9.32 26.25
CA GLU B 48 -2.36 9.58 27.62
C GLU B 48 -2.41 8.33 28.48
N TYR B 49 -3.33 7.44 28.15
CA TYR B 49 -3.43 6.15 28.85
C TYR B 49 -3.86 5.09 27.84
N HIS B 50 -3.09 4.01 27.80
CA HIS B 50 -3.44 2.82 27.05
C HIS B 50 -2.68 1.62 27.61
N GLU B 51 -3.41 0.72 28.23
CA GLU B 51 -2.86 -0.45 28.94
C GLU B 51 -1.91 -1.26 28.07
N VAL B 52 -2.24 -1.41 26.79
CA VAL B 52 -1.47 -2.29 25.92
C VAL B 52 -0.13 -1.68 25.50
N LEU B 53 -0.06 -0.37 25.43
CA LEU B 53 1.14 0.28 24.87
C LEU B 53 2.00 1.06 25.87
N SER B 54 1.45 1.33 27.04
CA SER B 54 2.13 2.19 28.02
C SER B 54 3.46 1.62 28.51
N ALA B 55 4.49 2.45 28.53
CA ALA B 55 5.77 2.07 29.12
C ALA B 55 5.60 1.79 30.62
N ALA B 56 4.88 2.66 31.30
CA ALA B 56 4.64 2.49 32.74
C ALA B 56 3.70 1.32 33.01
N PHE B 57 3.86 0.69 34.18
CA PHE B 57 2.94 -0.34 34.61
C PHE B 57 2.43 -0.03 36.03
N GLY B 58 1.45 -0.81 36.49
CA GLY B 58 1.01 -0.80 37.87
C GLY B 58 0.69 0.57 38.44
N HIS B 59 1.28 0.89 39.59
CA HIS B 59 0.99 2.14 40.30
C HIS B 59 1.34 3.37 39.45
N GLN B 60 2.46 3.27 38.73
CA GLN B 60 2.93 4.33 37.86
C GLN B 60 1.95 4.69 36.74
N VAL B 61 1.36 3.67 36.11
CA VAL B 61 0.47 3.92 34.99
C VAL B 61 -0.87 4.42 35.51
N GLU B 62 -1.26 3.97 36.71
CA GLU B 62 -2.48 4.47 37.32
C GLU B 62 -2.28 5.93 37.76
N GLU B 63 -1.05 6.30 38.10
CA GLU B 63 -0.71 7.70 38.35
C GLU B 63 -0.94 8.50 37.08
N ASN B 64 -0.40 8.01 35.97
CA ASN B 64 -0.55 8.67 34.68
C ASN B 64 -2.02 8.90 34.33
N LYS B 65 -2.87 7.92 34.65
CA LYS B 65 -4.29 8.06 34.35
C LYS B 65 -4.89 9.18 35.19
N HIS B 66 -4.64 9.14 36.50
CA HIS B 66 -5.16 10.15 37.40
C HIS B 66 -4.72 11.57 37.00
N ASN B 67 -3.42 11.72 36.72
CA ASN B 67 -2.86 12.98 36.24
C ASN B 67 -3.51 13.51 34.94
N ALA B 68 -3.69 12.63 33.96
CA ALA B 68 -4.27 13.02 32.66
C ALA B 68 -5.74 13.38 32.79
N LEU B 69 -6.46 12.61 33.61
CA LEU B 69 -7.86 12.87 33.88
C LEU B 69 -8.06 14.25 34.50
N GLU B 70 -7.13 14.63 35.37
CA GLU B 70 -7.20 15.94 36.02
C GLU B 70 -6.75 17.05 35.06
N LYS B 71 -5.54 16.92 34.53
CA LYS B 71 -4.96 17.92 33.64
C LYS B 71 -5.81 18.26 32.42
N TYR B 72 -6.44 17.24 31.83
CA TYR B 72 -7.19 17.40 30.59
C TYR B 72 -8.69 17.31 30.80
N LYS B 73 -9.12 17.53 32.04
CA LYS B 73 -10.54 17.59 32.36
C LYS B 73 -11.31 18.48 31.38
N GLY B 74 -12.36 17.91 30.77
CA GLY B 74 -13.15 18.60 29.76
C GLY B 74 -12.53 18.66 28.38
N GLN B 75 -11.39 18.00 28.19
CA GLN B 75 -10.66 18.08 26.91
C GLN B 75 -10.39 16.73 26.22
N TYR B 76 -10.25 15.65 27.00
CA TYR B 76 -9.87 14.38 26.41
C TYR B 76 -11.03 13.65 25.75
N VAL B 77 -10.74 12.87 24.72
CA VAL B 77 -11.72 11.92 24.28
C VAL B 77 -11.43 10.60 24.97
N LEU B 78 -12.50 10.01 25.48
CA LEU B 78 -12.43 8.75 26.20
C LEU B 78 -12.85 7.68 25.20
N VAL B 79 -12.00 6.70 25.00
CA VAL B 79 -12.34 5.56 24.17
C VAL B 79 -12.48 4.33 25.07
N VAL B 80 -13.50 3.53 24.82
CA VAL B 80 -13.66 2.25 25.53
C VAL B 80 -13.84 1.11 24.53
N ASP B 81 -13.07 0.04 24.69
CA ASP B 81 -13.35 -1.20 23.97
C ASP B 81 -13.66 -2.32 24.95
N GLY B 82 -14.39 -3.32 24.48
CA GLY B 82 -14.85 -4.39 25.35
C GLY B 82 -16.20 -4.07 25.97
N SER B 83 -16.93 -5.10 26.36
CA SER B 83 -18.21 -4.92 27.02
C SER B 83 -17.96 -4.64 28.50
N ILE B 84 -19.00 -4.18 29.20
CA ILE B 84 -18.91 -3.83 30.61
C ILE B 84 -19.78 -4.81 31.40
N PRO B 85 -19.16 -5.64 32.27
CA PRO B 85 -19.96 -6.63 33.00
C PRO B 85 -20.57 -6.07 34.30
N LEU B 86 -21.89 -6.09 34.40
CA LEU B 86 -22.54 -5.48 35.57
C LEU B 86 -22.95 -6.52 36.63
N LYS B 87 -23.00 -7.79 36.24
CA LYS B 87 -23.43 -8.84 37.15
C LYS B 87 -22.50 -8.97 38.34
N ASP B 88 -23.06 -9.33 39.50
CA ASP B 88 -22.27 -9.56 40.70
C ASP B 88 -21.44 -8.33 41.06
N ASN B 89 -22.05 -7.16 40.85
CA ASN B 89 -21.47 -5.89 41.22
C ASN B 89 -20.13 -5.60 40.55
N GLY B 90 -20.01 -5.93 39.26
CA GLY B 90 -18.86 -5.55 38.46
C GLY B 90 -17.58 -6.36 38.59
N ILE B 91 -17.60 -7.46 39.34
CA ILE B 91 -16.35 -8.17 39.63
C ILE B 91 -15.72 -8.94 38.47
N TYR B 92 -16.48 -9.17 37.39
CA TYR B 92 -15.98 -9.92 36.23
C TYR B 92 -14.94 -9.16 35.39
N CYS B 93 -14.68 -7.90 35.73
CA CYS B 93 -13.53 -7.19 35.16
C CYS B 93 -13.00 -6.23 36.20
N MET B 94 -11.88 -6.59 36.82
CA MET B 94 -11.29 -5.80 37.90
C MET B 94 -9.88 -5.38 37.52
N VAL B 95 -9.62 -4.08 37.44
CA VAL B 95 -8.23 -3.65 37.34
C VAL B 95 -7.86 -2.70 38.48
N ALA B 96 -6.62 -2.80 38.95
CA ALA B 96 -6.15 -2.09 40.13
C ALA B 96 -7.12 -2.27 41.30
N GLY B 97 -7.73 -3.44 41.38
CA GLY B 97 -8.58 -3.80 42.51
C GLY B 97 -9.99 -3.27 42.46
N GLU B 98 -10.40 -2.69 41.34
CA GLU B 98 -11.74 -2.10 41.22
C GLU B 98 -12.49 -2.53 39.96
N PRO B 99 -13.83 -2.59 40.04
CA PRO B 99 -14.61 -2.90 38.84
C PRO B 99 -14.35 -1.89 37.72
N ILE B 100 -14.22 -2.39 36.50
CA ILE B 100 -13.89 -1.53 35.37
C ILE B 100 -15.02 -0.52 35.15
N VAL B 101 -16.23 -0.90 35.54
CA VAL B 101 -17.39 0.01 35.44
C VAL B 101 -17.16 1.30 36.22
N ASP B 102 -16.40 1.22 37.32
CA ASP B 102 -16.06 2.40 38.12
C ASP B 102 -14.99 3.28 37.48
N HIS B 103 -13.96 2.66 36.91
CA HIS B 103 -12.93 3.39 36.19
C HIS B 103 -13.59 4.18 35.05
N ILE B 104 -14.55 3.54 34.40
CA ILE B 104 -15.17 4.13 33.23
C ILE B 104 -16.11 5.28 33.60
N ARG B 105 -16.86 5.14 34.68
CA ARG B 105 -17.74 6.24 35.10
C ARG B 105 -16.93 7.44 35.60
N ARG B 106 -15.82 7.18 36.27
CA ARG B 106 -14.93 8.27 36.70
C ARG B 106 -14.38 9.03 35.49
N ALA B 107 -13.84 8.31 34.52
CA ALA B 107 -13.21 8.95 33.36
C ALA B 107 -14.23 9.65 32.48
N ALA B 108 -15.46 9.14 32.49
CA ALA B 108 -16.50 9.71 31.62
C ALA B 108 -16.92 11.09 32.11
N GLU B 109 -16.67 11.36 33.39
CA GLU B 109 -17.07 12.63 33.98
C GLU B 109 -16.42 13.83 33.33
N GLY B 110 -15.11 13.78 33.11
CA GLY B 110 -14.41 14.91 32.52
C GLY B 110 -14.11 14.77 31.03
N ALA B 111 -14.89 13.96 30.33
CA ALA B 111 -14.65 13.71 28.91
C ALA B 111 -15.26 14.77 27.99
N ALA B 112 -14.47 15.22 27.02
CA ALA B 112 -14.95 16.10 25.97
C ALA B 112 -15.84 15.31 25.01
N ALA B 113 -15.44 14.08 24.72
CA ALA B 113 -16.23 13.19 23.88
C ALA B 113 -15.99 11.75 24.32
N ILE B 114 -16.89 10.87 23.96
CA ILE B 114 -16.79 9.48 24.41
C ILE B 114 -17.11 8.57 23.22
N ILE B 115 -16.20 7.64 22.95
CA ILE B 115 -16.33 6.73 21.84
C ILE B 115 -16.30 5.30 22.35
N ALA B 116 -17.30 4.52 21.93
CA ALA B 116 -17.30 3.07 22.15
C ALA B 116 -16.85 2.45 20.84
N ILE B 117 -15.66 1.89 20.83
CA ILE B 117 -15.13 1.27 19.63
C ILE B 117 -15.35 -0.23 19.69
N GLY B 118 -15.84 -0.83 18.60
CA GLY B 118 -16.09 -2.24 18.55
C GLY B 118 -17.49 -2.60 19.01
N SER B 119 -18.00 -3.72 18.51
CA SER B 119 -19.35 -4.14 18.81
C SER B 119 -19.54 -4.45 20.31
N CYS B 120 -18.47 -4.88 20.99
CA CYS B 120 -18.59 -5.20 22.41
C CYS B 120 -18.93 -3.94 23.18
N ALA B 121 -18.16 -2.89 22.94
CA ALA B 121 -18.41 -1.62 23.61
C ALA B 121 -19.67 -0.93 23.10
N ALA B 122 -20.00 -1.10 21.82
CA ALA B 122 -21.18 -0.45 21.25
C ALA B 122 -22.52 -1.06 21.70
N TRP B 123 -22.59 -2.38 21.78
CA TRP B 123 -23.86 -3.01 22.16
C TRP B 123 -23.79 -4.30 22.96
N GLY B 124 -22.58 -4.70 23.38
CA GLY B 124 -22.42 -5.89 24.20
C GLY B 124 -21.64 -6.95 23.44
N GLY B 125 -21.87 -7.00 22.13
CA GLY B 125 -21.11 -7.88 21.24
C GLY B 125 -21.11 -9.34 21.66
N VAL B 126 -20.03 -10.04 21.33
CA VAL B 126 -19.96 -11.48 21.56
C VAL B 126 -20.04 -11.78 23.05
N ALA B 127 -19.49 -10.89 23.86
CA ALA B 127 -19.37 -11.19 25.30
C ALA B 127 -20.73 -11.17 25.99
N ALA B 128 -21.69 -10.49 25.38
CA ALA B 128 -23.05 -10.45 25.90
C ALA B 128 -24.00 -11.39 25.17
N ALA B 129 -23.48 -12.21 24.27
CA ALA B 129 -24.32 -13.13 23.52
C ALA B 129 -24.65 -14.38 24.36
N GLY B 130 -25.39 -15.31 23.77
CA GLY B 130 -25.87 -16.48 24.48
C GLY B 130 -26.53 -16.09 25.79
N VAL B 131 -26.26 -16.87 26.84
CA VAL B 131 -26.83 -16.63 28.16
C VAL B 131 -26.19 -15.44 28.88
N ASN B 132 -25.23 -14.78 28.25
CA ASN B 132 -24.55 -13.63 28.86
C ASN B 132 -24.07 -13.87 30.30
N PRO B 133 -23.03 -14.70 30.47
CA PRO B 133 -22.54 -15.12 31.79
C PRO B 133 -22.17 -13.97 32.73
N THR B 134 -21.62 -12.87 32.22
CA THR B 134 -21.18 -11.79 33.09
C THR B 134 -22.11 -10.57 33.15
N GLY B 135 -23.27 -10.67 32.51
CA GLY B 135 -24.17 -9.52 32.42
C GLY B 135 -23.47 -8.36 31.71
N ALA B 136 -22.78 -8.68 30.64
CA ALA B 136 -22.06 -7.67 29.85
C ALA B 136 -23.06 -6.75 29.16
N VAL B 137 -22.78 -5.45 29.17
CA VAL B 137 -23.59 -4.49 28.42
C VAL B 137 -22.68 -3.55 27.63
N GLY B 138 -23.29 -2.74 26.76
CA GLY B 138 -22.58 -1.75 25.97
C GLY B 138 -22.34 -0.48 26.77
N LEU B 139 -21.55 0.44 26.22
CA LEU B 139 -21.13 1.63 26.95
C LEU B 139 -22.29 2.58 27.22
N GLN B 140 -23.21 2.69 26.27
CA GLN B 140 -24.35 3.58 26.44
C GLN B 140 -25.19 3.17 27.64
N GLU B 141 -25.33 1.86 27.86
CA GLU B 141 -26.09 1.38 28.99
C GLU B 141 -25.44 1.73 30.34
N VAL B 142 -24.11 1.83 30.37
CA VAL B 142 -23.45 2.19 31.64
C VAL B 142 -23.34 3.69 31.84
N LEU B 143 -23.46 4.44 30.76
CA LEU B 143 -23.34 5.88 30.81
C LEU B 143 -24.62 6.56 30.30
N PRO B 144 -25.73 6.39 31.03
CA PRO B 144 -26.95 7.06 30.54
C PRO B 144 -26.81 8.57 30.70
N GLY B 145 -27.42 9.33 29.82
CA GLY B 145 -27.30 10.78 29.90
C GLY B 145 -26.08 11.33 29.17
N LYS B 146 -25.09 10.48 28.91
CA LYS B 146 -23.92 10.86 28.12
C LYS B 146 -24.13 10.50 26.65
N THR B 147 -23.59 11.32 25.75
CA THR B 147 -23.61 11.03 24.31
C THR B 147 -22.43 10.12 23.95
N ILE B 148 -22.73 8.88 23.58
CA ILE B 148 -21.71 7.90 23.20
C ILE B 148 -21.64 7.74 21.68
N ILE B 149 -20.47 7.95 21.10
CA ILE B 149 -20.29 7.64 19.69
C ILE B 149 -19.96 6.17 19.53
N ASN B 150 -20.81 5.47 18.79
CA ASN B 150 -20.66 4.04 18.57
C ASN B 150 -19.99 3.76 17.22
N ILE B 151 -18.88 3.03 17.27
CA ILE B 151 -18.15 2.63 16.07
C ILE B 151 -18.06 1.11 16.05
N PRO B 152 -19.16 0.44 15.67
CA PRO B 152 -19.23 -1.01 15.84
C PRO B 152 -18.44 -1.79 14.79
N GLY B 153 -18.38 -3.11 15.01
CA GLY B 153 -17.59 -4.00 14.17
C GLY B 153 -16.69 -4.79 15.09
N CYS B 154 -16.16 -5.88 14.57
CA CYS B 154 -15.47 -6.80 15.45
C CYS B 154 -14.17 -7.33 14.85
N PRO B 155 -13.16 -6.45 14.72
CA PRO B 155 -13.21 -5.02 15.04
C PRO B 155 -13.59 -4.21 13.80
N PRO B 156 -14.00 -2.95 13.98
CA PRO B 156 -14.23 -2.09 12.81
C PRO B 156 -12.93 -1.84 12.00
N ASN B 157 -13.08 -1.41 10.75
CA ASN B 157 -11.94 -0.81 10.05
C ASN B 157 -11.45 0.31 10.96
N PRO B 158 -10.15 0.35 11.28
CA PRO B 158 -9.67 1.32 12.26
C PRO B 158 -9.94 2.76 11.81
N HIS B 159 -10.07 2.98 10.50
CA HIS B 159 -10.35 4.33 10.02
C HIS B 159 -11.78 4.79 10.28
N ASN B 160 -12.68 3.86 10.60
CA ASN B 160 -14.01 4.25 11.06
C ASN B 160 -13.88 5.04 12.36
N PHE B 161 -12.90 4.62 13.16
CA PHE B 161 -12.54 5.31 14.40
C PHE B 161 -11.66 6.53 14.17
N LEU B 162 -10.60 6.37 13.39
CA LEU B 162 -9.61 7.42 13.19
C LEU B 162 -10.20 8.68 12.53
N ALA B 163 -11.03 8.49 11.50
CA ALA B 163 -11.70 9.61 10.83
C ALA B 163 -12.75 10.28 11.71
N THR B 164 -13.35 9.52 12.62
CA THR B 164 -14.22 10.11 13.63
C THR B 164 -13.43 11.02 14.58
N VAL B 165 -12.33 10.53 15.12
CA VAL B 165 -11.46 11.34 15.97
C VAL B 165 -10.95 12.55 15.19
N ALA B 166 -10.61 12.35 13.93
CA ALA B 166 -10.08 13.45 13.10
C ALA B 166 -11.14 14.53 12.86
N HIS B 167 -12.39 14.13 12.67
CA HIS B 167 -13.45 15.10 12.46
C HIS B 167 -13.55 15.97 13.71
N ILE B 168 -13.59 15.32 14.87
CA ILE B 168 -13.60 16.00 16.16
C ILE B 168 -12.45 16.98 16.33
N ILE B 169 -11.23 16.55 15.98
CA ILE B 169 -10.06 17.41 16.13
C ILE B 169 -10.07 18.57 15.11
N THR B 170 -10.40 18.26 13.86
CA THR B 170 -10.26 19.21 12.75
C THR B 170 -11.41 20.21 12.67
N TYR B 171 -12.64 19.75 12.92
CA TYR B 171 -13.81 20.61 12.79
C TYR B 171 -14.56 20.81 14.11
N GLY B 172 -13.97 20.40 15.22
CA GLY B 172 -14.49 20.71 16.55
C GLY B 172 -15.79 20.05 16.96
N LYS B 173 -16.31 19.15 16.13
CA LYS B 173 -17.56 18.48 16.42
C LYS B 173 -17.52 17.03 15.95
N PRO B 174 -18.37 16.17 16.52
CA PRO B 174 -18.42 14.79 16.04
C PRO B 174 -18.96 14.75 14.62
N PRO B 175 -18.65 13.67 13.87
CA PRO B 175 -19.28 13.54 12.55
C PRO B 175 -20.76 13.28 12.70
N LYS B 176 -21.51 13.47 11.62
CA LYS B 176 -22.93 13.18 11.57
C LYS B 176 -23.23 11.74 11.98
N LEU B 177 -24.21 11.56 12.86
CA LEU B 177 -24.50 10.22 13.40
C LEU B 177 -25.91 9.76 13.02
N ASP B 178 -26.11 8.44 12.94
CA ASP B 178 -27.47 7.91 12.75
C ASP B 178 -28.22 7.80 14.09
N ALA B 179 -29.39 7.18 14.07
CA ALA B 179 -30.19 7.03 15.28
C ALA B 179 -29.52 6.17 16.36
N LYS B 180 -28.62 5.27 15.95
CA LYS B 180 -27.90 4.44 16.91
C LYS B 180 -26.56 5.07 17.27
N ASN B 181 -26.40 6.34 16.91
CA ASN B 181 -25.19 7.11 17.19
C ASN B 181 -23.94 6.63 16.47
N ARG B 182 -24.12 5.98 15.33
CA ARG B 182 -23.01 5.54 14.50
C ARG B 182 -22.70 6.61 13.44
N PRO B 183 -21.42 6.90 13.18
CA PRO B 183 -21.09 7.86 12.10
C PRO B 183 -21.66 7.43 10.76
N THR B 184 -22.47 8.29 10.12
CA THR B 184 -23.09 7.94 8.83
C THR B 184 -22.08 7.67 7.71
N PHE B 185 -20.92 8.30 7.74
CA PHE B 185 -19.94 8.05 6.68
C PHE B 185 -19.55 6.56 6.61
N ALA B 186 -19.58 5.90 7.77
CA ALA B 186 -19.20 4.49 7.87
C ALA B 186 -20.37 3.52 8.07
N TYR B 187 -21.48 3.99 8.66
CA TYR B 187 -22.57 3.06 9.00
C TYR B 187 -23.93 3.48 8.45
N GLY B 188 -23.96 4.44 7.53
CA GLY B 188 -25.22 4.99 7.08
C GLY B 188 -26.05 4.14 6.13
N ARG B 189 -25.52 2.99 5.70
CA ARG B 189 -26.15 2.17 4.67
C ARG B 189 -25.97 0.67 4.90
N LEU B 190 -26.95 -0.14 4.49
CA LEU B 190 -26.82 -1.60 4.53
C LEU B 190 -25.69 -2.00 3.60
N ILE B 191 -24.89 -2.97 4.03
CA ILE B 191 -23.83 -3.52 3.19
C ILE B 191 -24.45 -4.00 1.87
N HIS B 192 -25.59 -4.68 1.98
CA HIS B 192 -26.34 -5.21 0.84
C HIS B 192 -26.85 -4.14 -0.14
N GLU B 193 -27.02 -2.91 0.35
CA GLU B 193 -27.46 -1.79 -0.49
C GLU B 193 -26.28 -1.09 -1.15
N HIS B 194 -25.10 -1.69 -1.01
CA HIS B 194 -23.93 -1.19 -1.71
C HIS B 194 -22.92 -2.31 -1.94
N CYS B 195 -23.42 -3.49 -2.28
CA CYS B 195 -22.57 -4.66 -2.48
C CYS B 195 -22.41 -5.10 -3.93
N GLU B 196 -21.16 -5.37 -4.31
CA GLU B 196 -20.81 -5.60 -5.70
C GLU B 196 -21.35 -6.92 -6.25
N ARG B 197 -21.89 -7.77 -5.37
CA ARG B 197 -22.47 -9.02 -5.81
C ARG B 197 -24.00 -8.95 -5.94
N ARG B 198 -24.57 -7.79 -5.63
CA ARG B 198 -25.99 -7.53 -5.88
C ARG B 198 -26.51 -7.98 -7.27
N PRO B 199 -25.74 -7.72 -8.36
CA PRO B 199 -26.22 -8.26 -9.64
C PRO B 199 -26.46 -9.77 -9.65
N HIS B 200 -25.66 -10.54 -8.89
CA HIS B 200 -25.79 -11.98 -8.88
C HIS B 200 -27.00 -12.39 -8.06
N PHE B 201 -27.16 -11.75 -6.89
CA PHE B 201 -28.39 -11.82 -6.08
C PHE B 201 -29.64 -11.59 -6.92
N ASP B 202 -29.62 -10.54 -7.75
CA ASP B 202 -30.79 -10.19 -8.58
C ASP B 202 -31.08 -11.25 -9.61
N ALA B 203 -30.03 -11.80 -10.20
CA ALA B 203 -30.18 -12.80 -11.26
C ALA B 203 -30.47 -14.22 -10.74
N GLY B 204 -30.30 -14.45 -9.45
CA GLY B 204 -30.46 -15.81 -8.94
C GLY B 204 -29.17 -16.63 -9.03
N ARG B 205 -28.03 -15.94 -9.11
CA ARG B 205 -26.73 -16.60 -9.16
C ARG B 205 -26.12 -16.64 -7.76
N PHE B 206 -26.15 -17.82 -7.14
CA PHE B 206 -25.76 -17.98 -5.74
C PHE B 206 -24.72 -19.08 -5.58
N ALA B 207 -23.76 -18.88 -4.68
CA ALA B 207 -22.95 -19.98 -4.19
C ALA B 207 -23.84 -20.79 -3.24
N LYS B 208 -23.80 -22.11 -3.37
CA LYS B 208 -24.62 -22.99 -2.51
C LYS B 208 -23.74 -23.69 -1.49
N GLU B 209 -22.50 -23.97 -1.88
N GLU B 209 -22.47 -23.87 -1.85
CA GLU B 209 -21.52 -24.51 -0.96
CA GLU B 209 -21.52 -24.54 -0.98
C GLU B 209 -20.18 -23.85 -1.28
C GLU B 209 -20.12 -24.08 -1.32
N PHE B 210 -19.28 -23.84 -0.30
CA PHE B 210 -17.92 -23.39 -0.52
C PHE B 210 -17.28 -24.34 -1.51
N GLY B 211 -16.61 -23.80 -2.51
CA GLY B 211 -15.92 -24.64 -3.46
C GLY B 211 -16.74 -25.01 -4.68
N ASP B 212 -18.04 -24.71 -4.68
CA ASP B 212 -18.88 -25.02 -5.84
C ASP B 212 -18.64 -24.10 -7.05
N GLU B 213 -19.26 -24.45 -8.17
CA GLU B 213 -19.13 -23.65 -9.39
C GLU B 213 -19.43 -22.15 -9.19
N GLY B 214 -20.59 -21.86 -8.61
CA GLY B 214 -20.99 -20.49 -8.37
C GLY B 214 -20.05 -19.73 -7.44
N HIS B 215 -19.67 -20.40 -6.36
CA HIS B 215 -18.69 -19.84 -5.43
C HIS B 215 -17.41 -19.42 -6.15
N ARG B 216 -16.93 -20.28 -7.04
CA ARG B 216 -15.67 -20.05 -7.75
C ARG B 216 -15.81 -19.09 -8.93
N GLU B 217 -17.01 -18.57 -9.14
CA GLU B 217 -17.26 -17.51 -10.11
C GLU B 217 -17.51 -16.18 -9.41
N GLY B 218 -17.47 -16.23 -8.07
CA GLY B 218 -17.68 -15.03 -7.28
C GLY B 218 -19.12 -14.57 -7.16
N TRP B 219 -20.04 -15.53 -7.21
CA TRP B 219 -21.46 -15.19 -7.14
C TRP B 219 -21.88 -14.77 -5.73
N CYS B 220 -23.13 -14.37 -5.59
CA CYS B 220 -23.67 -13.86 -4.33
C CYS B 220 -23.65 -14.92 -3.22
N LEU B 221 -23.42 -14.50 -1.97
CA LEU B 221 -23.29 -15.46 -0.86
C LEU B 221 -24.53 -15.51 0.06
N TYR B 222 -25.63 -14.94 -0.43
CA TYR B 222 -26.86 -14.89 0.37
C TYR B 222 -27.27 -16.25 0.94
N HIS B 223 -27.24 -17.28 0.10
CA HIS B 223 -27.66 -18.60 0.54
C HIS B 223 -26.63 -19.39 1.36
N LEU B 224 -25.45 -18.83 1.51
CA LEU B 224 -24.48 -19.34 2.47
C LEU B 224 -24.70 -18.66 3.81
N GLY B 225 -25.67 -17.77 3.88
CA GLY B 225 -25.99 -17.09 5.13
C GLY B 225 -25.49 -15.66 5.26
N CYS B 226 -25.23 -14.99 4.13
CA CYS B 226 -24.76 -13.60 4.19
C CYS B 226 -25.70 -12.65 4.92
N LYS B 227 -25.15 -11.87 5.84
CA LYS B 227 -25.94 -11.02 6.70
C LYS B 227 -25.90 -9.60 6.20
N GLY B 228 -25.32 -9.42 5.01
CA GLY B 228 -25.28 -8.14 4.33
C GLY B 228 -26.66 -7.47 4.33
N PRO B 229 -27.73 -8.20 3.97
CA PRO B 229 -29.06 -7.56 3.94
C PRO B 229 -29.54 -6.92 5.24
N GLU B 230 -28.98 -7.31 6.39
CA GLU B 230 -29.47 -6.72 7.64
C GLU B 230 -28.36 -6.07 8.46
N THR B 231 -27.26 -5.73 7.80
CA THR B 231 -26.08 -5.20 8.50
C THR B 231 -25.63 -3.86 7.93
N TYR B 232 -25.60 -2.82 8.78
CA TYR B 232 -25.12 -1.50 8.33
C TYR B 232 -23.61 -1.42 8.51
N GLY B 233 -22.93 -0.83 7.52
CA GLY B 233 -21.48 -0.83 7.54
C GLY B 233 -20.89 -0.36 6.22
N ASN B 234 -19.57 -0.35 6.15
CA ASN B 234 -18.88 0.09 4.94
C ASN B 234 -17.90 -0.96 4.45
N CYS B 235 -18.13 -2.21 4.88
CA CYS B 235 -17.25 -3.32 4.53
C CYS B 235 -17.08 -3.55 3.03
N SER B 236 -18.13 -3.30 2.25
CA SER B 236 -18.04 -3.50 0.81
C SER B 236 -17.34 -2.34 0.10
N THR B 237 -17.26 -1.17 0.74
CA THR B 237 -16.64 -0.02 0.08
C THR B 237 -15.26 0.33 0.64
N LEU B 238 -15.20 0.77 1.88
CA LEU B 238 -13.91 0.98 2.50
C LEU B 238 -13.15 -0.33 2.65
N GLN B 239 -13.88 -1.41 2.88
CA GLN B 239 -13.29 -2.74 3.03
C GLN B 239 -12.24 -2.72 4.12
N PHE B 240 -11.17 -3.49 3.95
CA PHE B 240 -10.16 -3.67 5.02
C PHE B 240 -8.69 -3.66 4.56
N CYS B 241 -7.82 -3.14 5.44
CA CYS B 241 -6.35 -3.16 5.32
C CYS B 241 -5.75 -2.38 4.16
N ASP B 242 -6.60 -1.66 3.43
CA ASP B 242 -6.14 -0.68 2.43
C ASP B 242 -5.27 -1.31 1.33
N VAL B 243 -5.50 -2.59 1.01
CA VAL B 243 -4.73 -3.22 -0.05
C VAL B 243 -5.57 -3.35 -1.32
N GLY B 244 -6.86 -3.15 -1.18
CA GLY B 244 -7.79 -3.25 -2.30
C GLY B 244 -8.40 -4.64 -2.43
N GLY B 245 -9.72 -4.67 -2.42
CA GLY B 245 -10.47 -5.88 -2.73
C GLY B 245 -10.61 -6.86 -1.58
N VAL B 246 -10.31 -6.41 -0.35
CA VAL B 246 -10.33 -7.28 0.81
C VAL B 246 -11.48 -7.00 1.78
N TRP B 247 -12.50 -7.84 1.72
CA TRP B 247 -13.48 -7.91 2.78
C TRP B 247 -14.03 -9.33 2.82
N PRO B 248 -14.78 -9.69 3.88
CA PRO B 248 -15.14 -11.11 3.95
C PRO B 248 -15.84 -11.67 2.71
N VAL B 249 -16.82 -11.01 2.12
CA VAL B 249 -17.43 -11.67 0.96
C VAL B 249 -16.56 -11.68 -0.29
N ALA B 250 -15.79 -10.61 -0.51
CA ALA B 250 -14.81 -10.62 -1.57
C ALA B 250 -13.93 -11.85 -1.49
N ILE B 251 -13.57 -12.26 -0.26
CA ILE B 251 -12.71 -13.42 -0.06
C ILE B 251 -13.44 -14.75 -0.27
N GLY B 252 -14.77 -14.71 -0.20
CA GLY B 252 -15.57 -15.89 -0.43
C GLY B 252 -16.45 -16.37 0.72
N HIS B 253 -16.54 -15.57 1.78
CA HIS B 253 -17.31 -15.98 2.97
C HIS B 253 -18.42 -14.97 3.24
N PRO B 254 -19.61 -15.46 3.62
CA PRO B 254 -20.70 -14.54 3.90
C PRO B 254 -20.38 -13.55 5.01
N CYS B 255 -20.88 -12.32 4.91
CA CYS B 255 -21.02 -11.45 6.07
C CYS B 255 -21.75 -12.18 7.21
N TYR B 256 -21.22 -12.02 8.43
CA TYR B 256 -21.73 -12.65 9.66
C TYR B 256 -22.62 -11.69 10.47
N GLY B 257 -22.64 -10.43 10.05
CA GLY B 257 -23.34 -9.37 10.77
C GLY B 257 -22.66 -8.89 12.05
N CYS B 258 -21.33 -8.99 12.12
CA CYS B 258 -20.62 -8.60 13.34
C CYS B 258 -20.83 -7.14 13.78
N ASN B 259 -21.17 -6.25 12.85
CA ASN B 259 -21.48 -4.86 13.18
C ASN B 259 -22.79 -4.68 13.95
N GLU B 260 -23.74 -5.59 13.72
CA GLU B 260 -25.15 -5.30 13.99
C GLU B 260 -25.75 -6.12 15.13
N GLU B 261 -26.20 -5.41 16.16
CA GLU B 261 -26.85 -6.05 17.31
C GLU B 261 -27.99 -6.95 16.88
N GLY B 262 -28.04 -8.17 17.41
CA GLY B 262 -29.10 -9.11 17.06
C GLY B 262 -28.75 -9.99 15.89
N ILE B 263 -27.66 -9.65 15.19
CA ILE B 263 -27.24 -10.41 14.01
C ILE B 263 -25.98 -11.25 14.30
N GLY B 264 -24.81 -10.61 14.26
CA GLY B 264 -23.56 -11.24 14.66
C GLY B 264 -23.65 -11.87 16.06
N PHE B 265 -23.12 -13.09 16.18
CA PHE B 265 -23.05 -13.85 17.44
C PHE B 265 -24.41 -14.27 17.97
N HIS B 266 -25.47 -13.94 17.24
CA HIS B 266 -26.80 -14.43 17.58
C HIS B 266 -27.31 -15.38 16.50
N LYS B 267 -27.30 -14.96 15.24
CA LYS B 267 -27.67 -15.87 14.15
C LYS B 267 -26.54 -16.82 13.74
N GLY B 268 -26.89 -18.01 13.31
CA GLY B 268 -25.89 -18.95 12.80
C GLY B 268 -25.22 -18.39 11.56
N ILE B 269 -23.99 -18.83 11.29
CA ILE B 269 -23.28 -18.42 10.08
C ILE B 269 -24.16 -18.68 8.85
N HIS B 270 -24.72 -19.88 8.79
CA HIS B 270 -25.47 -20.30 7.62
C HIS B 270 -26.98 -20.01 7.66
N GLN B 271 -27.43 -19.37 8.74
CA GLN B 271 -28.81 -18.91 8.85
C GLN B 271 -29.03 -17.72 7.91
N LEU B 272 -30.16 -17.74 7.19
CA LEU B 272 -30.47 -16.71 6.19
C LEU B 272 -30.91 -15.39 6.82
N ALA B 273 -30.49 -14.29 6.19
CA ALA B 273 -30.88 -12.96 6.62
C ALA B 273 -32.27 -12.64 6.10
N HIS B 274 -32.93 -11.68 6.74
CA HIS B 274 -34.13 -11.08 6.18
C HIS B 274 -33.68 -10.06 5.15
N VAL B 275 -34.39 -9.98 4.03
CA VAL B 275 -34.11 -8.97 3.01
C VAL B 275 -35.28 -7.98 2.93
N GLU B 276 -34.99 -6.70 3.14
CA GLU B 276 -36.00 -5.63 3.08
C GLU B 276 -36.90 -5.73 1.84
N SER C 2 29.51 17.53 -42.76
CA SER C 2 30.21 16.52 -43.56
C SER C 2 29.59 15.14 -43.31
N GLN C 3 29.85 14.58 -42.14
CA GLN C 3 29.26 13.29 -41.80
C GLN C 3 27.81 13.47 -41.35
N ARG C 4 26.90 12.64 -41.86
CA ARG C 4 25.52 12.70 -41.41
C ARG C 4 25.10 11.45 -40.62
N ILE C 5 24.53 11.69 -39.43
CA ILE C 5 24.04 10.63 -38.55
C ILE C 5 22.54 10.79 -38.26
N THR C 6 21.89 9.66 -37.99
CA THR C 6 20.50 9.65 -37.58
C THR C 6 20.40 8.86 -36.28
N ILE C 7 19.60 9.34 -35.33
CA ILE C 7 19.29 8.61 -34.11
C ILE C 7 17.80 8.34 -34.16
N ASP C 8 17.43 7.09 -34.41
CA ASP C 8 16.05 6.71 -34.69
C ASP C 8 15.95 5.25 -34.35
N PRO C 9 15.28 4.91 -33.22
CA PRO C 9 14.53 5.81 -32.32
C PRO C 9 15.39 6.46 -31.25
N VAL C 10 15.01 7.66 -30.81
CA VAL C 10 15.55 8.20 -29.57
C VAL C 10 14.75 7.51 -28.47
N THR C 11 15.45 6.81 -27.59
CA THR C 11 14.80 6.10 -26.50
C THR C 11 14.75 6.94 -25.25
N ARG C 12 14.13 6.38 -24.21
CA ARG C 12 13.95 7.09 -22.93
C ARG C 12 13.33 8.50 -23.11
N ILE C 13 12.31 8.54 -23.96
CA ILE C 13 11.43 9.67 -24.06
C ILE C 13 10.03 9.07 -24.20
N GLU C 14 9.03 9.92 -24.35
CA GLU C 14 7.73 9.37 -24.72
C GLU C 14 7.56 9.49 -26.23
N GLY C 15 7.10 8.42 -26.87
CA GLY C 15 6.72 8.50 -28.26
C GLY C 15 7.87 8.30 -29.24
N HIS C 16 7.66 8.71 -30.49
CA HIS C 16 8.57 8.39 -31.59
C HIS C 16 9.27 9.63 -32.11
N LEU C 17 10.58 9.67 -31.89
CA LEU C 17 11.39 10.81 -32.26
C LEU C 17 12.58 10.35 -33.07
N ARG C 18 12.81 11.03 -34.18
CA ARG C 18 14.04 10.84 -34.94
C ARG C 18 14.83 12.13 -34.94
N ILE C 19 16.12 12.03 -34.64
CA ILE C 19 17.03 13.18 -34.63
C ILE C 19 18.16 12.96 -35.64
N ASP C 20 18.29 13.86 -36.61
CA ASP C 20 19.42 13.86 -37.56
C ASP C 20 20.40 15.00 -37.27
N CYS C 21 21.69 14.73 -37.46
CA CYS C 21 22.74 15.72 -37.24
C CYS C 21 23.77 15.67 -38.36
N GLU C 22 24.19 16.84 -38.81
CA GLU C 22 25.40 16.95 -39.62
C GLU C 22 26.53 17.19 -38.66
N ILE C 23 27.66 16.52 -38.87
CA ILE C 23 28.81 16.69 -37.99
C ILE C 23 30.00 17.21 -38.81
N GLU C 24 30.64 18.25 -38.29
CA GLU C 24 31.86 18.81 -38.86
C GLU C 24 32.90 18.93 -37.76
N ASN C 25 34.08 18.35 -38.00
CA ASN C 25 35.18 18.43 -37.04
C ASN C 25 34.79 17.94 -35.65
N GLY C 26 34.07 16.82 -35.62
CA GLY C 26 33.63 16.21 -34.38
C GLY C 26 32.61 17.00 -33.57
N VAL C 27 31.98 17.99 -34.21
CA VAL C 27 30.99 18.83 -33.54
C VAL C 27 29.74 18.96 -34.42
N VAL C 28 28.55 18.80 -33.86
CA VAL C 28 27.38 18.94 -34.73
C VAL C 28 27.19 20.40 -35.18
N SER C 29 26.94 20.54 -36.47
CA SER C 29 26.89 21.86 -37.09
C SER C 29 25.44 22.19 -37.43
N LYS C 30 24.61 21.15 -37.48
CA LYS C 30 23.23 21.30 -37.90
C LYS C 30 22.38 20.10 -37.50
N ALA C 31 21.13 20.36 -37.14
CA ALA C 31 20.24 19.29 -36.71
C ALA C 31 18.80 19.42 -37.24
N TRP C 32 18.12 18.27 -37.26
CA TRP C 32 16.72 18.15 -37.63
C TRP C 32 16.03 17.32 -36.53
N ALA C 33 14.87 17.78 -36.06
CA ALA C 33 14.05 16.99 -35.15
C ALA C 33 12.80 16.57 -35.90
N SER C 34 12.46 15.30 -35.82
CA SER C 34 11.35 14.76 -36.58
C SER C 34 10.45 13.90 -35.68
N GLY C 35 9.17 14.28 -35.58
CA GLY C 35 8.18 13.43 -34.95
C GLY C 35 7.65 12.47 -36.00
N THR C 36 7.74 11.17 -35.72
CA THR C 36 7.56 10.19 -36.77
C THR C 36 6.24 9.42 -36.71
N MET C 37 5.35 9.80 -35.79
CA MET C 37 4.06 9.15 -35.68
C MET C 37 2.97 10.19 -35.51
N TRP C 38 1.84 9.97 -36.18
CA TRP C 38 0.71 10.90 -36.10
C TRP C 38 -0.57 10.09 -35.93
N ARG C 39 -1.50 10.60 -35.14
CA ARG C 39 -2.79 9.93 -34.96
C ARG C 39 -3.97 10.74 -35.48
N GLY C 40 -3.88 12.06 -35.36
CA GLY C 40 -4.97 12.93 -35.78
C GLY C 40 -6.05 13.10 -34.72
N MET C 41 -5.61 13.38 -33.50
CA MET C 41 -6.48 13.53 -32.34
C MET C 41 -7.38 14.76 -32.43
N GLU C 42 -6.85 15.84 -33.03
CA GLU C 42 -7.65 17.03 -33.30
C GLU C 42 -8.87 16.70 -34.18
N GLU C 43 -8.67 15.86 -35.18
CA GLU C 43 -9.75 15.50 -36.10
C GLU C 43 -10.72 14.55 -35.42
N ILE C 44 -10.19 13.67 -34.58
CA ILE C 44 -11.02 12.72 -33.87
C ILE C 44 -12.05 13.37 -32.92
N VAL C 45 -11.71 14.47 -32.26
CA VAL C 45 -12.67 15.08 -31.35
C VAL C 45 -13.72 15.88 -32.05
N LYS C 46 -13.45 16.26 -33.29
CA LYS C 46 -14.29 17.21 -34.01
C LYS C 46 -15.71 16.67 -34.15
N ASN C 47 -16.68 17.60 -34.11
CA ASN C 47 -18.10 17.30 -34.29
C ASN C 47 -18.75 16.63 -33.08
N ARG C 48 -18.13 16.78 -31.92
CA ARG C 48 -18.69 16.14 -30.72
C ARG C 48 -19.16 17.23 -29.78
N ASP C 49 -20.02 16.83 -28.85
CA ASP C 49 -20.37 17.66 -27.72
C ASP C 49 -19.10 18.17 -27.07
N PRO C 50 -19.05 19.47 -26.74
CA PRO C 50 -17.87 20.06 -26.11
C PRO C 50 -17.47 19.33 -24.82
N ARG C 51 -18.44 18.72 -24.15
CA ARG C 51 -18.22 18.02 -22.89
C ARG C 51 -17.47 16.69 -23.05
N ASP C 52 -17.51 16.14 -24.27
CA ASP C 52 -16.89 14.85 -24.52
C ASP C 52 -15.39 14.97 -24.75
N ALA C 53 -14.94 16.16 -25.15
CA ALA C 53 -13.56 16.33 -25.59
C ALA C 53 -12.49 15.84 -24.62
N TRP C 54 -12.64 16.17 -23.34
CA TRP C 54 -11.55 15.97 -22.39
C TRP C 54 -11.18 14.49 -22.23
N MET C 55 -12.16 13.60 -22.33
CA MET C 55 -11.90 12.18 -22.14
C MET C 55 -11.16 11.64 -23.35
N ILE C 56 -11.41 12.26 -24.52
CA ILE C 56 -10.79 11.80 -25.75
C ILE C 56 -9.37 12.35 -25.91
N VAL C 57 -9.21 13.65 -25.71
CA VAL C 57 -7.90 14.29 -25.91
C VAL C 57 -6.94 14.06 -24.74
N GLN C 58 -7.43 13.59 -23.60
CA GLN C 58 -6.49 13.17 -22.55
C GLN C 58 -5.56 12.12 -23.16
N ARG C 59 -6.09 11.35 -24.10
CA ARG C 59 -5.34 10.28 -24.73
C ARG C 59 -4.26 10.74 -25.72
N ILE C 60 -4.09 12.05 -25.86
CA ILE C 60 -2.93 12.60 -26.55
C ILE C 60 -1.70 12.04 -25.88
N CYS C 61 -1.74 11.94 -24.55
CA CYS C 61 -0.60 11.37 -23.86
C CYS C 61 -0.89 10.70 -22.54
N GLY C 62 -0.17 9.61 -22.27
CA GLY C 62 -0.32 8.86 -21.03
C GLY C 62 0.86 9.06 -20.09
N VAL C 63 1.92 9.70 -20.59
CA VAL C 63 3.02 10.08 -19.70
C VAL C 63 2.58 11.33 -18.98
N CYS C 64 2.27 12.38 -19.73
CA CYS C 64 1.70 13.55 -19.09
C CYS C 64 0.18 13.40 -19.09
N THR C 65 -0.29 12.30 -18.50
CA THR C 65 -1.72 12.12 -18.32
C THR C 65 -2.12 13.27 -17.38
N THR C 66 -3.43 13.55 -17.27
CA THR C 66 -3.95 14.68 -16.47
C THR C 66 -3.98 15.99 -17.30
N THR C 67 -2.88 16.31 -17.95
CA THR C 67 -2.67 17.65 -18.53
C THR C 67 -3.67 18.02 -19.62
N HIS C 68 -3.81 17.17 -20.62
CA HIS C 68 -4.73 17.43 -21.71
C HIS C 68 -6.18 17.37 -21.27
N ALA C 69 -6.46 16.59 -20.22
CA ALA C 69 -7.82 16.53 -19.70
C ALA C 69 -8.19 17.88 -19.07
N ILE C 70 -7.32 18.40 -18.22
CA ILE C 70 -7.61 19.64 -17.53
C ILE C 70 -7.61 20.82 -18.56
N SER C 71 -6.64 20.85 -19.47
CA SER C 71 -6.61 21.90 -20.52
C SER C 71 -7.87 21.90 -21.38
N SER C 72 -8.35 20.72 -21.72
CA SER C 72 -9.57 20.56 -22.50
C SER C 72 -10.82 21.08 -21.81
N VAL C 73 -11.03 20.73 -20.54
CA VAL C 73 -12.16 21.30 -19.82
C VAL C 73 -11.98 22.82 -19.68
N ARG C 74 -10.76 23.29 -19.43
CA ARG C 74 -10.53 24.72 -19.26
C ARG C 74 -10.86 25.48 -20.56
N ALA C 75 -10.67 24.81 -21.70
CA ALA C 75 -10.94 25.43 -22.99
C ALA C 75 -12.45 25.55 -23.22
N ALA C 76 -13.19 24.52 -22.82
CA ALA C 76 -14.64 24.51 -22.95
C ALA C 76 -15.24 25.54 -22.00
N GLU C 77 -14.68 25.61 -20.80
CA GLU C 77 -15.10 26.58 -19.80
C GLU C 77 -14.85 28.02 -20.28
N SER C 78 -13.72 28.23 -20.92
CA SER C 78 -13.42 29.54 -21.52
C SER C 78 -14.46 29.93 -22.55
N ALA C 79 -14.77 28.97 -23.43
CA ALA C 79 -15.73 29.19 -24.50
C ALA C 79 -17.10 29.57 -23.97
N LEU C 80 -17.46 29.01 -22.82
CA LEU C 80 -18.79 29.22 -22.27
C LEU C 80 -18.80 30.15 -21.07
N ASN C 81 -17.67 30.81 -20.81
CA ASN C 81 -17.57 31.75 -19.70
C ASN C 81 -18.03 31.10 -18.40
N ILE C 82 -17.42 29.98 -18.05
CA ILE C 82 -17.75 29.31 -16.79
C ILE C 82 -16.73 29.68 -15.73
N ASP C 83 -17.23 30.05 -14.56
CA ASP C 83 -16.38 30.20 -13.39
C ASP C 83 -16.33 28.84 -12.68
N VAL C 84 -15.14 28.30 -12.54
CA VAL C 84 -15.00 26.97 -11.96
C VAL C 84 -15.15 27.07 -10.46
N PRO C 85 -16.00 26.21 -9.87
CA PRO C 85 -16.11 26.20 -8.40
C PRO C 85 -14.72 26.02 -7.78
N VAL C 86 -14.43 26.76 -6.72
CA VAL C 86 -13.09 26.79 -6.16
C VAL C 86 -12.64 25.40 -5.62
N ASN C 87 -13.56 24.59 -5.11
CA ASN C 87 -13.21 23.24 -4.63
C ASN C 87 -12.70 22.40 -5.80
N ALA C 88 -13.30 22.59 -6.97
CA ALA C 88 -12.88 21.87 -8.17
C ALA C 88 -11.49 22.32 -8.59
N GLN C 89 -11.16 23.59 -8.35
CA GLN C 89 -9.81 24.08 -8.58
C GLN C 89 -8.79 23.40 -7.64
N TYR C 90 -9.11 23.33 -6.35
CA TYR C 90 -8.23 22.69 -5.38
C TYR C 90 -7.93 21.27 -5.84
N ILE C 91 -8.98 20.59 -6.28
CA ILE C 91 -8.86 19.20 -6.71
C ILE C 91 -8.04 19.06 -8.00
N ARG C 92 -8.31 19.90 -8.99
CA ARG C 92 -7.52 19.90 -10.23
C ARG C 92 -6.06 20.18 -9.93
N ASN C 93 -5.81 21.12 -9.04
CA ASN C 93 -4.47 21.54 -8.73
C ASN C 93 -3.71 20.44 -8.01
N ILE C 94 -4.38 19.80 -7.04
CA ILE C 94 -3.74 18.71 -6.30
C ILE C 94 -3.33 17.62 -7.28
N ILE C 95 -4.25 17.23 -8.15
CA ILE C 95 -3.96 16.26 -9.21
C ILE C 95 -2.78 16.67 -10.10
N LEU C 96 -2.80 17.91 -10.58
CA LEU C 96 -1.75 18.38 -11.46
C LEU C 96 -0.39 18.40 -10.76
N ALA C 97 -0.33 18.92 -9.54
CA ALA C 97 0.92 18.97 -8.80
C ALA C 97 1.45 17.56 -8.40
N ALA C 98 0.55 16.65 -8.05
CA ALA C 98 0.97 15.30 -7.68
C ALA C 98 1.43 14.54 -8.91
N HIS C 99 0.71 14.70 -10.02
CA HIS C 99 1.12 14.05 -11.25
C HIS C 99 2.48 14.56 -11.74
N THR C 100 2.67 15.88 -11.72
CA THR C 100 3.91 16.47 -12.19
C THR C 100 5.11 16.04 -11.34
N THR C 101 4.83 15.79 -10.06
CA THR C 101 5.82 15.25 -9.14
C THR C 101 6.29 13.86 -9.58
N HIS C 102 5.35 12.96 -9.85
CA HIS C 102 5.66 11.66 -10.44
C HIS C 102 6.41 11.84 -11.77
N ASP C 103 5.92 12.76 -12.60
CA ASP C 103 6.46 12.92 -13.94
C ASP C 103 7.95 13.33 -13.91
N HIS C 104 8.26 14.40 -13.18
CA HIS C 104 9.64 14.89 -13.05
C HIS C 104 10.59 13.87 -12.44
N ILE C 105 10.14 13.19 -11.39
CA ILE C 105 10.98 12.17 -10.77
C ILE C 105 11.37 11.11 -11.78
N VAL C 106 10.38 10.62 -12.51
CA VAL C 106 10.61 9.57 -13.48
C VAL C 106 11.49 10.11 -14.59
N HIS C 107 11.30 11.37 -14.97
CA HIS C 107 12.16 11.88 -16.01
C HIS C 107 13.63 11.96 -15.59
N PHE C 108 13.91 12.52 -14.41
CA PHE C 108 15.30 12.58 -13.98
C PHE C 108 15.92 11.17 -13.87
N TYR C 109 15.18 10.23 -13.28
CA TYR C 109 15.77 8.91 -13.04
C TYR C 109 15.62 7.92 -14.18
N GLN C 110 14.40 7.45 -14.43
CA GLN C 110 14.15 6.40 -15.41
C GLN C 110 14.44 6.82 -16.85
N LEU C 111 14.13 8.07 -17.17
CA LEU C 111 14.35 8.52 -18.54
C LEU C 111 15.76 9.08 -18.75
N SER C 112 16.28 9.83 -17.78
CA SER C 112 17.53 10.58 -18.01
C SER C 112 18.84 10.07 -17.41
N ALA C 113 18.79 9.48 -16.22
CA ALA C 113 20.02 9.22 -15.48
C ALA C 113 21.00 8.37 -16.27
N LEU C 114 20.50 7.50 -17.12
CA LEU C 114 21.40 6.57 -17.80
C LEU C 114 22.16 7.24 -18.95
N ASP C 115 21.96 8.54 -19.11
CA ASP C 115 22.77 9.36 -20.01
C ASP C 115 24.06 9.75 -19.31
N TRP C 116 24.00 9.84 -17.98
CA TRP C 116 25.04 10.45 -17.16
C TRP C 116 25.73 9.42 -16.29
N VAL C 117 25.07 8.27 -16.14
CA VAL C 117 25.45 7.25 -15.16
C VAL C 117 25.82 5.97 -15.91
N ASP C 118 26.93 5.38 -15.52
CA ASP C 118 27.42 4.18 -16.16
C ASP C 118 27.17 3.01 -15.21
N ILE C 119 26.34 2.05 -15.59
CA ILE C 119 26.06 0.93 -14.64
C ILE C 119 27.25 -0.03 -14.45
N THR C 120 28.05 -0.23 -15.49
CA THR C 120 29.24 -1.08 -15.38
C THR C 120 30.25 -0.50 -14.38
N SER C 121 30.34 0.81 -14.32
CA SER C 121 31.27 1.47 -13.40
C SER C 121 30.76 1.35 -11.95
N ALA C 122 29.44 1.35 -11.78
CA ALA C 122 28.84 1.20 -10.46
C ALA C 122 29.23 -0.12 -9.78
N LEU C 123 29.36 -1.18 -10.58
CA LEU C 123 29.81 -2.50 -10.10
C LEU C 123 31.18 -2.43 -9.45
N LYS C 124 32.01 -1.51 -9.91
CA LYS C 124 33.39 -1.40 -9.45
C LYS C 124 33.50 -0.54 -8.18
N ALA C 125 32.37 0.02 -7.76
CA ALA C 125 32.38 0.96 -6.63
C ALA C 125 32.57 0.29 -5.26
N ASP C 126 33.00 1.08 -4.29
CA ASP C 126 33.12 0.66 -2.89
C ASP C 126 31.89 1.24 -2.21
N PRO C 127 30.97 0.39 -1.73
CA PRO C 127 29.73 0.92 -1.13
C PRO C 127 29.99 1.84 0.06
N ALA C 128 31.00 1.54 0.88
CA ALA C 128 31.30 2.36 2.05
C ALA C 128 31.81 3.76 1.66
N LYS C 129 32.66 3.80 0.64
CA LYS C 129 33.14 5.05 0.08
C LYS C 129 31.98 5.90 -0.44
N ALA C 130 31.09 5.28 -1.23
CA ALA C 130 29.95 5.97 -1.79
C ALA C 130 29.05 6.57 -0.70
N SER C 131 28.78 5.80 0.36
CA SER C 131 27.96 6.29 1.44
C SER C 131 28.63 7.45 2.18
N ALA C 132 29.94 7.32 2.42
CA ALA C 132 30.67 8.34 3.17
C ALA C 132 30.69 9.71 2.46
N MET C 133 30.73 9.69 1.14
CA MET C 133 30.71 10.92 0.33
C MET C 133 29.51 11.81 0.61
N LEU C 134 28.41 11.20 1.05
CA LEU C 134 27.15 11.93 1.20
C LEU C 134 26.94 12.47 2.60
N ASN C 135 27.92 12.24 3.48
CA ASN C 135 27.88 12.75 4.84
C ASN C 135 27.87 14.26 4.85
N GLY C 136 26.85 14.86 5.46
CA GLY C 136 26.71 16.30 5.49
C GLY C 136 26.22 16.90 4.19
N VAL C 137 26.12 16.06 3.16
CA VAL C 137 25.58 16.48 1.88
C VAL C 137 24.06 16.28 1.84
N SER C 138 23.58 15.17 2.38
CA SER C 138 22.15 14.95 2.41
C SER C 138 21.79 14.26 3.69
N THR C 139 20.57 14.51 4.17
CA THR C 139 20.10 13.83 5.37
C THR C 139 19.22 12.60 5.06
N TRP C 140 19.15 12.24 3.78
CA TRP C 140 18.34 11.09 3.37
C TRP C 140 18.75 9.89 4.18
N HIS C 141 17.77 9.06 4.53
CA HIS C 141 17.96 7.92 5.45
C HIS C 141 18.31 6.63 4.71
N LEU C 142 18.31 6.66 3.38
CA LEU C 142 18.65 5.48 2.60
C LEU C 142 19.92 5.61 1.79
N ASN C 143 20.93 6.22 2.42
CA ASN C 143 22.24 6.33 1.78
C ASN C 143 23.31 5.46 2.44
N SER C 144 22.89 4.47 3.22
CA SER C 144 23.87 3.65 3.92
C SER C 144 24.72 2.80 2.98
N ALA C 145 25.91 2.41 3.44
CA ALA C 145 26.72 1.45 2.72
C ALA C 145 25.95 0.15 2.48
N GLU C 146 25.11 -0.22 3.45
CA GLU C 146 24.33 -1.44 3.37
C GLU C 146 23.29 -1.38 2.26
N GLU C 147 22.57 -0.26 2.19
CA GLU C 147 21.67 -0.01 1.07
C GLU C 147 22.38 -0.11 -0.28
N PHE C 148 23.50 0.60 -0.38
CA PHE C 148 24.27 0.64 -1.63
C PHE C 148 24.82 -0.73 -2.00
N THR C 149 25.20 -1.52 -0.99
CA THR C 149 25.60 -2.90 -1.24
C THR C 149 24.46 -3.74 -1.82
N LYS C 150 23.27 -3.63 -1.23
CA LYS C 150 22.12 -4.38 -1.73
C LYS C 150 21.84 -4.00 -3.19
N VAL C 151 21.92 -2.70 -3.47
CA VAL C 151 21.75 -2.21 -4.83
C VAL C 151 22.85 -2.74 -5.75
N GLN C 152 24.09 -2.67 -5.29
CA GLN C 152 25.20 -3.15 -6.11
C GLN C 152 25.01 -4.63 -6.46
N ASN C 153 24.61 -5.45 -5.48
CA ASN C 153 24.36 -6.86 -5.73
C ASN C 153 23.26 -7.13 -6.75
N LYS C 154 22.21 -6.32 -6.73
CA LYS C 154 21.17 -6.45 -7.75
C LYS C 154 21.76 -6.25 -9.14
N ILE C 155 22.61 -5.24 -9.31
CA ILE C 155 23.18 -5.03 -10.63
C ILE C 155 24.14 -6.16 -10.99
N LYS C 156 24.95 -6.57 -10.01
CA LYS C 156 25.86 -7.70 -10.21
C LYS C 156 25.09 -8.90 -10.72
N ASP C 157 23.99 -9.23 -10.05
CA ASP C 157 23.17 -10.37 -10.42
C ASP C 157 22.55 -10.22 -11.81
N LEU C 158 22.17 -9.00 -12.15
CA LEU C 158 21.62 -8.76 -13.47
C LEU C 158 22.70 -9.01 -14.53
N VAL C 159 23.88 -8.45 -14.32
CA VAL C 159 24.96 -8.57 -15.30
C VAL C 159 25.40 -10.02 -15.42
N ALA C 160 25.59 -10.66 -14.27
CA ALA C 160 25.98 -12.06 -14.21
C ALA C 160 25.08 -12.98 -15.00
N SER C 161 23.78 -12.69 -15.01
CA SER C 161 22.84 -13.49 -15.79
C SER C 161 23.15 -13.22 -17.24
N GLY C 162 22.61 -14.01 -18.16
CA GLY C 162 22.87 -13.66 -19.56
C GLY C 162 22.28 -12.32 -20.02
N GLN C 163 21.45 -11.70 -19.18
CA GLN C 163 20.37 -10.82 -19.68
C GLN C 163 20.34 -9.45 -19.00
N LEU C 164 20.92 -8.46 -19.66
CA LEU C 164 20.95 -7.09 -19.12
C LEU C 164 19.68 -6.34 -19.46
N GLY C 165 18.97 -6.86 -20.45
CA GLY C 165 17.68 -6.35 -20.87
C GLY C 165 17.68 -4.87 -21.14
N ILE C 166 16.92 -4.15 -20.31
CA ILE C 166 16.82 -2.69 -20.33
C ILE C 166 18.19 -2.01 -20.44
N PHE C 167 19.18 -2.63 -19.81
CA PHE C 167 20.49 -2.01 -19.63
C PHE C 167 21.51 -2.52 -20.63
N ALA C 168 21.07 -3.34 -21.58
CA ALA C 168 21.99 -3.92 -22.54
C ALA C 168 22.49 -2.87 -23.53
N ASN C 169 23.80 -2.92 -23.77
CA ASN C 169 24.39 -2.20 -24.89
C ASN C 169 24.16 -0.70 -24.76
N GLY C 170 24.21 -0.21 -23.53
CA GLY C 170 24.13 1.21 -23.27
C GLY C 170 25.51 1.78 -23.46
N CYS C 171 25.68 3.07 -23.13
CA CYS C 171 26.96 3.74 -23.37
C CYS C 171 27.95 3.45 -22.24
N TRP C 172 28.11 2.18 -21.93
CA TRP C 172 29.03 1.84 -20.87
C TRP C 172 30.49 1.99 -21.35
N GLY C 173 31.30 2.67 -20.56
CA GLY C 173 32.70 2.83 -20.93
C GLY C 173 32.90 3.96 -21.92
N HIS C 174 31.80 4.65 -22.27
CA HIS C 174 31.85 5.78 -23.23
C HIS C 174 32.64 6.95 -22.65
N PRO C 175 33.45 7.63 -23.49
CA PRO C 175 34.34 8.63 -22.91
C PRO C 175 33.67 9.82 -22.19
N ALA C 176 32.40 10.11 -22.50
CA ALA C 176 31.71 11.23 -21.86
C ALA C 176 31.06 10.85 -20.51
N MET C 177 31.16 9.57 -20.16
CA MET C 177 30.74 9.13 -18.81
C MET C 177 31.81 9.55 -17.81
N GLN C 178 31.48 10.49 -16.94
CA GLN C 178 32.49 11.13 -16.10
C GLN C 178 32.32 10.90 -14.61
N LEU C 179 31.27 10.20 -14.21
CA LEU C 179 31.10 9.92 -12.78
C LEU C 179 32.10 8.87 -12.29
N PRO C 180 32.60 9.04 -11.06
CA PRO C 180 33.35 7.98 -10.39
C PRO C 180 32.42 6.80 -10.07
N PRO C 181 32.97 5.58 -9.88
CA PRO C 181 32.17 4.39 -9.58
C PRO C 181 31.19 4.61 -8.44
N GLU C 182 31.66 5.27 -7.38
CA GLU C 182 30.84 5.51 -6.21
C GLU C 182 29.60 6.34 -6.55
N VAL C 183 29.75 7.37 -7.37
CA VAL C 183 28.60 8.23 -7.68
C VAL C 183 27.65 7.53 -8.63
N ASN C 184 28.19 6.67 -9.48
CA ASN C 184 27.34 5.87 -10.35
C ASN C 184 26.43 4.98 -9.49
N LEU C 185 27.03 4.39 -8.47
CA LEU C 185 26.29 3.49 -7.57
C LEU C 185 25.21 4.24 -6.80
N ILE C 186 25.58 5.41 -6.28
CA ILE C 186 24.64 6.30 -5.59
C ILE C 186 23.42 6.57 -6.46
N ALA C 187 23.68 7.00 -7.69
CA ALA C 187 22.63 7.31 -8.65
C ALA C 187 21.75 6.12 -8.99
N VAL C 188 22.33 4.93 -9.11
CA VAL C 188 21.52 3.73 -9.36
C VAL C 188 20.66 3.38 -8.14
N ALA C 189 21.21 3.51 -6.94
CA ALA C 189 20.43 3.31 -5.73
C ALA C 189 19.22 4.26 -5.72
N HIS C 190 19.44 5.52 -6.11
CA HIS C 190 18.39 6.53 -6.13
C HIS C 190 17.38 6.30 -7.24
N TYR C 191 17.85 5.80 -8.39
CA TYR C 191 16.98 5.37 -9.48
C TYR C 191 15.93 4.40 -8.93
N LEU C 192 16.38 3.44 -8.12
CA LEU C 192 15.45 2.47 -7.56
C LEU C 192 14.53 3.07 -6.50
N GLN C 193 15.10 3.85 -5.60
CA GLN C 193 14.28 4.52 -4.59
C GLN C 193 13.26 5.48 -5.19
N ALA C 194 13.61 6.10 -6.31
CA ALA C 194 12.69 7.02 -7.00
C ALA C 194 11.37 6.36 -7.34
N LEU C 195 11.45 5.10 -7.74
CA LEU C 195 10.27 4.36 -8.18
C LEU C 195 9.21 4.29 -7.07
N GLU C 196 9.66 4.27 -5.80
CA GLU C 196 8.73 4.26 -4.67
C GLU C 196 8.13 5.63 -4.51
N CYS C 197 8.94 6.68 -4.67
CA CYS C 197 8.43 8.01 -4.49
C CYS C 197 7.39 8.31 -5.57
N GLN C 198 7.66 7.94 -6.81
CA GLN C 198 6.73 8.26 -7.89
C GLN C 198 5.44 7.47 -7.72
N ARG C 199 5.52 6.26 -7.16
CA ARG C 199 4.31 5.49 -6.91
C ARG C 199 3.40 6.19 -5.91
N ASP C 200 4.00 6.73 -4.85
CA ASP C 200 3.25 7.53 -3.87
C ASP C 200 2.60 8.78 -4.44
N ALA C 201 3.32 9.45 -5.34
CA ALA C 201 2.76 10.62 -6.02
C ALA C 201 1.51 10.24 -6.78
N ASN C 202 1.52 9.11 -7.46
CA ASN C 202 0.36 8.70 -8.23
C ASN C 202 -0.82 8.15 -7.43
N ARG C 203 -0.55 7.70 -6.22
CA ARG C 203 -1.61 7.32 -5.30
C ARG C 203 -2.47 8.56 -4.95
N VAL C 204 -1.83 9.72 -4.79
CA VAL C 204 -2.54 10.99 -4.64
C VAL C 204 -3.42 11.23 -5.84
N VAL C 205 -2.82 11.15 -7.02
CA VAL C 205 -3.57 11.31 -8.27
C VAL C 205 -4.74 10.35 -8.38
N ALA C 206 -4.50 9.10 -8.03
CA ALA C 206 -5.52 8.07 -8.17
C ALA C 206 -6.72 8.35 -7.28
N LEU C 207 -6.47 8.79 -6.05
CA LEU C 207 -7.56 8.90 -5.06
C LEU C 207 -8.53 10.02 -5.41
N LEU C 208 -8.07 10.99 -6.20
CA LEU C 208 -8.96 12.05 -6.68
C LEU C 208 -9.38 11.83 -8.12
N GLY C 209 -8.54 11.19 -8.92
CA GLY C 209 -8.82 11.03 -10.33
C GLY C 209 -9.64 9.79 -10.66
N GLY C 210 -9.65 8.82 -9.75
CA GLY C 210 -10.34 7.55 -10.00
C GLY C 210 -9.49 6.46 -10.59
N LYS C 211 -8.23 6.81 -10.90
CA LYS C 211 -7.20 5.93 -11.47
C LYS C 211 -6.15 6.83 -12.11
N THR C 212 -5.01 6.23 -12.42
CA THR C 212 -3.95 6.83 -13.26
C THR C 212 -3.17 5.64 -13.80
N PRO C 213 -2.75 5.68 -15.08
CA PRO C 213 -2.91 6.76 -16.06
C PRO C 213 -4.36 7.03 -16.45
N HIS C 214 -4.61 8.25 -16.92
CA HIS C 214 -5.89 8.72 -17.45
C HIS C 214 -6.97 8.91 -16.40
N ILE C 215 -6.92 10.06 -15.73
CA ILE C 215 -7.89 10.36 -14.68
C ILE C 215 -9.29 10.45 -15.26
N GLN C 216 -10.29 10.40 -14.38
CA GLN C 216 -11.66 10.35 -14.83
C GLN C 216 -12.58 11.09 -13.88
N ASN C 217 -12.15 12.23 -13.36
CA ASN C 217 -12.96 12.93 -12.37
C ASN C 217 -13.27 14.36 -12.79
N LEU C 218 -13.02 14.69 -14.05
CA LEU C 218 -13.21 16.06 -14.49
C LEU C 218 -14.60 16.27 -15.09
N ALA C 219 -14.96 17.53 -15.26
CA ALA C 219 -16.12 17.89 -16.06
C ALA C 219 -15.97 19.32 -16.54
N VAL C 220 -16.54 19.62 -17.69
CA VAL C 220 -16.72 21.02 -18.03
C VAL C 220 -17.69 21.57 -16.98
N GLY C 221 -17.24 22.52 -16.18
CA GLY C 221 -18.06 22.98 -15.09
C GLY C 221 -17.54 22.61 -13.71
N GLY C 222 -16.56 21.70 -13.66
CA GLY C 222 -15.84 21.41 -12.43
C GLY C 222 -15.26 20.00 -12.34
N VAL C 223 -15.68 19.29 -11.30
CA VAL C 223 -15.19 17.93 -11.07
C VAL C 223 -16.33 17.00 -10.67
N ALA C 224 -16.09 15.70 -10.79
CA ALA C 224 -17.10 14.69 -10.44
C ALA C 224 -16.91 14.08 -9.07
N ASN C 225 -15.91 14.54 -8.31
CA ASN C 225 -15.78 14.12 -6.92
C ASN C 225 -16.94 14.67 -6.13
N PRO C 226 -17.62 13.83 -5.34
CA PRO C 226 -18.70 14.39 -4.53
C PRO C 226 -18.21 14.61 -3.11
N ILE C 227 -18.07 15.87 -2.73
CA ILE C 227 -17.62 16.21 -1.39
C ILE C 227 -18.75 16.07 -0.39
N ASN C 228 -18.55 15.23 0.63
CA ASN C 228 -19.54 15.04 1.68
C ASN C 228 -18.84 14.32 2.81
N LEU C 229 -18.43 15.06 3.84
CA LEU C 229 -17.66 14.48 4.94
C LEU C 229 -18.37 13.33 5.63
N ASP C 230 -19.70 13.31 5.55
CA ASP C 230 -20.47 12.32 6.30
C ASP C 230 -21.10 11.28 5.41
N GLY C 231 -20.64 11.25 4.16
CA GLY C 231 -21.20 10.33 3.18
C GLY C 231 -20.39 9.05 3.00
N LEU C 232 -21.11 7.95 2.86
CA LEU C 232 -20.52 6.65 2.59
C LEU C 232 -20.29 6.52 1.07
N GLY C 233 -19.08 6.12 0.66
CA GLY C 233 -18.81 5.88 -0.75
C GLY C 233 -18.43 7.13 -1.58
N VAL C 234 -18.25 8.26 -0.92
CA VAL C 234 -17.91 9.50 -1.64
C VAL C 234 -16.67 10.14 -1.02
N LEU C 235 -16.33 11.36 -1.42
CA LEU C 235 -15.14 12.03 -0.91
C LEU C 235 -15.39 12.56 0.49
N ASN C 236 -15.16 11.71 1.50
CA ASN C 236 -15.32 12.11 2.89
C ASN C 236 -13.98 12.38 3.59
N LEU C 237 -14.03 12.62 4.91
CA LEU C 237 -12.84 12.93 5.66
C LEU C 237 -11.84 11.76 5.67
N GLU C 238 -12.34 10.54 5.70
CA GLU C 238 -11.43 9.39 5.69
C GLU C 238 -10.62 9.32 4.37
N ARG C 239 -11.29 9.53 3.24
CA ARG C 239 -10.65 9.54 1.93
C ARG C 239 -9.65 10.69 1.82
N LEU C 240 -10.04 11.86 2.33
CA LEU C 240 -9.14 13.02 2.32
C LEU C 240 -7.90 12.75 3.18
N MET C 241 -8.09 12.14 4.35
CA MET C 241 -6.95 11.73 5.18
C MET C 241 -6.01 10.76 4.46
N TYR C 242 -6.57 9.85 3.67
CA TYR C 242 -5.77 8.91 2.89
C TYR C 242 -4.93 9.68 1.86
N ILE C 243 -5.57 10.59 1.14
CA ILE C 243 -4.87 11.47 0.22
C ILE C 243 -3.71 12.17 0.93
N LYS C 244 -3.98 12.76 2.09
CA LYS C 244 -2.95 13.45 2.83
C LYS C 244 -1.79 12.54 3.21
N SER C 245 -2.09 11.28 3.53
CA SER C 245 -1.04 10.36 3.94
C SER C 245 0.01 10.15 2.81
N PHE C 246 -0.43 10.27 1.57
CA PHE C 246 0.44 10.05 0.43
C PHE C 246 1.18 11.33 0.02
N ILE C 247 0.46 12.45 0.07
CA ILE C 247 1.09 13.78 -0.08
C ILE C 247 2.29 13.91 0.85
N ASP C 248 2.13 13.49 2.12
CA ASP C 248 3.18 13.67 3.12
C ASP C 248 4.43 12.85 2.85
N LYS C 249 4.30 11.85 1.97
CA LYS C 249 5.38 10.89 1.74
C LYS C 249 6.32 11.31 0.63
N LEU C 250 6.01 12.44 -0.01
CA LEU C 250 6.70 12.89 -1.22
C LEU C 250 7.95 13.73 -0.94
N SER C 251 7.82 14.61 0.04
CA SER C 251 8.78 15.69 0.22
C SER C 251 10.22 15.28 0.54
N ASP C 252 10.40 14.26 1.39
CA ASP C 252 11.76 13.89 1.78
C ASP C 252 12.60 13.42 0.60
N PHE C 253 12.03 12.58 -0.25
CA PHE C 253 12.80 12.10 -1.38
C PHE C 253 13.07 13.27 -2.33
N VAL C 254 12.08 14.12 -2.53
CA VAL C 254 12.28 15.24 -3.48
C VAL C 254 13.40 16.16 -2.97
N GLU C 255 13.32 16.53 -1.70
CA GLU C 255 14.29 17.45 -1.11
C GLU C 255 15.64 16.85 -0.82
N GLN C 256 15.69 15.59 -0.36
CA GLN C 256 16.94 15.02 0.13
C GLN C 256 17.62 14.11 -0.89
N VAL C 257 16.94 13.79 -1.99
CA VAL C 257 17.54 12.92 -2.98
C VAL C 257 17.59 13.58 -4.35
N TYR C 258 16.42 13.82 -4.95
CA TYR C 258 16.33 14.40 -6.30
C TYR C 258 17.03 15.74 -6.35
N LYS C 259 16.73 16.62 -5.40
CA LYS C 259 17.32 17.94 -5.38
C LYS C 259 18.85 17.83 -5.26
N VAL C 260 19.30 16.89 -4.44
CA VAL C 260 20.72 16.72 -4.22
C VAL C 260 21.43 16.11 -5.43
N ASP C 261 20.84 15.07 -6.02
CA ASP C 261 21.45 14.40 -7.18
C ASP C 261 21.63 15.38 -8.36
N THR C 262 20.70 16.32 -8.50
CA THR C 262 20.76 17.34 -9.57
C THR C 262 22.08 18.11 -9.46
N ALA C 263 22.36 18.61 -8.27
CA ALA C 263 23.65 19.22 -8.01
C ALA C 263 24.86 18.30 -8.19
N VAL C 264 24.79 17.03 -7.76
CA VAL C 264 25.98 16.20 -7.96
C VAL C 264 26.24 15.89 -9.43
N ILE C 265 25.18 15.68 -10.22
CA ILE C 265 25.35 15.52 -11.65
C ILE C 265 26.02 16.77 -12.21
N ALA C 266 25.56 17.96 -11.78
CA ALA C 266 26.11 19.21 -12.30
C ALA C 266 27.58 19.34 -11.89
N ALA C 267 27.90 18.82 -10.71
CA ALA C 267 29.27 18.88 -10.18
C ALA C 267 30.27 18.13 -11.04
N PHE C 268 29.85 17.05 -11.68
CA PHE C 268 30.78 16.24 -12.45
C PHE C 268 30.68 16.54 -13.93
N TYR C 269 29.72 17.39 -14.28
CA TYR C 269 29.51 17.72 -15.67
C TYR C 269 29.45 19.23 -15.92
N PRO C 270 30.45 19.99 -15.44
CA PRO C 270 30.36 21.46 -15.51
C PRO C 270 30.18 22.06 -16.91
N GLU C 271 30.74 21.43 -17.95
CA GLU C 271 30.63 21.97 -19.31
C GLU C 271 29.21 21.90 -19.84
N TRP C 272 28.35 21.16 -19.16
CA TRP C 272 26.98 21.00 -19.63
C TRP C 272 26.13 22.15 -19.15
N LEU C 273 26.76 23.04 -18.40
CA LEU C 273 26.17 24.33 -18.08
C LEU C 273 26.55 25.33 -19.18
N GLU C 274 27.28 24.86 -20.20
CA GLU C 274 27.81 25.75 -21.24
C GLU C 274 27.41 25.39 -22.66
N ARG C 275 26.55 24.40 -22.81
CA ARG C 275 26.05 24.05 -24.13
C ARG C 275 24.61 23.66 -23.94
N GLY C 276 23.88 23.52 -25.04
CA GLY C 276 22.53 23.00 -24.97
C GLY C 276 21.46 24.06 -24.91
N GLN C 277 21.86 25.34 -25.05
CA GLN C 277 20.87 26.41 -25.13
C GLN C 277 19.97 26.19 -26.34
N GLY C 278 18.66 26.30 -26.15
CA GLY C 278 17.73 26.05 -27.25
C GLY C 278 17.06 27.30 -27.83
N ALA C 279 17.11 28.39 -27.08
CA ALA C 279 16.37 29.59 -27.46
C ALA C 279 16.81 30.77 -26.61
N VAL C 280 16.41 31.96 -27.03
CA VAL C 280 16.58 33.16 -26.23
C VAL C 280 15.23 33.66 -25.76
N ASN C 281 14.16 33.06 -26.27
CA ASN C 281 12.83 33.45 -25.85
C ASN C 281 12.17 32.35 -25.07
N TYR C 282 11.51 32.70 -23.96
CA TYR C 282 10.89 31.73 -23.07
C TYR C 282 9.46 32.15 -22.70
N LEU C 283 8.54 31.18 -22.72
CA LEU C 283 7.12 31.43 -22.43
C LEU C 283 6.63 30.39 -21.40
N SER C 284 5.81 30.83 -20.45
CA SER C 284 5.07 29.93 -19.57
C SER C 284 3.74 30.55 -19.17
N ALA C 285 2.78 29.69 -18.88
CA ALA C 285 1.48 30.12 -18.40
C ALA C 285 1.49 30.14 -16.88
N PRO C 286 0.71 31.06 -16.28
CA PRO C 286 0.53 31.05 -14.83
C PRO C 286 -0.26 29.77 -14.46
N GLU C 287 -0.17 29.29 -13.23
CA GLU C 287 -0.77 27.98 -12.94
C GLU C 287 -1.23 27.81 -11.49
N PHE C 288 -2.23 26.93 -11.31
CA PHE C 288 -2.86 26.63 -10.03
C PHE C 288 -3.74 27.78 -9.54
N PRO C 289 -4.86 27.99 -10.23
CA PRO C 289 -5.79 29.05 -9.82
C PRO C 289 -6.40 28.71 -8.47
N THR C 290 -6.60 29.71 -7.62
CA THR C 290 -7.11 29.48 -6.28
C THR C 290 -8.38 30.24 -5.97
N ASP C 291 -8.96 30.97 -6.92
CA ASP C 291 -10.22 31.64 -6.62
C ASP C 291 -11.37 31.00 -7.37
N GLY C 292 -12.54 31.62 -7.28
CA GLY C 292 -13.70 31.13 -8.00
C GLY C 292 -13.92 31.81 -9.33
N LYS C 293 -12.93 32.57 -9.79
CA LYS C 293 -13.01 33.26 -11.08
C LYS C 293 -11.88 32.81 -12.04
N ASN C 294 -11.42 31.58 -11.86
CA ASN C 294 -10.38 31.00 -12.70
C ASN C 294 -9.02 31.71 -12.64
N GLY C 295 -8.76 32.44 -11.57
CA GLY C 295 -7.50 33.15 -11.43
C GLY C 295 -6.86 33.02 -10.05
N SER C 296 -6.12 34.06 -9.67
CA SER C 296 -5.30 34.08 -8.45
C SER C 296 -4.32 32.88 -8.40
N PHE C 297 -3.43 32.80 -9.38
CA PHE C 297 -2.55 31.63 -9.54
C PHE C 297 -1.42 31.56 -8.53
N LEU C 298 -1.14 30.37 -8.01
CA LEU C 298 0.02 30.19 -7.12
C LEU C 298 1.33 30.45 -7.86
N PHE C 299 1.42 30.00 -9.12
CA PHE C 299 2.64 30.15 -9.90
C PHE C 299 2.43 31.20 -10.99
N PRO C 300 3.35 32.16 -11.11
CA PRO C 300 3.19 33.17 -12.17
C PRO C 300 3.76 32.67 -13.49
N GLY C 301 3.35 33.27 -14.59
CA GLY C 301 3.87 32.93 -15.89
C GLY C 301 4.32 34.21 -16.60
N GLY C 302 4.76 34.10 -17.84
CA GLY C 302 5.15 35.26 -18.62
C GLY C 302 5.98 34.99 -19.87
N TYR C 303 6.59 36.06 -20.39
CA TYR C 303 7.39 35.98 -21.60
C TYR C 303 8.71 36.71 -21.45
N ILE C 304 9.79 36.06 -21.91
CA ILE C 304 11.14 36.61 -21.82
C ILE C 304 11.77 36.55 -23.20
N THR C 305 12.42 37.64 -23.61
CA THR C 305 13.12 37.69 -24.88
C THR C 305 14.61 37.93 -24.73
N ASP C 306 15.36 37.51 -25.74
CA ASP C 306 16.81 37.77 -25.82
C ASP C 306 17.60 37.33 -24.60
N ALA C 307 17.15 36.23 -23.99
CA ALA C 307 17.86 35.61 -22.88
C ALA C 307 18.12 36.57 -21.75
N ASP C 308 17.21 37.52 -21.59
CA ASP C 308 17.44 38.64 -20.69
C ASP C 308 16.22 38.77 -19.80
N LEU C 309 16.42 38.52 -18.51
CA LEU C 309 15.30 38.50 -17.57
C LEU C 309 14.66 39.87 -17.38
N SER C 310 15.37 40.94 -17.75
CA SER C 310 14.81 42.28 -17.57
C SER C 310 13.68 42.55 -18.55
N THR C 311 13.56 41.70 -19.57
CA THR C 311 12.51 41.85 -20.57
C THR C 311 11.19 41.19 -20.16
N TYR C 312 11.16 40.64 -18.94
CA TYR C 312 10.04 39.84 -18.47
C TYR C 312 8.69 40.57 -18.49
N ARG C 313 7.78 40.06 -19.29
CA ARG C 313 6.42 40.57 -19.38
C ARG C 313 5.54 39.52 -18.70
N PRO C 314 5.04 39.83 -17.48
CA PRO C 314 4.28 38.83 -16.71
C PRO C 314 2.96 38.49 -17.38
N ILE C 315 2.50 37.26 -17.14
CA ILE C 315 1.19 36.84 -17.60
C ILE C 315 0.46 36.23 -16.41
N THR C 316 -0.64 36.86 -16.00
CA THR C 316 -1.31 36.47 -14.77
C THR C 316 -2.76 36.09 -14.97
N SER C 317 -3.19 36.00 -16.22
CA SER C 317 -4.54 35.59 -16.52
C SER C 317 -4.53 34.66 -17.72
N HIS C 318 -5.26 33.56 -17.63
CA HIS C 318 -5.47 32.70 -18.79
C HIS C 318 -6.39 33.32 -19.87
N SER C 319 -6.88 34.53 -19.63
CA SER C 319 -7.64 35.19 -20.70
C SER C 319 -6.95 36.47 -21.19
N ASP C 320 -5.66 36.58 -20.86
CA ASP C 320 -4.81 37.66 -21.35
C ASP C 320 -4.70 37.62 -22.88
N GLU C 321 -5.24 38.65 -23.56
CA GLU C 321 -5.21 38.69 -25.02
C GLU C 321 -3.79 38.69 -25.59
N TYR C 322 -2.88 39.32 -24.86
CA TYR C 322 -1.49 39.37 -25.25
C TYR C 322 -0.89 38.00 -25.55
N LEU C 323 -1.21 37.05 -24.68
CA LEU C 323 -0.75 35.69 -24.88
C LEU C 323 -1.54 35.03 -25.99
N ILE C 324 -2.86 35.22 -25.97
CA ILE C 324 -3.75 34.57 -26.91
C ILE C 324 -3.46 35.01 -28.34
N LYS C 325 -3.22 36.29 -28.53
CA LYS C 325 -3.04 36.84 -29.89
C LYS C 325 -1.69 36.45 -30.51
N GLY C 326 -0.68 36.16 -29.68
CA GLY C 326 0.66 35.89 -30.16
C GLY C 326 0.91 34.53 -30.79
N ILE C 327 0.07 33.56 -30.45
CA ILE C 327 0.35 32.17 -30.78
C ILE C 327 -0.12 31.76 -32.17
N GLN C 328 0.78 31.23 -32.97
CA GLN C 328 0.46 30.66 -34.28
C GLN C 328 1.27 29.41 -34.51
N GLU C 329 0.88 28.61 -35.50
CA GLU C 329 1.69 27.46 -35.90
C GLU C 329 1.85 27.39 -37.41
N SER C 330 3.00 26.91 -37.88
CA SER C 330 3.22 26.73 -39.31
C SER C 330 3.73 25.34 -39.68
N ALA C 331 3.16 24.77 -40.74
CA ALA C 331 3.60 23.50 -41.28
C ALA C 331 4.45 23.64 -42.56
N LYS C 332 5.16 24.76 -42.70
CA LYS C 332 6.02 24.96 -43.88
C LYS C 332 7.03 23.82 -44.02
N HIS C 333 7.53 23.34 -42.88
CA HIS C 333 8.47 22.23 -42.84
C HIS C 333 7.91 20.99 -42.12
N ALA C 334 6.59 20.83 -42.14
CA ALA C 334 5.92 19.68 -41.54
C ALA C 334 4.95 19.07 -42.54
N TRP C 335 4.58 17.80 -42.31
CA TRP C 335 3.76 17.06 -43.26
C TRP C 335 2.27 17.40 -43.21
N TYR C 336 1.95 18.69 -43.34
CA TYR C 336 0.58 19.13 -43.48
C TYR C 336 0.46 20.06 -44.68
N LYS C 337 -0.75 20.15 -45.22
CA LYS C 337 -0.99 20.88 -46.48
C LYS C 337 -0.85 22.39 -46.36
N ASP C 338 -1.42 22.96 -45.30
CA ASP C 338 -1.44 24.41 -45.16
C ASP C 338 -0.20 24.90 -44.42
N GLU C 339 0.58 25.73 -45.08
CA GLU C 339 1.92 26.07 -44.61
C GLU C 339 2.10 27.42 -43.92
N ALA C 340 1.26 28.39 -44.23
CA ALA C 340 1.40 29.72 -43.63
C ALA C 340 1.01 29.61 -42.16
N PRO C 341 1.62 30.45 -41.29
CA PRO C 341 1.30 30.42 -39.86
C PRO C 341 -0.19 30.55 -39.61
N GLN C 342 -0.73 29.72 -38.72
CA GLN C 342 -2.15 29.77 -38.38
C GLN C 342 -2.38 30.00 -36.89
N ALA C 343 -3.28 30.91 -36.58
CA ALA C 343 -3.82 31.02 -35.22
C ALA C 343 -4.65 29.75 -34.94
N PRO C 344 -4.50 29.15 -33.75
CA PRO C 344 -5.14 27.85 -33.53
C PRO C 344 -6.67 27.79 -33.69
N TRP C 345 -7.41 28.84 -33.34
CA TRP C 345 -8.86 28.84 -33.60
C TRP C 345 -9.16 28.68 -35.09
N GLU C 346 -8.20 29.04 -35.94
CA GLU C 346 -8.32 28.91 -37.39
C GLU C 346 -7.37 27.85 -37.94
N GLY C 347 -6.82 27.03 -37.05
CA GLY C 347 -5.87 26.03 -37.52
C GLY C 347 -6.52 24.91 -38.29
N THR C 348 -5.73 24.31 -39.17
CA THR C 348 -6.13 23.09 -39.84
C THR C 348 -5.04 22.08 -39.58
N THR C 349 -5.33 20.82 -39.88
CA THR C 349 -4.40 19.73 -39.67
C THR C 349 -4.71 18.70 -40.73
N VAL C 350 -4.38 19.01 -41.98
CA VAL C 350 -4.63 18.03 -43.03
C VAL C 350 -3.30 17.43 -43.48
N PRO C 351 -3.17 16.10 -43.35
CA PRO C 351 -1.90 15.43 -43.60
C PRO C 351 -1.45 15.58 -45.06
N ASP C 352 -0.14 15.73 -45.24
CA ASP C 352 0.47 15.82 -46.56
C ASP C 352 1.85 15.22 -46.41
N TYR C 353 1.92 13.89 -46.38
CA TYR C 353 3.20 13.22 -46.19
C TYR C 353 4.00 13.10 -47.48
N THR C 354 5.17 13.73 -47.50
CA THR C 354 5.99 13.84 -48.68
C THR C 354 7.30 13.10 -48.49
N GLY C 355 7.41 12.35 -47.39
CA GLY C 355 8.66 11.69 -47.05
C GLY C 355 9.70 12.69 -46.57
N TRP C 356 10.90 12.19 -46.29
CA TRP C 356 11.93 13.06 -45.73
C TRP C 356 12.54 14.00 -46.76
N SER C 357 12.75 15.24 -46.36
CA SER C 357 13.47 16.19 -47.19
C SER C 357 14.23 17.18 -46.30
N ASP C 358 15.54 17.23 -46.47
CA ASP C 358 16.38 18.09 -45.63
C ASP C 358 15.97 19.55 -45.67
N ASP C 359 15.47 19.99 -46.82
CA ASP C 359 15.12 21.39 -47.03
C ASP C 359 13.60 21.60 -47.08
N GLY C 360 12.87 20.50 -47.15
CA GLY C 360 11.43 20.56 -47.29
C GLY C 360 10.72 20.23 -45.99
N LYS C 361 9.80 19.29 -46.07
CA LYS C 361 9.06 18.83 -44.91
C LYS C 361 9.72 17.58 -44.33
N TYR C 362 9.76 17.47 -42.99
CA TYR C 362 10.51 16.39 -42.36
C TYR C 362 10.01 16.00 -40.98
N SER C 363 8.81 16.42 -40.61
CA SER C 363 8.28 16.08 -39.27
C SER C 363 6.76 16.11 -39.26
N TRP C 364 6.15 15.39 -38.30
CA TRP C 364 4.72 15.52 -38.09
C TRP C 364 4.41 16.61 -37.06
N VAL C 365 5.45 17.22 -36.51
CA VAL C 365 5.26 18.27 -35.50
C VAL C 365 5.11 19.62 -36.23
N LYS C 366 4.10 20.43 -35.85
CA LYS C 366 3.97 21.80 -36.37
C LYS C 366 5.02 22.70 -35.72
N ALA C 367 5.32 23.85 -36.33
CA ALA C 367 6.29 24.75 -35.72
C ALA C 367 5.58 25.98 -35.18
N PRO C 368 5.46 26.09 -33.84
CA PRO C 368 4.77 27.21 -33.20
C PRO C 368 5.66 28.44 -33.05
N THR C 369 5.04 29.62 -33.09
CA THR C 369 5.72 30.86 -32.80
C THR C 369 4.88 31.71 -31.90
N PHE C 370 5.54 32.61 -31.18
CA PHE C 370 4.88 33.64 -30.40
C PHE C 370 5.25 35.00 -31.00
N TYR C 371 4.28 35.67 -31.62
CA TYR C 371 4.55 36.91 -32.36
C TYR C 371 5.71 36.71 -33.31
N GLY C 372 5.65 35.60 -34.07
CA GLY C 372 6.69 35.23 -35.01
C GLY C 372 8.01 34.69 -34.50
N LYS C 373 8.21 34.64 -33.18
CA LYS C 373 9.50 34.22 -32.64
C LYS C 373 9.46 32.79 -32.14
N THR C 374 10.59 32.10 -32.24
CA THR C 374 10.71 30.73 -31.71
C THR C 374 10.94 30.83 -30.23
N VAL C 375 10.33 29.91 -29.48
CA VAL C 375 10.29 30.06 -28.05
C VAL C 375 10.50 28.68 -27.42
N GLU C 376 11.31 28.64 -26.38
CA GLU C 376 11.41 27.43 -25.56
C GLU C 376 10.36 27.46 -24.44
N VAL C 377 9.69 26.32 -24.21
CA VAL C 377 8.78 26.18 -23.09
C VAL C 377 9.28 25.05 -22.17
N GLY C 378 8.74 24.98 -20.97
CA GLY C 378 9.14 23.93 -20.03
C GLY C 378 9.65 24.48 -18.73
N PRO C 379 10.15 23.60 -17.86
CA PRO C 379 10.65 24.03 -16.55
C PRO C 379 11.74 25.10 -16.59
N LEU C 380 12.62 25.13 -17.59
CA LEU C 380 13.60 26.23 -17.66
C LEU C 380 12.88 27.56 -17.92
N ALA C 381 11.97 27.53 -18.89
CA ALA C 381 11.09 28.67 -19.13
C ALA C 381 10.34 29.07 -17.87
N ASN C 382 9.76 28.09 -17.16
CA ASN C 382 8.96 28.46 -15.99
C ASN C 382 9.81 28.96 -14.85
N MET C 383 11.00 28.38 -14.69
CA MET C 383 11.93 28.86 -13.67
C MET C 383 12.37 30.29 -13.97
N LEU C 384 12.82 30.53 -15.21
CA LEU C 384 13.32 31.84 -15.59
C LEU C 384 12.27 32.93 -15.34
N CYS C 385 11.03 32.66 -15.75
CA CYS C 385 9.91 33.57 -15.52
C CYS C 385 9.67 33.87 -14.04
N LYS C 386 9.73 32.84 -13.20
CA LYS C 386 9.55 33.01 -11.77
C LYS C 386 10.69 33.78 -11.14
N LEU C 387 11.91 33.54 -11.62
CA LEU C 387 13.07 34.31 -11.14
C LEU C 387 12.92 35.77 -11.55
N ALA C 388 12.53 35.97 -12.79
CA ALA C 388 12.33 37.33 -13.32
C ALA C 388 11.25 38.03 -12.52
N ALA C 389 10.22 37.27 -12.11
CA ALA C 389 9.12 37.82 -11.32
C ALA C 389 9.52 38.08 -9.87
N LYS C 390 10.76 37.73 -9.54
CA LYS C 390 11.31 37.91 -8.19
C LYS C 390 10.58 37.05 -7.14
N ARG C 391 10.15 35.86 -7.55
CA ARG C 391 9.48 34.94 -6.64
C ARG C 391 10.51 34.39 -5.67
N GLU C 392 10.38 34.76 -4.40
CA GLU C 392 11.38 34.40 -3.41
C GLU C 392 11.56 32.88 -3.25
N SER C 393 10.45 32.15 -3.31
CA SER C 393 10.49 30.69 -3.22
C SER C 393 11.40 30.08 -4.30
N THR C 394 11.32 30.60 -5.53
CA THR C 394 12.08 30.05 -6.65
C THR C 394 13.57 30.35 -6.53
N HIS C 395 13.91 31.63 -6.31
CA HIS C 395 15.28 32.01 -5.97
C HIS C 395 15.86 31.18 -4.81
N ALA C 396 15.12 31.06 -3.72
CA ALA C 396 15.55 30.30 -2.55
C ALA C 396 15.83 28.83 -2.90
N LYS C 397 14.91 28.22 -3.65
CA LYS C 397 15.07 26.82 -4.04
C LYS C 397 16.26 26.61 -4.98
N LEU C 398 16.36 27.46 -6.00
CA LEU C 398 17.53 27.46 -6.86
C LEU C 398 18.83 27.63 -6.06
N ASN C 399 18.81 28.53 -5.09
CA ASN C 399 20.03 28.80 -4.33
C ASN C 399 20.46 27.58 -3.51
N GLU C 400 19.47 26.81 -3.07
CA GLU C 400 19.76 25.59 -2.29
C GLU C 400 20.54 24.62 -3.16
N ILE C 401 20.08 24.41 -4.39
CA ILE C 401 20.79 23.55 -5.33
C ILE C 401 22.18 24.07 -5.67
N VAL C 402 22.27 25.37 -5.95
CA VAL C 402 23.56 25.95 -6.27
C VAL C 402 24.52 25.78 -5.09
N ALA C 403 24.01 25.95 -3.88
CA ALA C 403 24.86 25.83 -2.70
C ALA C 403 25.44 24.42 -2.56
N ILE C 404 24.65 23.41 -2.93
CA ILE C 404 25.15 22.04 -2.90
C ILE C 404 26.25 21.89 -3.95
N TYR C 405 25.98 22.42 -5.14
CA TYR C 405 26.99 22.48 -6.19
C TYR C 405 28.28 23.08 -5.66
N THR C 406 28.15 24.23 -5.00
CA THR C 406 29.30 24.95 -4.42
C THR C 406 30.00 24.12 -3.35
N LYS C 407 29.24 23.45 -2.48
CA LYS C 407 29.85 22.57 -1.49
C LYS C 407 30.66 21.48 -2.17
N LEU C 408 30.17 21.01 -3.31
CA LEU C 408 30.82 19.94 -4.06
C LEU C 408 31.99 20.38 -4.95
N THR C 409 31.94 21.59 -5.47
CA THR C 409 32.87 22.03 -6.52
C THR C 409 33.73 23.21 -6.11
N GLY C 410 33.23 24.00 -5.17
CA GLY C 410 33.88 25.26 -4.84
C GLY C 410 33.61 26.29 -5.91
N LYS C 411 32.75 25.96 -6.86
CA LYS C 411 32.37 26.86 -7.95
C LYS C 411 30.91 27.32 -7.78
N THR C 412 30.48 28.29 -8.58
CA THR C 412 29.08 28.71 -8.51
C THR C 412 28.35 28.63 -9.85
N ILE C 413 27.07 28.97 -9.82
CA ILE C 413 26.25 28.98 -11.03
C ILE C 413 25.54 30.33 -11.12
N GLU C 414 25.80 31.06 -12.20
CA GLU C 414 25.12 32.33 -12.42
C GLU C 414 23.94 32.10 -13.36
N VAL C 415 22.99 33.01 -13.35
CA VAL C 415 21.81 32.91 -14.21
C VAL C 415 22.19 32.66 -15.68
N ALA C 416 23.30 33.25 -16.11
CA ALA C 416 23.81 33.04 -17.46
C ALA C 416 23.97 31.56 -17.80
N GLN C 417 24.42 30.76 -16.83
CA GLN C 417 24.68 29.36 -17.07
C GLN C 417 23.42 28.50 -17.08
N LEU C 418 22.29 29.05 -16.63
CA LEU C 418 21.01 28.35 -16.67
C LEU C 418 20.51 28.08 -18.09
N HIS C 419 20.95 28.91 -19.05
CA HIS C 419 20.60 28.69 -20.46
C HIS C 419 21.40 27.53 -21.04
N SER C 420 21.14 26.32 -20.55
CA SER C 420 21.97 25.21 -20.93
C SER C 420 21.22 23.90 -20.64
N THR C 421 21.82 22.79 -21.07
CA THR C 421 21.30 21.46 -20.81
C THR C 421 21.08 21.22 -19.31
N LEU C 422 22.07 21.57 -18.49
CA LEU C 422 21.93 21.35 -17.04
C LEU C 422 21.02 22.39 -16.40
N GLY C 423 21.00 23.61 -16.94
CA GLY C 423 20.09 24.60 -16.40
C GLY C 423 18.64 24.19 -16.56
N ARG C 424 18.35 23.50 -17.67
CA ARG C 424 17.01 23.05 -18.02
C ARG C 424 16.61 21.94 -17.03
N ILE C 425 17.57 21.05 -16.78
CA ILE C 425 17.40 19.98 -15.77
C ILE C 425 17.13 20.58 -14.40
N ILE C 426 17.91 21.60 -14.04
CA ILE C 426 17.76 22.32 -12.77
C ILE C 426 16.37 22.97 -12.61
N GLY C 427 15.90 23.65 -13.65
CA GLY C 427 14.53 24.15 -13.68
C GLY C 427 13.48 23.10 -13.32
N ARG C 428 13.64 21.90 -13.85
CA ARG C 428 12.71 20.81 -13.64
C ARG C 428 12.73 20.41 -12.16
N THR C 429 13.93 20.31 -11.60
CA THR C 429 14.10 19.96 -10.19
C THR C 429 13.50 21.04 -9.28
N VAL C 430 13.75 22.30 -9.61
CA VAL C 430 13.19 23.40 -8.84
C VAL C 430 11.67 23.33 -8.87
N HIS C 431 11.11 23.00 -10.02
CA HIS C 431 9.66 22.87 -10.20
C HIS C 431 9.10 21.74 -9.31
N CYS C 432 9.74 20.58 -9.37
CA CYS C 432 9.31 19.47 -8.50
C CYS C 432 9.35 19.87 -7.02
N CYS C 433 10.42 20.56 -6.62
CA CYS C 433 10.54 20.99 -5.23
C CYS C 433 9.46 21.96 -4.77
N GLU C 434 9.20 23.01 -5.57
CA GLU C 434 8.16 23.96 -5.19
C GLU C 434 6.76 23.34 -5.17
N LEU C 435 6.54 22.32 -6.01
CA LEU C 435 5.24 21.69 -6.11
C LEU C 435 4.79 20.99 -4.84
N GLN C 436 5.73 20.64 -3.97
CA GLN C 436 5.37 19.99 -2.71
C GLN C 436 4.64 20.97 -1.80
N ASN C 437 5.09 22.23 -1.78
CA ASN C 437 4.33 23.25 -1.07
C ASN C 437 2.97 23.51 -1.72
N VAL C 438 2.88 23.35 -3.04
CA VAL C 438 1.59 23.50 -3.70
C VAL C 438 0.63 22.44 -3.17
N LEU C 439 1.12 21.22 -3.03
CA LEU C 439 0.30 20.12 -2.54
C LEU C 439 -0.20 20.37 -1.12
N GLN C 440 0.70 20.74 -0.22
CA GLN C 440 0.32 21.06 1.15
C GLN C 440 -0.69 22.23 1.21
N ASP C 441 -0.39 23.32 0.49
CA ASP C 441 -1.23 24.51 0.49
C ASP C 441 -2.63 24.20 0.02
N GLN C 442 -2.72 23.51 -1.11
CA GLN C 442 -4.00 23.25 -1.71
C GLN C 442 -4.79 22.19 -0.94
N TYR C 443 -4.09 21.26 -0.30
CA TYR C 443 -4.83 20.29 0.50
C TYR C 443 -5.48 21.02 1.65
N ASN C 444 -4.70 21.84 2.35
N ASN C 444 -4.69 21.84 2.35
CA ASN C 444 -5.20 22.60 3.47
CA ASN C 444 -5.18 22.64 3.47
C ASN C 444 -6.34 23.56 3.09
C ASN C 444 -6.36 23.52 3.07
N ALA C 445 -6.24 24.18 1.92
CA ALA C 445 -7.27 25.07 1.43
C ALA C 445 -8.57 24.31 1.18
N LEU C 446 -8.46 23.13 0.60
CA LEU C 446 -9.63 22.29 0.41
C LEU C 446 -10.30 21.93 1.75
N ILE C 447 -9.49 21.55 2.75
CA ILE C 447 -9.99 21.19 4.08
C ILE C 447 -10.70 22.36 4.77
N VAL C 448 -10.11 23.55 4.74
CA VAL C 448 -10.74 24.70 5.38
C VAL C 448 -12.01 25.11 4.67
N ASN C 449 -12.01 25.05 3.34
CA ASN C 449 -13.18 25.44 2.57
C ASN C 449 -14.39 24.53 2.81
N ILE C 450 -14.12 23.23 2.93
CA ILE C 450 -15.19 22.27 3.23
C ILE C 450 -15.74 22.52 4.63
N GLY C 451 -14.88 22.91 5.55
CA GLY C 451 -15.29 23.25 6.90
C GLY C 451 -16.09 24.53 7.01
N LYS C 452 -15.97 25.41 6.02
CA LYS C 452 -16.79 26.61 5.94
C LYS C 452 -18.17 26.31 5.36
N GLY C 453 -18.42 25.04 5.06
CA GLY C 453 -19.69 24.65 4.47
C GLY C 453 -19.79 24.55 2.96
N ASP C 454 -18.72 24.88 2.26
CA ASP C 454 -18.77 24.79 0.79
C ASP C 454 -18.40 23.41 0.29
N HIS C 455 -19.39 22.72 -0.28
CA HIS C 455 -19.17 21.40 -0.85
C HIS C 455 -19.43 21.40 -2.35
N THR C 456 -19.51 22.59 -2.93
CA THR C 456 -19.76 22.73 -4.36
C THR C 456 -18.55 22.33 -5.19
N THR C 457 -18.80 21.49 -6.20
CA THR C 457 -17.74 20.95 -7.02
C THR C 457 -18.02 21.12 -8.51
N PHE C 458 -19.25 21.52 -8.83
CA PHE C 458 -19.71 21.49 -10.21
C PHE C 458 -20.80 22.53 -10.47
N VAL C 459 -20.65 23.30 -11.54
CA VAL C 459 -21.70 24.16 -12.08
C VAL C 459 -22.09 23.63 -13.44
N LYS C 460 -23.37 23.30 -13.65
CA LYS C 460 -23.76 22.75 -14.94
C LYS C 460 -23.58 23.79 -16.05
N PRO C 461 -22.93 23.39 -17.15
CA PRO C 461 -22.71 24.28 -18.30
C PRO C 461 -23.98 24.52 -19.08
N ASP C 462 -24.19 25.78 -19.51
CA ASP C 462 -25.24 26.15 -20.45
C ASP C 462 -24.61 26.13 -21.83
N ILE C 463 -24.98 25.15 -22.66
CA ILE C 463 -24.42 25.04 -24.01
C ILE C 463 -25.48 25.38 -25.06
N PRO C 464 -25.40 26.60 -25.64
CA PRO C 464 -26.39 27.07 -26.63
C PRO C 464 -26.48 26.18 -27.88
N ALA C 465 -27.69 25.83 -28.28
CA ALA C 465 -27.91 24.97 -29.43
C ALA C 465 -27.47 25.62 -30.76
N THR C 466 -27.32 26.95 -30.75
CA THR C 466 -26.86 27.67 -31.94
C THR C 466 -25.90 28.78 -31.56
N GLY C 467 -25.14 29.27 -32.54
CA GLY C 467 -24.17 30.34 -32.31
C GLY C 467 -22.75 29.82 -32.24
N GLU C 468 -21.78 30.72 -32.33
CA GLU C 468 -20.38 30.34 -32.31
C GLU C 468 -19.67 30.86 -31.08
N PHE C 469 -18.86 30.01 -30.46
CA PHE C 469 -18.16 30.38 -29.25
C PHE C 469 -16.75 29.82 -29.31
N LYS C 470 -15.78 30.61 -28.86
CA LYS C 470 -14.43 30.08 -28.86
C LYS C 470 -13.76 30.27 -27.52
N GLY C 471 -13.00 29.25 -27.14
CA GLY C 471 -12.35 29.27 -25.85
C GLY C 471 -10.95 28.69 -25.96
N VAL C 472 -10.10 29.11 -25.04
CA VAL C 472 -8.77 28.55 -24.95
C VAL C 472 -8.48 28.17 -23.49
N GLY C 473 -7.92 26.99 -23.30
CA GLY C 473 -7.56 26.51 -21.98
C GLY C 473 -6.04 26.42 -21.89
N PHE C 474 -5.44 27.21 -21.00
CA PHE C 474 -4.01 27.16 -20.82
C PHE C 474 -3.69 26.31 -19.60
N LEU C 475 -2.52 25.70 -19.60
CA LEU C 475 -2.07 24.87 -18.48
C LEU C 475 -0.55 24.75 -18.51
N GLU C 476 0.10 25.03 -17.39
CA GLU C 476 1.55 24.84 -17.31
C GLU C 476 1.88 23.38 -16.94
N ALA C 477 2.10 22.58 -17.97
CA ALA C 477 2.33 21.15 -17.87
C ALA C 477 3.75 20.85 -17.45
N PRO C 478 4.06 19.56 -17.13
CA PRO C 478 5.45 19.27 -16.78
C PRO C 478 6.49 19.67 -17.83
N ARG C 479 6.14 19.64 -19.11
CA ARG C 479 7.08 19.99 -20.19
C ARG C 479 6.88 21.39 -20.74
N GLY C 480 5.91 22.13 -20.22
CA GLY C 480 5.75 23.54 -20.59
C GLY C 480 4.31 23.96 -20.86
N MET C 481 4.15 25.17 -21.41
CA MET C 481 2.82 25.72 -21.62
C MET C 481 2.01 24.90 -22.64
N LEU C 482 0.84 24.45 -22.22
CA LEU C 482 -0.09 23.72 -23.07
C LEU C 482 -1.30 24.59 -23.36
N SER C 483 -1.82 24.51 -24.56
CA SER C 483 -3.05 25.23 -24.88
C SER C 483 -3.95 24.41 -25.78
N HIS C 484 -5.22 24.33 -25.38
CA HIS C 484 -6.25 23.67 -26.15
C HIS C 484 -7.19 24.76 -26.64
N TRP C 485 -7.50 24.74 -27.92
CA TRP C 485 -8.27 25.81 -28.55
C TRP C 485 -9.52 25.20 -29.14
N MET C 486 -10.68 25.52 -28.55
CA MET C 486 -11.93 24.94 -28.99
C MET C 486 -12.85 25.97 -29.66
N VAL C 487 -13.38 25.61 -30.81
CA VAL C 487 -14.50 26.34 -31.41
C VAL C 487 -15.77 25.50 -31.43
N ILE C 488 -16.83 26.07 -30.87
CA ILE C 488 -18.12 25.44 -30.82
C ILE C 488 -19.04 26.15 -31.80
N LYS C 489 -19.74 25.36 -32.61
CA LYS C 489 -20.71 25.90 -33.55
C LYS C 489 -21.96 25.04 -33.50
N ASP C 490 -23.08 25.65 -33.13
CA ASP C 490 -24.36 24.94 -33.10
C ASP C 490 -24.27 23.70 -32.20
N GLY C 491 -23.78 23.93 -30.98
CA GLY C 491 -23.76 22.89 -29.95
C GLY C 491 -22.63 21.87 -30.05
N ILE C 492 -21.87 21.88 -31.14
CA ILE C 492 -20.80 20.91 -31.32
C ILE C 492 -19.46 21.55 -31.65
N ILE C 493 -18.40 20.75 -31.54
CA ILE C 493 -17.04 21.20 -31.79
C ILE C 493 -16.81 21.30 -33.31
N SER C 494 -16.58 22.51 -33.80
CA SER C 494 -16.32 22.70 -35.23
C SER C 494 -14.83 22.73 -35.54
N ASN C 495 -14.02 23.19 -34.58
CA ASN C 495 -12.57 23.09 -34.71
C ASN C 495 -11.93 22.78 -33.36
N TYR C 496 -10.84 22.05 -33.39
CA TYR C 496 -10.12 21.77 -32.15
C TYR C 496 -8.63 21.73 -32.47
N GLN C 497 -7.86 22.57 -31.82
CA GLN C 497 -6.43 22.58 -32.04
C GLN C 497 -5.67 22.56 -30.74
N ALA C 498 -4.71 21.65 -30.65
CA ALA C 498 -3.84 21.56 -29.49
C ALA C 498 -2.43 22.03 -29.84
N VAL C 499 -1.91 22.94 -29.03
CA VAL C 499 -0.54 23.40 -29.17
C VAL C 499 0.14 23.00 -27.86
N VAL C 500 1.02 22.01 -27.96
CA VAL C 500 1.50 21.24 -26.81
C VAL C 500 2.95 21.64 -26.54
N PRO C 501 3.40 21.56 -25.27
CA PRO C 501 4.73 22.09 -24.98
C PRO C 501 5.84 21.50 -25.84
N SER C 502 5.80 20.19 -26.10
CA SER C 502 6.82 19.57 -26.94
C SER C 502 6.66 19.93 -28.40
N THR C 503 5.50 20.48 -28.78
CA THR C 503 5.35 21.03 -30.13
C THR C 503 6.25 22.24 -30.26
N TRP C 504 6.22 23.10 -29.24
CA TRP C 504 7.07 24.27 -29.19
C TRP C 504 8.55 23.89 -29.28
N ASN C 505 8.96 22.89 -28.51
CA ASN C 505 10.38 22.62 -28.36
C ASN C 505 10.93 21.75 -29.48
N SER C 506 10.12 20.79 -29.92
N SER C 506 10.12 20.79 -29.93
CA SER C 506 10.53 19.81 -30.92
CA SER C 506 10.55 19.82 -30.92
C SER C 506 10.16 20.20 -32.33
C SER C 506 10.15 20.19 -32.34
N GLY C 507 9.54 21.36 -32.48
CA GLY C 507 9.07 21.82 -33.78
C GLY C 507 10.23 21.97 -34.75
N PRO C 508 9.97 21.66 -36.03
CA PRO C 508 10.96 21.80 -37.09
C PRO C 508 11.10 23.26 -37.50
N ARG C 509 11.98 23.53 -38.44
CA ARG C 509 12.13 24.89 -38.97
C ARG C 509 10.77 25.50 -39.27
N ASN C 510 10.56 26.74 -38.83
CA ASN C 510 9.25 27.38 -39.01
C ASN C 510 9.08 28.13 -40.37
N PHE C 511 8.05 28.95 -40.46
CA PHE C 511 7.78 29.69 -41.71
C PHE C 511 8.91 30.62 -42.13
N ASN C 512 9.63 31.16 -41.17
CA ASN C 512 10.80 31.98 -41.47
C ASN C 512 12.10 31.23 -41.37
N ASP C 513 12.00 29.91 -41.53
CA ASP C 513 13.13 28.99 -41.53
C ASP C 513 13.98 28.98 -40.23
N GLU C 514 13.46 29.51 -39.13
CA GLU C 514 14.22 29.45 -37.90
C GLU C 514 13.99 28.09 -37.21
N VAL C 515 15.11 27.45 -36.84
CA VAL C 515 15.07 26.12 -36.22
C VAL C 515 14.37 26.16 -34.87
N GLY C 516 13.79 25.04 -34.47
CA GLY C 516 13.15 24.95 -33.18
C GLY C 516 14.19 24.71 -32.08
N PRO C 517 13.72 24.73 -30.83
CA PRO C 517 14.68 24.64 -29.72
C PRO C 517 15.54 23.37 -29.68
N TYR C 518 15.01 22.18 -29.97
CA TYR C 518 15.86 20.97 -29.98
C TYR C 518 16.95 21.16 -31.03
N GLU C 519 16.53 21.58 -32.22
CA GLU C 519 17.46 21.82 -33.31
C GLU C 519 18.55 22.85 -32.96
N ARG C 520 18.19 23.96 -32.31
CA ARG C 520 19.22 24.92 -31.94
C ARG C 520 20.15 24.39 -30.87
N SER C 521 19.59 23.63 -29.94
CA SER C 521 20.34 23.20 -28.76
C SER C 521 21.51 22.30 -29.15
N LEU C 522 21.38 21.61 -30.27
CA LEU C 522 22.39 20.62 -30.64
C LEU C 522 23.63 21.22 -31.31
N VAL C 523 23.50 22.40 -31.90
CA VAL C 523 24.64 23.02 -32.57
C VAL C 523 25.75 23.24 -31.56
N GLY C 524 26.93 22.71 -31.85
CA GLY C 524 28.05 22.92 -30.96
C GLY C 524 28.34 21.72 -30.09
N THR C 525 27.43 20.73 -30.13
CA THR C 525 27.58 19.51 -29.31
C THR C 525 28.78 18.69 -29.77
N PRO C 526 29.74 18.43 -28.87
CA PRO C 526 30.85 17.57 -29.28
C PRO C 526 30.44 16.10 -29.34
N ILE C 527 30.97 15.38 -30.32
CA ILE C 527 30.64 13.97 -30.50
C ILE C 527 31.87 13.08 -30.38
N ALA C 528 31.97 12.26 -29.34
CA ALA C 528 33.12 11.38 -29.25
C ALA C 528 32.99 10.21 -30.22
N ASP C 529 31.77 9.73 -30.43
CA ASP C 529 31.53 8.59 -31.31
C ASP C 529 30.27 8.86 -32.11
N PRO C 530 30.39 9.11 -33.42
CA PRO C 530 29.18 9.44 -34.19
C PRO C 530 28.18 8.29 -34.29
N ASN C 531 28.63 7.06 -34.09
CA ASN C 531 27.74 5.91 -34.07
C ASN C 531 27.02 5.74 -32.73
N LYS C 532 27.54 6.36 -31.66
CA LYS C 532 26.84 6.39 -30.37
C LYS C 532 26.74 7.80 -29.84
N PRO C 533 25.89 8.66 -30.46
CA PRO C 533 25.92 10.07 -30.09
C PRO C 533 25.25 10.41 -28.75
N LEU C 534 25.88 9.97 -27.65
CA LEU C 534 25.34 10.12 -26.31
C LEU C 534 25.18 11.59 -25.98
N GLU C 535 26.11 12.41 -26.44
CA GLU C 535 26.09 13.84 -26.14
C GLU C 535 24.84 14.52 -26.71
N VAL C 536 24.39 14.08 -27.88
CA VAL C 536 23.15 14.61 -28.47
C VAL C 536 21.97 14.19 -27.62
N VAL C 537 21.93 12.91 -27.28
CA VAL C 537 20.84 12.34 -26.49
C VAL C 537 20.72 13.03 -25.11
N ARG C 538 21.85 13.40 -24.53
CA ARG C 538 21.89 14.18 -23.30
C ARG C 538 21.16 15.50 -23.36
N THR C 539 21.47 16.32 -24.36
CA THR C 539 20.77 17.59 -24.49
C THR C 539 19.30 17.43 -24.83
N ILE C 540 18.99 16.52 -25.75
CA ILE C 540 17.61 16.30 -26.16
C ILE C 540 16.79 15.82 -24.98
N HIS C 541 17.34 14.87 -24.22
CA HIS C 541 16.62 14.40 -23.03
C HIS C 541 16.34 15.52 -22.04
N SER C 542 17.18 16.55 -22.00
CA SER C 542 16.97 17.63 -21.04
C SER C 542 15.64 18.38 -21.27
N PHE C 543 15.08 18.25 -22.47
CA PHE C 543 13.83 18.91 -22.80
C PHE C 543 12.65 18.03 -22.44
N ASP C 544 12.93 16.79 -22.03
CA ASP C 544 11.89 15.83 -21.68
C ASP C 544 10.89 15.61 -22.83
N PRO C 545 11.38 15.14 -24.00
CA PRO C 545 10.53 15.02 -25.19
C PRO C 545 9.32 14.15 -24.98
N CYS C 546 8.19 14.61 -25.47
CA CYS C 546 7.03 13.76 -25.54
C CYS C 546 6.39 13.90 -26.91
N MET C 547 6.59 12.91 -27.77
CA MET C 547 6.23 13.07 -29.16
C MET C 547 4.77 12.79 -29.50
N SER C 548 4.10 11.98 -28.70
N SER C 548 4.09 11.98 -28.69
CA SER C 548 2.67 11.79 -28.88
CA SER C 548 2.66 11.81 -28.89
C SER C 548 2.01 13.13 -28.57
C SER C 548 1.98 13.12 -28.54
N CYS C 549 2.54 13.80 -27.54
CA CYS C 549 2.11 15.13 -27.22
C CYS C 549 2.46 16.14 -28.34
N ALA C 550 3.70 16.12 -28.81
CA ALA C 550 4.14 17.11 -29.79
C ALA C 550 3.32 17.04 -31.07
N VAL C 551 2.98 15.82 -31.48
CA VAL C 551 2.29 15.60 -32.74
C VAL C 551 0.79 15.43 -32.61
N HIS C 552 0.35 14.67 -31.59
CA HIS C 552 -1.05 14.31 -31.41
C HIS C 552 -1.79 13.88 -32.69
N PRO D 9 19.72 -17.90 -12.41
CA PRO D 9 18.59 -18.45 -13.18
C PRO D 9 18.22 -17.50 -14.33
N GLN D 10 17.63 -18.03 -15.38
CA GLN D 10 17.38 -17.25 -16.60
C GLN D 10 15.92 -16.80 -16.67
N ARG D 11 15.70 -15.51 -16.92
CA ARG D 11 14.35 -14.94 -16.89
C ARG D 11 13.71 -14.89 -18.28
N PRO D 12 12.40 -15.20 -18.35
CA PRO D 12 11.69 -15.25 -19.63
C PRO D 12 11.79 -13.91 -20.36
N PRO D 13 12.15 -13.94 -21.64
CA PRO D 13 12.36 -12.73 -22.43
C PRO D 13 11.06 -12.08 -22.91
N VAL D 14 11.03 -10.75 -22.89
CA VAL D 14 9.87 -10.01 -23.37
C VAL D 14 10.36 -8.93 -24.33
N ILE D 15 9.67 -8.82 -25.46
CA ILE D 15 9.94 -7.74 -26.39
C ILE D 15 8.71 -6.86 -26.53
N TRP D 16 8.91 -5.55 -26.35
CA TRP D 16 7.79 -4.62 -26.28
C TRP D 16 7.91 -3.60 -27.40
N ILE D 17 6.89 -3.54 -28.25
CA ILE D 17 6.90 -2.62 -29.38
C ILE D 17 5.70 -1.66 -29.30
N GLY D 18 5.99 -0.37 -29.34
CA GLY D 18 4.95 0.64 -29.28
C GLY D 18 4.65 1.14 -30.67
N ALA D 19 3.38 1.14 -31.04
CA ALA D 19 2.98 1.65 -32.35
C ALA D 19 2.42 3.04 -32.13
N GLN D 20 1.14 3.25 -32.46
CA GLN D 20 0.49 4.51 -32.20
C GLN D 20 0.01 4.57 -30.75
N GLU D 21 0.96 4.70 -29.82
CA GLU D 21 0.65 4.64 -28.39
C GLU D 21 0.87 5.97 -27.69
N CYS D 22 0.04 6.26 -26.68
CA CYS D 22 0.20 7.48 -25.88
C CYS D 22 1.17 7.24 -24.73
N THR D 23 1.58 5.97 -24.59
CA THR D 23 2.51 5.47 -23.56
C THR D 23 1.84 5.22 -22.20
N GLY D 24 0.53 5.45 -22.15
CA GLY D 24 -0.23 5.13 -20.95
C GLY D 24 -0.13 3.67 -20.54
N CYS D 25 -0.04 2.75 -21.50
CA CYS D 25 0.01 1.33 -21.10
C CYS D 25 1.36 0.97 -20.46
N THR D 26 2.42 1.62 -20.94
CA THR D 26 3.73 1.48 -20.31
C THR D 26 3.70 2.07 -18.91
N GLU D 27 3.07 3.24 -18.79
CA GLU D 27 2.98 3.95 -17.53
C GLU D 27 2.20 3.19 -16.46
N SER D 28 1.24 2.37 -16.88
CA SER D 28 0.50 1.53 -15.93
C SER D 28 1.44 0.64 -15.13
N LEU D 29 2.50 0.16 -15.78
CA LEU D 29 3.52 -0.66 -15.11
C LEU D 29 4.15 0.08 -13.93
N LEU D 30 4.20 1.41 -14.03
CA LEU D 30 4.82 2.19 -12.95
C LEU D 30 3.94 2.32 -11.73
N ARG D 31 2.66 1.98 -11.87
CA ARG D 31 1.72 1.93 -10.74
C ARG D 31 1.64 0.53 -10.11
N ALA D 32 2.19 -0.47 -10.80
CA ALA D 32 2.06 -1.85 -10.38
C ALA D 32 2.73 -2.17 -9.02
N THR D 33 2.18 -3.13 -8.30
CA THR D 33 2.74 -3.50 -7.03
C THR D 33 3.04 -4.98 -6.88
N HIS D 34 2.61 -5.81 -7.84
CA HIS D 34 2.81 -7.24 -7.73
C HIS D 34 2.89 -7.96 -9.09
N PRO D 35 4.03 -7.79 -9.80
CA PRO D 35 5.23 -7.12 -9.27
C PRO D 35 5.31 -5.61 -9.55
N THR D 36 6.09 -4.90 -8.73
CA THR D 36 6.51 -3.55 -9.06
C THR D 36 7.33 -3.60 -10.34
N VAL D 37 7.40 -2.47 -11.05
CA VAL D 37 8.11 -2.46 -12.31
C VAL D 37 9.57 -2.87 -12.13
N GLU D 38 10.19 -2.45 -11.04
CA GLU D 38 11.60 -2.81 -10.80
C GLU D 38 11.77 -4.30 -10.50
N ASN D 39 10.85 -4.89 -9.76
CA ASN D 39 10.88 -6.34 -9.60
C ASN D 39 10.53 -7.06 -10.89
N LEU D 40 9.61 -6.47 -11.67
CA LEU D 40 9.31 -7.01 -13.01
C LEU D 40 10.57 -7.21 -13.83
N VAL D 41 11.31 -6.12 -14.04
CA VAL D 41 12.43 -6.12 -14.96
C VAL D 41 13.71 -6.72 -14.37
N LEU D 42 13.84 -6.75 -13.04
CA LEU D 42 15.03 -7.36 -12.42
C LEU D 42 14.82 -8.82 -12.03
N GLU D 43 13.58 -9.22 -11.78
CA GLU D 43 13.33 -10.56 -11.24
C GLU D 43 12.40 -11.44 -12.06
N THR D 44 11.33 -10.88 -12.61
CA THR D 44 10.32 -11.78 -13.20
C THR D 44 10.45 -12.03 -14.69
N ILE D 45 10.91 -11.02 -15.42
CA ILE D 45 11.15 -11.18 -16.85
C ILE D 45 12.52 -10.60 -17.20
N SER D 46 12.92 -10.80 -18.44
CA SER D 46 13.99 -9.98 -19.00
C SER D 46 13.38 -9.11 -20.07
N LEU D 47 13.30 -7.82 -19.81
CA LEU D 47 12.77 -6.86 -20.77
C LEU D 47 13.84 -6.58 -21.80
N GLU D 48 13.81 -7.30 -22.93
CA GLU D 48 14.88 -7.25 -23.93
C GLU D 48 14.77 -6.06 -24.85
N TYR D 49 13.56 -5.57 -25.03
CA TYR D 49 13.35 -4.38 -25.85
C TYR D 49 12.20 -3.56 -25.31
N HIS D 50 12.49 -2.31 -25.00
CA HIS D 50 11.49 -1.33 -24.60
C HIS D 50 12.06 0.07 -24.78
N GLU D 51 11.51 0.79 -25.76
CA GLU D 51 11.99 2.11 -26.11
C GLU D 51 11.91 3.14 -25.03
N VAL D 52 10.93 3.01 -24.14
CA VAL D 52 10.74 4.01 -23.09
C VAL D 52 11.80 3.86 -22.01
N LEU D 53 12.26 2.64 -21.77
CA LEU D 53 13.13 2.32 -20.63
C LEU D 53 14.60 2.04 -20.97
N SER D 54 14.87 1.69 -22.22
CA SER D 54 16.19 1.19 -22.63
C SER D 54 17.34 2.20 -22.59
N ALA D 55 18.44 1.77 -21.97
CA ALA D 55 19.64 2.58 -21.92
C ALA D 55 20.15 2.90 -23.33
N ALA D 56 20.07 1.92 -24.22
CA ALA D 56 20.53 2.08 -25.59
C ALA D 56 19.54 2.91 -26.38
N PHE D 57 20.03 3.58 -27.42
CA PHE D 57 19.19 4.32 -28.35
C PHE D 57 19.68 4.05 -29.78
N GLY D 58 18.93 4.56 -30.75
CA GLY D 58 19.33 4.54 -32.15
C GLY D 58 19.79 3.19 -32.66
N HIS D 59 20.99 3.16 -33.23
CA HIS D 59 21.50 1.95 -33.86
C HIS D 59 21.72 0.84 -32.81
N GLN D 60 22.11 1.23 -31.60
CA GLN D 60 22.35 0.23 -30.55
C GLN D 60 21.06 -0.41 -30.04
N VAL D 61 19.95 0.33 -30.03
CA VAL D 61 18.69 -0.28 -29.61
C VAL D 61 18.10 -1.17 -30.70
N GLU D 62 18.38 -0.87 -31.97
CA GLU D 62 17.93 -1.78 -33.01
C GLU D 62 18.81 -3.05 -33.03
N GLU D 63 20.08 -2.92 -32.64
CA GLU D 63 20.95 -4.07 -32.43
C GLU D 63 20.37 -4.97 -31.34
N ASN D 64 19.92 -4.35 -30.26
CA ASN D 64 19.33 -5.09 -29.15
C ASN D 64 18.13 -5.91 -29.59
N LYS D 65 17.31 -5.34 -30.48
CA LYS D 65 16.09 -6.02 -30.93
C LYS D 65 16.41 -7.22 -31.81
N HIS D 66 17.22 -7.00 -32.83
CA HIS D 66 17.57 -8.09 -33.72
C HIS D 66 18.29 -9.21 -32.95
N ASN D 67 19.18 -8.83 -32.03
CA ASN D 67 19.89 -9.81 -31.19
C ASN D 67 18.94 -10.62 -30.30
N ALA D 68 17.91 -9.96 -29.78
CA ALA D 68 16.94 -10.64 -28.92
C ALA D 68 16.01 -11.50 -29.75
N LEU D 69 15.64 -11.01 -30.93
CA LEU D 69 14.76 -11.76 -31.83
C LEU D 69 15.42 -13.05 -32.26
N GLU D 70 16.75 -13.02 -32.38
CA GLU D 70 17.54 -14.17 -32.76
C GLU D 70 17.80 -15.11 -31.56
N LYS D 71 18.37 -14.57 -30.50
CA LYS D 71 18.73 -15.38 -29.32
C LYS D 71 17.52 -16.04 -28.67
N TYR D 72 16.41 -15.31 -28.56
CA TYR D 72 15.24 -15.80 -27.85
C TYR D 72 14.11 -16.20 -28.77
N LYS D 73 14.47 -16.53 -30.01
CA LYS D 73 13.52 -17.06 -30.99
C LYS D 73 12.65 -18.15 -30.40
N GLY D 74 11.33 -17.99 -30.57
CA GLY D 74 10.38 -18.99 -30.10
C GLY D 74 10.14 -19.02 -28.60
N GLN D 75 10.78 -18.14 -27.85
CA GLN D 75 10.65 -18.13 -26.40
C GLN D 75 10.11 -16.82 -25.82
N TYR D 76 10.16 -15.73 -26.58
CA TYR D 76 9.79 -14.45 -26.00
C TYR D 76 8.30 -14.17 -26.13
N VAL D 77 7.77 -13.42 -25.19
CA VAL D 77 6.44 -12.90 -25.40
C VAL D 77 6.54 -11.50 -26.01
N LEU D 78 5.82 -11.34 -27.11
CA LEU D 78 5.78 -10.07 -27.81
C LEU D 78 4.57 -9.28 -27.33
N VAL D 79 4.81 -8.06 -26.88
CA VAL D 79 3.76 -7.17 -26.42
C VAL D 79 3.68 -5.94 -27.34
N VAL D 80 2.47 -5.53 -27.70
CA VAL D 80 2.30 -4.33 -28.51
C VAL D 80 1.29 -3.41 -27.84
N ASP D 81 1.66 -2.15 -27.63
CA ASP D 81 0.68 -1.12 -27.32
C ASP D 81 0.54 -0.13 -28.46
N GLY D 82 -0.62 0.51 -28.52
CA GLY D 82 -0.92 1.45 -29.58
C GLY D 82 -1.61 0.77 -30.76
N SER D 83 -2.30 1.54 -31.58
CA SER D 83 -2.92 0.99 -32.77
C SER D 83 -1.91 0.95 -33.92
N ILE D 84 -2.23 0.21 -34.96
CA ILE D 84 -1.35 0.12 -36.11
C ILE D 84 -2.03 0.80 -37.30
N PRO D 85 -1.41 1.86 -37.85
CA PRO D 85 -2.06 2.63 -38.92
C PRO D 85 -1.78 1.98 -40.28
N LEU D 86 -2.84 1.58 -40.98
CA LEU D 86 -2.67 0.94 -42.27
C LEU D 86 -2.73 1.91 -43.45
N LYS D 87 -3.35 3.06 -43.26
CA LYS D 87 -3.52 4.02 -44.36
C LYS D 87 -2.20 4.49 -44.97
N ASP D 88 -2.20 4.73 -46.28
CA ASP D 88 -1.03 5.24 -47.00
C ASP D 88 0.23 4.43 -46.74
N ASN D 89 0.08 3.10 -46.77
CA ASN D 89 1.21 2.18 -46.68
C ASN D 89 2.03 2.27 -45.40
N GLY D 90 1.38 2.60 -44.29
CA GLY D 90 2.06 2.54 -42.99
C GLY D 90 2.79 3.79 -42.53
N ILE D 91 2.77 4.86 -43.32
CA ILE D 91 3.66 6.01 -43.02
C ILE D 91 3.34 6.81 -41.76
N TYR D 92 2.16 6.61 -41.18
CA TYR D 92 1.74 7.37 -40.01
C TYR D 92 2.40 6.89 -38.71
N CYS D 93 3.22 5.86 -38.79
CA CYS D 93 4.08 5.47 -37.67
C CYS D 93 5.33 4.77 -38.18
N MET D 94 6.45 5.47 -38.14
CA MET D 94 7.70 5.04 -38.73
C MET D 94 8.81 5.07 -37.72
N VAL D 95 9.38 3.92 -37.38
CA VAL D 95 10.57 3.93 -36.53
C VAL D 95 11.76 3.35 -37.29
N ALA D 96 12.92 3.95 -37.09
CA ALA D 96 14.13 3.56 -37.79
C ALA D 96 13.91 3.47 -39.31
N GLY D 97 13.06 4.35 -39.83
CA GLY D 97 12.81 4.47 -41.26
C GLY D 97 11.91 3.43 -41.89
N GLU D 98 11.19 2.67 -41.06
CA GLU D 98 10.31 1.61 -41.54
C GLU D 98 8.94 1.70 -40.85
N PRO D 99 7.88 1.25 -41.53
CA PRO D 99 6.53 1.27 -40.95
C PRO D 99 6.45 0.38 -39.73
N ILE D 100 5.68 0.78 -38.72
CA ILE D 100 5.64 0.00 -37.49
C ILE D 100 5.02 -1.36 -37.75
N VAL D 101 4.15 -1.47 -38.75
CA VAL D 101 3.56 -2.76 -39.10
C VAL D 101 4.65 -3.77 -39.40
N ASP D 102 5.69 -3.34 -40.11
CA ASP D 102 6.76 -4.24 -40.52
C ASP D 102 7.57 -4.75 -39.33
N HIS D 103 7.94 -3.85 -38.43
CA HIS D 103 8.64 -4.23 -37.21
C HIS D 103 7.83 -5.30 -36.45
N ILE D 104 6.52 -5.14 -36.48
CA ILE D 104 5.63 -5.97 -35.68
C ILE D 104 5.48 -7.36 -36.27
N ARG D 105 5.30 -7.43 -37.59
CA ARG D 105 5.17 -8.73 -38.24
C ARG D 105 6.46 -9.54 -38.17
N ARG D 106 7.60 -8.86 -38.21
CA ARG D 106 8.88 -9.55 -38.06
C ARG D 106 9.02 -10.10 -36.65
N ALA D 107 8.59 -9.32 -35.67
CA ALA D 107 8.71 -9.73 -34.28
C ALA D 107 7.73 -10.86 -33.96
N ALA D 108 6.58 -10.84 -34.62
CA ALA D 108 5.53 -11.84 -34.40
C ALA D 108 5.93 -13.28 -34.80
N GLU D 109 6.85 -13.40 -35.75
CA GLU D 109 7.23 -14.72 -36.28
C GLU D 109 7.92 -15.61 -35.26
N GLY D 110 8.77 -15.02 -34.42
CA GLY D 110 9.48 -15.78 -33.43
C GLY D 110 8.84 -15.75 -32.04
N ALA D 111 7.60 -15.27 -31.95
CA ALA D 111 6.95 -15.07 -30.65
C ALA D 111 6.37 -16.35 -30.06
N ALA D 112 6.58 -16.57 -28.77
CA ALA D 112 5.99 -17.72 -28.06
C ALA D 112 4.53 -17.41 -27.75
N ALA D 113 4.26 -16.13 -27.49
CA ALA D 113 2.92 -15.64 -27.24
C ALA D 113 2.90 -14.18 -27.64
N ILE D 114 1.73 -13.66 -27.98
CA ILE D 114 1.59 -12.28 -28.41
C ILE D 114 0.46 -11.58 -27.69
N ILE D 115 0.79 -10.49 -27.00
CA ILE D 115 -0.20 -9.74 -26.23
C ILE D 115 -0.43 -8.36 -26.80
N ALA D 116 -1.69 -8.01 -27.01
CA ALA D 116 -2.08 -6.61 -27.29
C ALA D 116 -2.55 -5.97 -26.00
N ILE D 117 -1.70 -5.12 -25.43
CA ILE D 117 -2.06 -4.43 -24.19
C ILE D 117 -2.73 -3.09 -24.52
N GLY D 118 -3.86 -2.80 -23.88
CA GLY D 118 -4.55 -1.54 -24.12
C GLY D 118 -5.56 -1.60 -25.26
N SER D 119 -6.56 -0.74 -25.19
CA SER D 119 -7.69 -0.78 -26.13
C SER D 119 -7.25 -0.46 -27.56
N CYS D 120 -6.25 0.42 -27.68
CA CYS D 120 -5.73 0.79 -29.00
C CYS D 120 -5.21 -0.44 -29.74
N ALA D 121 -4.33 -1.19 -29.09
CA ALA D 121 -3.80 -2.41 -29.70
C ALA D 121 -4.85 -3.50 -29.78
N ALA D 122 -5.75 -3.55 -28.80
CA ALA D 122 -6.77 -4.59 -28.74
C ALA D 122 -7.78 -4.43 -29.87
N TRP D 123 -8.21 -3.20 -30.12
CA TRP D 123 -9.26 -2.99 -31.12
C TRP D 123 -9.23 -1.65 -31.86
N GLY D 124 -8.13 -0.92 -31.75
CA GLY D 124 -7.98 0.33 -32.48
C GLY D 124 -8.07 1.52 -31.57
N GLY D 125 -8.91 1.39 -30.55
CA GLY D 125 -9.04 2.41 -29.52
C GLY D 125 -9.42 3.79 -29.99
N VAL D 126 -8.96 4.79 -29.24
CA VAL D 126 -9.25 6.18 -29.53
C VAL D 126 -8.66 6.62 -30.86
N ALA D 127 -7.52 6.06 -31.24
CA ALA D 127 -6.84 6.46 -32.46
C ALA D 127 -7.62 6.02 -33.69
N ALA D 128 -8.47 5.02 -33.52
CA ALA D 128 -9.28 4.52 -34.62
C ALA D 128 -10.72 5.05 -34.56
N ALA D 129 -10.97 5.97 -33.63
CA ALA D 129 -12.32 6.49 -33.45
C ALA D 129 -12.59 7.60 -34.49
N GLY D 130 -13.80 8.17 -34.45
CA GLY D 130 -14.22 9.16 -35.41
C GLY D 130 -13.98 8.72 -36.84
N VAL D 131 -13.45 9.62 -37.66
CA VAL D 131 -13.19 9.30 -39.06
C VAL D 131 -11.93 8.47 -39.27
N ASN D 132 -11.22 8.19 -38.18
CA ASN D 132 -10.00 7.38 -38.20
C ASN D 132 -9.04 7.83 -39.30
N PRO D 133 -8.37 8.97 -39.09
CA PRO D 133 -7.55 9.54 -40.16
C PRO D 133 -6.35 8.70 -40.59
N THR D 134 -5.84 7.84 -39.72
CA THR D 134 -4.67 7.06 -40.11
C THR D 134 -5.00 5.62 -40.50
N GLY D 135 -6.28 5.26 -40.46
CA GLY D 135 -6.68 3.91 -40.76
C GLY D 135 -6.13 2.95 -39.70
N ALA D 136 -6.24 3.36 -38.45
CA ALA D 136 -5.71 2.58 -37.34
C ALA D 136 -6.53 1.32 -37.12
N VAL D 137 -5.87 0.20 -36.88
CA VAL D 137 -6.53 -1.08 -36.61
C VAL D 137 -5.93 -1.76 -35.37
N GLY D 138 -6.55 -2.84 -34.92
CA GLY D 138 -6.05 -3.59 -33.80
C GLY D 138 -5.00 -4.60 -34.22
N LEU D 139 -4.22 -5.08 -33.26
CA LEU D 139 -3.11 -5.98 -33.54
C LEU D 139 -3.54 -7.28 -34.22
N GLN D 140 -4.68 -7.81 -33.79
CA GLN D 140 -5.21 -9.05 -34.33
C GLN D 140 -5.43 -8.93 -35.84
N GLU D 141 -5.86 -7.75 -36.28
CA GLU D 141 -6.09 -7.51 -37.70
C GLU D 141 -4.78 -7.53 -38.50
N VAL D 142 -3.72 -7.01 -37.90
CA VAL D 142 -2.39 -6.97 -38.50
C VAL D 142 -1.73 -8.35 -38.59
N LEU D 143 -2.05 -9.20 -37.62
CA LEU D 143 -1.46 -10.52 -37.50
C LEU D 143 -2.54 -11.61 -37.60
N PRO D 144 -3.21 -11.72 -38.76
CA PRO D 144 -4.46 -12.50 -38.85
C PRO D 144 -4.35 -14.01 -38.59
N GLY D 145 -3.18 -14.60 -38.80
CA GLY D 145 -3.01 -16.03 -38.56
C GLY D 145 -2.55 -16.41 -37.15
N LYS D 146 -2.34 -15.42 -36.30
CA LYS D 146 -1.85 -15.67 -34.95
C LYS D 146 -2.92 -15.48 -33.89
N THR D 147 -2.81 -16.22 -32.79
CA THR D 147 -3.72 -16.03 -31.66
C THR D 147 -3.17 -14.90 -30.80
N ILE D 148 -3.86 -13.76 -30.81
CA ILE D 148 -3.45 -12.61 -30.02
C ILE D 148 -4.24 -12.53 -28.71
N ILE D 149 -3.55 -12.43 -27.59
CA ILE D 149 -4.19 -12.18 -26.31
C ILE D 149 -4.49 -10.69 -26.16
N ASN D 150 -5.77 -10.36 -26.05
CA ASN D 150 -6.19 -8.97 -25.90
C ASN D 150 -6.40 -8.62 -24.43
N ILE D 151 -5.78 -7.51 -24.01
CA ILE D 151 -5.86 -7.03 -22.66
C ILE D 151 -6.25 -5.56 -22.72
N PRO D 152 -7.55 -5.28 -22.92
CA PRO D 152 -8.00 -3.92 -23.24
C PRO D 152 -8.20 -3.05 -22.00
N GLY D 153 -8.60 -1.81 -22.24
CA GLY D 153 -8.59 -0.78 -21.21
C GLY D 153 -7.68 0.34 -21.65
N CYS D 154 -7.89 1.53 -21.10
CA CYS D 154 -7.17 2.71 -21.62
C CYS D 154 -6.58 3.51 -20.46
N PRO D 155 -5.54 2.98 -19.80
CA PRO D 155 -4.97 1.64 -19.99
C PRO D 155 -5.61 0.64 -18.99
N PRO D 156 -5.50 -0.66 -19.26
CA PRO D 156 -5.96 -1.59 -18.22
C PRO D 156 -5.17 -1.45 -16.91
N ASN D 157 -5.73 -1.98 -15.82
CA ASN D 157 -4.95 -2.19 -14.61
C ASN D 157 -3.77 -3.04 -15.05
N PRO D 158 -2.56 -2.65 -14.65
CA PRO D 158 -1.35 -3.34 -15.12
C PRO D 158 -1.35 -4.81 -14.77
N HIS D 159 -1.98 -5.19 -13.66
CA HIS D 159 -2.03 -6.59 -13.27
C HIS D 159 -2.88 -7.48 -14.20
N ASN D 160 -3.75 -6.88 -15.02
CA ASN D 160 -4.44 -7.67 -16.03
C ASN D 160 -3.40 -8.21 -17.01
N PHE D 161 -2.40 -7.40 -17.26
CA PHE D 161 -1.31 -7.78 -18.12
C PHE D 161 -0.34 -8.68 -17.33
N LEU D 162 0.11 -8.20 -16.19
CA LEU D 162 1.12 -8.93 -15.41
C LEU D 162 0.70 -10.36 -15.04
N ALA D 163 -0.55 -10.53 -14.61
CA ALA D 163 -1.00 -11.87 -14.18
C ALA D 163 -1.18 -12.78 -15.40
N THR D 164 -1.40 -12.17 -16.56
CA THR D 164 -1.46 -12.95 -17.80
C THR D 164 -0.07 -13.48 -18.16
N VAL D 165 0.93 -12.60 -18.11
CA VAL D 165 2.32 -13.00 -18.34
C VAL D 165 2.78 -14.03 -17.32
N ALA D 166 2.42 -13.81 -16.06
CA ALA D 166 2.76 -14.76 -15.01
C ALA D 166 2.12 -16.13 -15.24
N HIS D 167 0.91 -16.15 -15.81
CA HIS D 167 0.26 -17.44 -16.04
C HIS D 167 1.07 -18.22 -17.09
N ILE D 168 1.46 -17.55 -18.15
CA ILE D 168 2.30 -18.14 -19.18
C ILE D 168 3.59 -18.67 -18.60
N ILE D 169 4.28 -17.85 -17.81
CA ILE D 169 5.55 -18.25 -17.21
C ILE D 169 5.39 -19.39 -16.22
N THR D 170 4.41 -19.26 -15.36
CA THR D 170 4.29 -20.20 -14.25
C THR D 170 3.70 -21.52 -14.69
N TYR D 171 2.70 -21.47 -15.57
CA TYR D 171 1.97 -22.68 -15.94
C TYR D 171 2.17 -23.12 -17.39
N GLY D 172 2.94 -22.37 -18.16
CA GLY D 172 3.32 -22.78 -19.50
C GLY D 172 2.26 -22.64 -20.57
N LYS D 173 1.24 -21.83 -20.31
CA LYS D 173 0.17 -21.60 -21.27
C LYS D 173 -0.54 -20.31 -20.90
N PRO D 174 -1.25 -19.67 -21.86
CA PRO D 174 -2.01 -18.48 -21.51
C PRO D 174 -3.15 -18.79 -20.54
N PRO D 175 -3.67 -17.77 -19.85
CA PRO D 175 -4.88 -17.98 -19.05
C PRO D 175 -6.09 -18.26 -19.95
N LYS D 176 -7.21 -18.69 -19.35
CA LYS D 176 -8.45 -18.92 -20.09
C LYS D 176 -8.92 -17.62 -20.73
N LEU D 177 -9.39 -17.71 -21.97
CA LEU D 177 -9.80 -16.51 -22.72
C LEU D 177 -11.26 -16.58 -23.14
N ASP D 178 -11.93 -15.44 -23.22
CA ASP D 178 -13.29 -15.39 -23.78
C ASP D 178 -13.25 -15.41 -25.33
N ALA D 179 -14.40 -15.24 -25.97
CA ALA D 179 -14.47 -15.30 -27.44
C ALA D 179 -13.66 -14.20 -28.09
N LYS D 180 -13.44 -13.11 -27.37
CA LYS D 180 -12.65 -12.01 -27.91
C LYS D 180 -11.16 -12.10 -27.52
N ASN D 181 -10.74 -13.29 -27.08
CA ASN D 181 -9.38 -13.53 -26.61
C ASN D 181 -8.91 -12.63 -25.43
N ARG D 182 -9.83 -12.28 -24.55
CA ARG D 182 -9.50 -11.56 -23.32
C ARG D 182 -9.48 -12.54 -22.14
N PRO D 183 -8.45 -12.47 -21.28
CA PRO D 183 -8.40 -13.34 -20.09
C PRO D 183 -9.67 -13.19 -19.26
N THR D 184 -10.37 -14.30 -19.01
CA THR D 184 -11.63 -14.27 -18.26
C THR D 184 -11.52 -13.73 -16.82
N PHE D 185 -10.35 -13.91 -16.18
CA PHE D 185 -10.17 -13.45 -14.80
C PHE D 185 -10.33 -11.94 -14.67
N ALA D 186 -10.10 -11.23 -15.78
CA ALA D 186 -10.16 -9.78 -15.80
C ALA D 186 -11.36 -9.24 -16.60
N TYR D 187 -11.80 -9.97 -17.62
CA TYR D 187 -12.80 -9.45 -18.56
C TYR D 187 -14.03 -10.36 -18.78
N GLY D 188 -14.13 -11.41 -17.96
CA GLY D 188 -15.19 -12.40 -18.12
C GLY D 188 -16.59 -11.91 -17.78
N ARG D 189 -16.67 -10.73 -17.17
CA ARG D 189 -17.95 -10.22 -16.68
C ARG D 189 -18.11 -8.72 -16.96
N LEU D 190 -19.35 -8.32 -17.26
CA LEU D 190 -19.73 -6.93 -17.36
C LEU D 190 -19.47 -6.24 -16.03
N ILE D 191 -18.99 -5.00 -16.09
CA ILE D 191 -18.82 -4.19 -14.88
C ILE D 191 -20.14 -4.07 -14.08
N HIS D 192 -21.22 -3.84 -14.83
CA HIS D 192 -22.59 -3.74 -14.28
C HIS D 192 -23.08 -5.02 -13.58
N GLU D 193 -22.56 -6.17 -13.99
CA GLU D 193 -22.90 -7.44 -13.37
C GLU D 193 -22.01 -7.77 -12.18
N HIS D 194 -21.20 -6.80 -11.74
CA HIS D 194 -20.43 -6.93 -10.51
C HIS D 194 -20.09 -5.56 -9.92
N CYS D 195 -21.06 -4.65 -9.98
CA CYS D 195 -20.88 -3.27 -9.50
C CYS D 195 -21.56 -3.04 -8.16
N GLU D 196 -20.82 -2.46 -7.23
CA GLU D 196 -21.33 -2.19 -5.88
C GLU D 196 -22.47 -1.15 -5.84
N ARG D 197 -22.73 -0.47 -6.95
CA ARG D 197 -23.83 0.49 -6.97
C ARG D 197 -25.11 -0.09 -7.55
N ARG D 198 -25.04 -1.32 -8.02
CA ARG D 198 -26.24 -2.04 -8.49
C ARG D 198 -27.48 -1.94 -7.57
N PRO D 199 -27.32 -2.02 -6.24
CA PRO D 199 -28.54 -1.79 -5.44
C PRO D 199 -29.21 -0.43 -5.65
N HIS D 200 -28.44 0.62 -5.89
CA HIS D 200 -29.02 1.93 -6.15
C HIS D 200 -29.72 1.95 -7.51
N PHE D 201 -29.12 1.26 -8.47
CA PHE D 201 -29.71 1.08 -9.78
C PHE D 201 -31.06 0.38 -9.61
N ASP D 202 -31.04 -0.75 -8.90
CA ASP D 202 -32.24 -1.54 -8.66
C ASP D 202 -33.35 -0.72 -8.03
N ALA D 203 -32.98 0.19 -7.12
CA ALA D 203 -33.97 0.96 -6.38
C ALA D 203 -34.35 2.28 -7.06
N GLY D 204 -33.78 2.52 -8.24
CA GLY D 204 -33.95 3.78 -8.95
C GLY D 204 -33.32 4.98 -8.25
N ARG D 205 -32.32 4.72 -7.42
CA ARG D 205 -31.57 5.81 -6.77
C ARG D 205 -30.44 6.33 -7.69
N PHE D 206 -30.73 7.39 -8.43
CA PHE D 206 -29.83 7.86 -9.49
C PHE D 206 -29.25 9.24 -9.21
N ALA D 207 -27.95 9.41 -9.46
CA ALA D 207 -27.37 10.74 -9.57
C ALA D 207 -27.90 11.32 -10.86
N LYS D 208 -28.30 12.60 -10.82
CA LYS D 208 -28.78 13.27 -12.02
C LYS D 208 -27.76 14.27 -12.56
N GLU D 209 -27.08 14.96 -11.65
CA GLU D 209 -25.97 15.84 -12.00
C GLU D 209 -24.87 15.67 -10.97
N PHE D 210 -23.61 15.95 -11.35
CA PHE D 210 -22.51 15.95 -10.39
C PHE D 210 -22.83 16.97 -9.31
N GLY D 211 -22.51 16.63 -8.08
CA GLY D 211 -22.71 17.53 -6.95
C GLY D 211 -24.14 17.54 -6.41
N ASP D 212 -25.04 16.79 -7.01
CA ASP D 212 -26.42 16.81 -6.48
C ASP D 212 -26.52 15.90 -5.26
N GLU D 213 -27.72 15.77 -4.72
CA GLU D 213 -27.86 15.04 -3.47
C GLU D 213 -27.56 13.55 -3.66
N GLY D 214 -28.15 12.95 -4.69
CA GLY D 214 -27.93 11.55 -4.96
C GLY D 214 -26.47 11.25 -5.24
N HIS D 215 -25.86 12.12 -6.04
CA HIS D 215 -24.45 11.99 -6.35
C HIS D 215 -23.59 11.96 -5.09
N ARG D 216 -23.94 12.82 -4.13
CA ARG D 216 -23.16 12.96 -2.92
C ARG D 216 -23.52 11.88 -1.89
N GLU D 217 -24.33 10.91 -2.30
CA GLU D 217 -24.64 9.75 -1.45
C GLU D 217 -24.13 8.47 -2.09
N GLY D 218 -23.41 8.62 -3.21
CA GLY D 218 -22.80 7.50 -3.89
C GLY D 218 -23.79 6.66 -4.64
N TRP D 219 -24.84 7.29 -5.16
CA TRP D 219 -25.87 6.56 -5.87
C TRP D 219 -25.39 6.11 -7.25
N CYS D 220 -26.21 5.33 -7.94
CA CYS D 220 -25.86 4.81 -9.25
C CYS D 220 -25.68 5.96 -10.28
N LEU D 221 -24.77 5.77 -11.24
CA LEU D 221 -24.41 6.84 -12.18
C LEU D 221 -24.95 6.60 -13.59
N TYR D 222 -25.89 5.66 -13.71
CA TYR D 222 -26.42 5.25 -15.01
C TYR D 222 -26.88 6.47 -15.80
N HIS D 223 -27.58 7.37 -15.12
CA HIS D 223 -28.16 8.52 -15.80
C HIS D 223 -27.19 9.67 -15.97
N LEU D 224 -25.96 9.48 -15.49
CA LEU D 224 -24.88 10.39 -15.88
C LEU D 224 -24.23 9.83 -17.13
N GLY D 225 -24.67 8.65 -17.55
CA GLY D 225 -24.16 8.01 -18.76
C GLY D 225 -23.20 6.86 -18.53
N CYS D 226 -23.37 6.18 -17.41
CA CYS D 226 -22.49 5.05 -17.11
C CYS D 226 -22.58 3.94 -18.17
N LYS D 227 -21.42 3.53 -18.69
CA LYS D 227 -21.34 2.45 -19.67
C LYS D 227 -21.04 1.07 -19.04
N GLY D 228 -21.02 1.02 -17.73
CA GLY D 228 -20.89 -0.27 -17.05
C GLY D 228 -21.81 -1.39 -17.57
N PRO D 229 -23.08 -1.07 -17.91
CA PRO D 229 -23.96 -2.10 -18.47
C PRO D 229 -23.50 -2.77 -19.78
N GLU D 230 -22.54 -2.21 -20.50
CA GLU D 230 -22.16 -2.82 -21.77
C GLU D 230 -20.65 -3.00 -21.92
N THR D 231 -19.94 -2.85 -20.81
CA THR D 231 -18.47 -2.88 -20.82
C THR D 231 -17.99 -4.04 -19.95
N TYR D 232 -17.23 -4.97 -20.52
CA TYR D 232 -16.62 -6.06 -19.76
C TYR D 232 -15.30 -5.65 -19.14
N GLY D 233 -15.06 -6.10 -17.90
CA GLY D 233 -13.84 -5.72 -17.23
C GLY D 233 -13.92 -5.99 -15.75
N ASN D 234 -12.94 -5.50 -14.99
CA ASN D 234 -12.82 -5.82 -13.58
C ASN D 234 -12.62 -4.55 -12.78
N CYS D 235 -13.08 -3.44 -13.34
CA CYS D 235 -12.87 -2.15 -12.70
C CYS D 235 -13.51 -2.01 -11.33
N SER D 236 -14.66 -2.64 -11.11
CA SER D 236 -15.33 -2.52 -9.83
C SER D 236 -14.69 -3.39 -8.75
N THR D 237 -13.92 -4.39 -9.15
CA THR D 237 -13.39 -5.35 -8.16
C THR D 237 -11.87 -5.19 -7.96
N LEU D 238 -11.11 -5.47 -9.00
CA LEU D 238 -9.68 -5.17 -8.97
C LEU D 238 -9.41 -3.68 -8.84
N GLN D 239 -10.21 -2.85 -9.53
CA GLN D 239 -10.10 -1.41 -9.42
C GLN D 239 -8.68 -1.00 -9.83
N PHE D 240 -8.17 0.09 -9.26
CA PHE D 240 -6.89 0.66 -9.69
C PHE D 240 -5.95 1.07 -8.56
N CYS D 241 -4.66 0.92 -8.83
CA CYS D 241 -3.58 1.46 -8.01
C CYS D 241 -3.41 0.81 -6.64
N ASP D 242 -4.19 -0.24 -6.38
CA ASP D 242 -4.07 -1.06 -5.15
C ASP D 242 -4.09 -0.29 -3.84
N VAL D 243 -4.79 0.82 -3.80
CA VAL D 243 -4.88 1.56 -2.55
C VAL D 243 -6.22 1.26 -1.88
N GLY D 244 -7.16 0.72 -2.65
CA GLY D 244 -8.46 0.38 -2.12
C GLY D 244 -9.49 1.45 -2.40
N GLY D 245 -10.54 1.05 -3.10
CA GLY D 245 -11.70 1.90 -3.29
C GLY D 245 -11.63 2.82 -4.49
N VAL D 246 -10.62 2.70 -5.33
CA VAL D 246 -10.53 3.61 -6.48
C VAL D 246 -10.74 3.03 -7.86
N TRP D 247 -11.86 3.45 -8.44
CA TRP D 247 -12.13 3.28 -9.85
C TRP D 247 -13.05 4.45 -10.22
N PRO D 248 -13.25 4.70 -11.51
CA PRO D 248 -13.97 5.92 -11.88
C PRO D 248 -15.33 6.06 -11.18
N VAL D 249 -16.14 5.01 -11.21
CA VAL D 249 -17.45 5.08 -10.56
C VAL D 249 -17.39 5.39 -9.06
N ALA D 250 -16.46 4.74 -8.33
CA ALA D 250 -16.30 5.05 -6.90
C ALA D 250 -15.86 6.49 -6.64
N ILE D 251 -15.09 7.09 -7.54
CA ILE D 251 -14.72 8.47 -7.24
C ILE D 251 -15.81 9.47 -7.70
N GLY D 252 -16.80 8.97 -8.44
CA GLY D 252 -18.00 9.75 -8.76
C GLY D 252 -18.31 10.02 -10.23
N HIS D 253 -17.58 9.37 -11.14
CA HIS D 253 -17.76 9.57 -12.56
C HIS D 253 -18.16 8.26 -13.20
N PRO D 254 -19.12 8.32 -14.14
CA PRO D 254 -19.59 7.16 -14.88
C PRO D 254 -18.46 6.44 -15.63
N CYS D 255 -18.58 5.12 -15.74
CA CYS D 255 -17.76 4.36 -16.69
C CYS D 255 -18.02 4.92 -18.09
N TYR D 256 -16.95 5.07 -18.86
CA TYR D 256 -17.01 5.66 -20.20
C TYR D 256 -16.96 4.52 -21.22
N GLY D 257 -16.80 3.29 -20.72
CA GLY D 257 -16.63 2.11 -21.55
C GLY D 257 -15.30 2.01 -22.31
N CYS D 258 -14.21 2.51 -21.75
CA CYS D 258 -12.94 2.50 -22.50
C CYS D 258 -12.42 1.11 -22.88
N ASN D 259 -12.81 0.08 -22.12
CA ASN D 259 -12.40 -1.29 -22.42
C ASN D 259 -12.95 -1.83 -23.74
N GLU D 260 -14.09 -1.29 -24.15
CA GLU D 260 -15.01 -2.04 -25.01
C GLU D 260 -15.21 -1.36 -26.36
N GLU D 261 -14.93 -2.09 -27.43
CA GLU D 261 -15.10 -1.58 -28.80
C GLU D 261 -16.52 -1.07 -29.07
N GLY D 262 -16.64 0.10 -29.68
CA GLY D 262 -17.94 0.64 -30.03
C GLY D 262 -18.61 1.43 -28.92
N ILE D 263 -18.00 1.40 -27.73
CA ILE D 263 -18.53 2.14 -26.58
C ILE D 263 -17.62 3.32 -26.27
N GLY D 264 -16.49 3.02 -25.60
CA GLY D 264 -15.45 4.00 -25.37
C GLY D 264 -15.09 4.69 -26.68
N PHE D 265 -14.91 6.01 -26.60
CA PHE D 265 -14.55 6.91 -27.71
C PHE D 265 -15.52 6.93 -28.89
N HIS D 266 -16.64 6.23 -28.75
CA HIS D 266 -17.72 6.29 -29.72
C HIS D 266 -18.90 7.03 -29.11
N LYS D 267 -19.35 6.55 -27.95
CA LYS D 267 -20.53 7.12 -27.32
C LYS D 267 -20.16 8.33 -26.48
N GLY D 268 -21.05 9.33 -26.44
CA GLY D 268 -20.83 10.50 -25.60
C GLY D 268 -20.74 10.12 -24.13
N ILE D 269 -19.99 10.90 -23.34
CA ILE D 269 -19.87 10.64 -21.92
C ILE D 269 -21.24 10.51 -21.29
N HIS D 270 -22.13 11.44 -21.64
CA HIS D 270 -23.45 11.51 -21.02
C HIS D 270 -24.54 10.83 -21.84
N GLN D 271 -24.15 10.17 -22.92
CA GLN D 271 -25.06 9.33 -23.68
C GLN D 271 -25.36 8.09 -22.83
N LEU D 272 -26.64 7.72 -22.72
CA LEU D 272 -27.05 6.57 -21.90
C LEU D 272 -26.72 5.25 -22.58
N ALA D 273 -26.53 4.20 -21.78
CA ALA D 273 -26.10 2.91 -22.30
C ALA D 273 -27.13 2.27 -23.26
N HIS D 274 -28.39 2.61 -23.07
CA HIS D 274 -29.44 2.07 -23.94
C HIS D 274 -29.67 2.97 -25.17
N VAL D 275 -28.84 3.98 -25.36
CA VAL D 275 -28.93 4.89 -26.51
C VAL D 275 -27.77 4.70 -27.50
N GLU D 276 -28.09 4.44 -28.78
CA GLU D 276 -27.07 4.34 -29.83
C GLU D 276 -26.80 5.65 -30.58
MG MG E . -10.85 -23.18 29.28
FE NFU F . -3.34 -16.71 22.48
NI NFU F . -4.13 -14.17 22.71
C1 NFU F . -2.46 -17.27 24.14
N1 NFU F . -2.11 -17.47 25.08
C2 NFU F . -1.73 -16.97 21.54
N2 NFU F . -0.77 -17.11 20.90
C3 NFU F . -3.78 -18.41 21.97
O3 NFU F . -4.06 -19.43 21.69
C1 GOL G . 22.67 -8.88 37.48
O1 GOL G . 22.63 -10.15 38.10
C2 GOL G . 21.27 -8.55 36.94
O2 GOL G . 21.34 -8.42 35.55
C3 GOL G . 20.75 -7.26 37.55
O3 GOL G . 19.37 -7.11 37.27
C1 GOL H . 4.33 -18.23 -9.18
O1 GOL H . 5.26 -18.56 -8.16
C2 GOL H . 3.56 -16.96 -8.84
O2 GOL H . 4.27 -16.18 -7.88
C3 GOL H . 3.23 -16.16 -10.10
O3 GOL H . 4.04 -14.99 -10.26
FE1 SF4 I . -25.26 -11.16 -1.80
FE2 SF4 I . -23.65 -8.96 -1.32
FE3 SF4 I . -26.25 -9.02 -0.48
FE4 SF4 I . -24.32 -10.52 0.83
S1 SF4 I . -24.45 -8.35 0.60
S2 SF4 I . -26.32 -11.10 0.15
S3 SF4 I . -23.20 -11.07 -0.94
S4 SF4 I . -25.48 -9.10 -2.55
FE1 F3S J . -18.40 -7.84 10.11
FE3 F3S J . -18.15 -6.41 7.87
FE4 F3S J . -19.95 -8.54 7.96
S1 F3S J . -16.57 -6.91 9.32
S2 F3S J . -19.22 -9.82 9.59
S3 F3S J . -19.98 -6.69 9.08
S4 F3S J . -18.62 -7.89 6.38
FE1 SF4 K . -12.56 -8.06 20.35
FE2 SF4 K . -15.14 -7.06 21.22
FE3 SF4 K . -14.66 -7.75 18.53
FE4 SF4 K . -13.30 -5.37 19.64
S1 SF4 K . -15.43 -5.85 19.40
S2 SF4 K . -12.58 -7.02 18.39
S3 SF4 K . -13.14 -6.39 21.62
S4 SF4 K . -14.54 -8.98 20.35
MG MG L . -1.88 20.79 -32.72
FE NFU M . 2.84 16.62 -22.59
NI NFU M . 3.17 13.97 -22.94
C1 NFU M . 4.17 17.66 -23.66
N1 NFU M . 4.83 18.13 -24.28
C2 NFU M . 3.61 17.35 -21.13
N2 NFU M . 4.08 17.79 -20.06
C3 NFU M . 1.70 18.09 -22.51
O3 NFU M . 0.98 18.92 -22.45
C1 GOL N . 31.97 16.71 -23.96
O1 GOL N . 31.53 15.37 -23.99
C2 GOL N . 32.69 16.99 -22.65
O2 GOL N . 33.89 17.69 -22.91
C3 GOL N . 31.81 17.86 -21.77
O3 GOL N . 32.44 18.04 -20.53
FE1 SF4 O . -25.02 1.99 -11.95
FE2 SF4 O . -22.67 0.57 -11.39
FE3 SF4 O . -24.44 -0.23 -13.42
FE4 SF4 O . -22.74 2.00 -13.71
S1 SF4 O . -22.23 -0.10 -13.43
S2 SF4 O . -24.91 1.76 -14.14
S3 SF4 O . -22.96 2.71 -11.70
S4 SF4 O . -24.79 -0.05 -11.23
FE1 F3S P . -12.48 2.27 -18.54
FE3 F3S P . -13.00 0.82 -16.32
FE4 F3S P . -15.00 2.18 -17.49
S1 F3S P . -11.13 1.82 -16.88
S2 F3S P . -14.11 3.75 -18.80
S3 F3S P . -13.83 0.56 -18.32
S4 F3S P . -14.63 1.83 -15.36
FE1 SF4 Q . -2.76 5.29 -24.50
FE2 SF4 Q . -4.15 3.54 -26.40
FE3 SF4 Q . -5.27 4.15 -23.95
FE4 SF4 Q . -2.84 2.43 -24.02
S1 SF4 Q . -4.86 2.19 -24.84
S2 SF4 Q . -3.44 4.08 -22.77
S3 SF4 Q . -2.09 3.62 -25.72
S4 SF4 Q . -4.67 5.50 -25.58
C1 GOL R . -25.47 14.86 -16.47
O1 GOL R . -25.92 14.29 -17.67
C2 GOL R . -24.29 15.78 -16.79
O2 GOL R . -24.72 17.09 -17.06
C3 GOL R . -23.25 15.73 -15.67
O3 GOL R . -23.77 16.17 -14.43
#